data_6NZZ
#
_entry.id   6NZZ
#
_cell.length_a   1.0
_cell.length_b   1.0
_cell.length_c   1.0
_cell.angle_alpha   90.00
_cell.angle_beta   90.00
_cell.angle_gamma   90.00
#
_symmetry.space_group_name_H-M   'P 1'
#
loop_
_entity.id
_entity.type
_entity.pdbx_description
1 polymer 'Volume-regulated anion channel subunit LRRC8A'
2 non-polymer '(2S)-3-(hexadecanoyloxy)-2-[(9Z)-octadec-9-enoyloxy]propyl 2-(trimethylammonio)ethyl phosphate'
3 non-polymer '4-{[(2S)-2-butyl-6,7-dichloro-2-cyclopentyl-1-oxo-2,3-dihydro-1H-inden-5-yl]oxy}butanoic acid'
#
_entity_poly.entity_id   1
_entity_poly.type   'polypeptide(L)'
_entity_poly.pdbx_seq_one_letter_code
;MIPVTELRYFADTQPAYRILKPWWDVFTDYISIVMLMIAVFGGTLQVTQDKMICLPCKWVTKDSCNDSFRGWAASSPEPT
YPNSTVLPTPDTGPTGIKYDLDRHQYNYVDAVCYENRLHWFAKYFPYLVLLHTLIFLACSNFWFKFPRTSSKLEHFVSIL
LKCFDSPWTTRALSETVVEESDPKPAFSKMNGSMDKKSSTVSEDVEATVPMLQRTKSRIEQGIVDRSETGVLDKKEGEQA
KALFEKVKKFRTHVEEGDIVYRLYMRQTIIKVIKFALIICYTVYYVHNIKFDVDCTVDIESLTGYRTYRCAHPLATLFKI
LASFYISLVIFYGLICMYTLWWMLRRSLKKYSFESIREESSYSDIPDVKNDFAFMLHLIDQYDPLYSKRFAVFLSEVSEN
KLRQLNLNNEWTLDKLRQRLTKNAQDKLELHLFMLSGIPDTVFDLVELEVLKLELIPDVTIPPSIAQLTGLKELWLYHTA
AKIEAPALAFLRENLRALHIKFTDIKEIPLWIYSLKTLEELHLTGNLSAENNRYIVIDGLRELKRLKVLRLKSNLSKLPQ
VVTDVGVHLQKLSINNEGTKLIVLNSLKKMVNLTELELIRCDLERIPHSIFSLHNLQEIDLKDNNLKTIEEIISFQHLHR
LTCLKLWYNHIAYIPIQIGNLTNLERLYLNRNKIEKIPTQLFYCRKLRYLDLSHNNLTFLPADIGLLQNLQNLAVTANRI
EALPPELFQCRKLRALHLGNNVLQSLPSRVGELTNLTQIELRGNRLECLPVELGECPLLKRSGLVVEEDLFSTLPPEVKE
RLWRADKEQASNSLEVLFQG
;
_entity_poly.pdbx_strand_id   A,B,C,D,E,F
#
# COMPACT_ATOMS: atom_id res chain seq x y z
N PRO A 15 -17.40 -8.60 11.84
CA PRO A 15 -18.44 -9.43 11.23
C PRO A 15 -19.83 -8.76 11.31
N ALA A 16 -20.90 -9.55 11.32
CA ALA A 16 -22.26 -9.01 11.40
C ALA A 16 -22.54 -8.52 12.82
N TYR A 17 -21.99 -7.33 13.11
CA TYR A 17 -22.23 -6.63 14.36
C TYR A 17 -22.68 -5.19 14.13
N ARG A 18 -22.96 -4.80 12.88
CA ARG A 18 -23.36 -3.43 12.59
C ARG A 18 -24.66 -3.07 13.28
N ILE A 19 -25.66 -3.96 13.22
CA ILE A 19 -26.92 -3.74 13.91
C ILE A 19 -26.71 -3.63 15.42
N LEU A 20 -25.68 -4.29 15.95
CA LEU A 20 -25.47 -4.34 17.39
C LEU A 20 -24.97 -3.01 17.97
N LYS A 21 -24.70 -2.01 17.13
CA LYS A 21 -24.14 -0.74 17.57
C LYS A 21 -25.19 0.36 17.42
N PRO A 22 -25.69 0.96 18.50
CA PRO A 22 -26.72 2.00 18.36
C PRO A 22 -26.21 3.22 17.60
N TRP A 23 -27.14 4.17 17.41
CA TRP A 23 -26.84 5.35 16.62
C TRP A 23 -25.73 6.19 17.24
N TRP A 24 -25.70 6.27 18.57
CA TRP A 24 -24.74 7.14 19.23
C TRP A 24 -23.33 6.58 19.16
N ASP A 25 -23.19 5.25 19.16
CA ASP A 25 -21.87 4.64 19.03
C ASP A 25 -21.44 4.53 17.57
N VAL A 26 -22.20 5.13 16.64
CA VAL A 26 -21.75 5.23 15.25
C VAL A 26 -21.04 6.56 15.02
N PHE A 27 -21.64 7.65 15.53
CA PHE A 27 -20.95 8.93 15.56
C PHE A 27 -19.58 8.83 16.20
N THR A 28 -19.49 8.04 17.27
CA THR A 28 -18.28 8.02 18.09
C THR A 28 -17.12 7.35 17.37
N ASP A 29 -17.39 6.38 16.51
CA ASP A 29 -16.30 5.67 15.85
C ASP A 29 -15.58 6.56 14.86
N TYR A 30 -16.29 7.52 14.26
CA TYR A 30 -15.65 8.48 13.36
C TYR A 30 -14.90 9.53 14.17
N ILE A 31 -15.49 10.02 15.26
CA ILE A 31 -14.83 11.03 16.09
C ILE A 31 -13.53 10.47 16.66
N SER A 32 -13.50 9.18 16.98
CA SER A 32 -12.30 8.60 17.56
C SER A 32 -11.25 8.30 16.50
N ILE A 33 -11.53 8.61 15.23
CA ILE A 33 -10.51 8.57 14.20
C ILE A 33 -9.89 9.95 14.00
N VAL A 34 -10.73 10.96 13.75
CA VAL A 34 -10.22 12.31 13.55
C VAL A 34 -9.50 12.82 14.78
N MET A 35 -9.85 12.32 15.97
CA MET A 35 -9.03 12.58 17.15
C MET A 35 -7.63 12.02 16.96
N LEU A 36 -7.51 10.90 16.25
CA LEU A 36 -6.21 10.28 16.03
C LEU A 36 -5.48 10.95 14.87
N MET A 37 -6.21 11.45 13.87
CA MET A 37 -5.57 12.06 12.72
C MET A 37 -4.81 13.32 13.12
N ILE A 38 -5.31 14.06 14.12
CA ILE A 38 -4.60 15.23 14.63
C ILE A 38 -3.61 14.88 15.72
N ALA A 39 -3.34 13.59 15.94
CA ALA A 39 -2.29 13.14 16.84
C ALA A 39 -1.07 12.62 16.09
N VAL A 40 -1.29 12.05 14.91
CA VAL A 40 -0.19 11.67 14.04
C VAL A 40 0.29 12.84 13.19
N PHE A 41 -0.63 13.74 12.82
CA PHE A 41 -0.21 14.93 12.08
C PHE A 41 0.51 15.91 12.99
N GLY A 42 0.03 16.07 14.21
CA GLY A 42 0.75 16.88 15.18
C GLY A 42 2.02 16.22 15.67
N GLY A 43 2.13 14.90 15.48
CA GLY A 43 3.30 14.18 15.98
C GLY A 43 4.45 14.18 14.99
N THR A 44 4.14 13.88 13.72
CA THR A 44 5.15 13.97 12.67
C THR A 44 5.69 15.38 12.54
N LEU A 45 4.84 16.37 12.83
CA LEU A 45 5.23 17.77 12.78
C LEU A 45 5.97 18.23 14.02
N GLN A 46 6.10 17.38 15.04
CA GLN A 46 6.74 17.74 16.30
C GLN A 46 8.11 17.08 16.45
N VAL A 47 8.36 15.99 15.73
CA VAL A 47 9.67 15.33 15.76
C VAL A 47 10.52 15.82 14.59
N THR A 48 9.91 16.02 13.42
CA THR A 48 10.60 16.59 12.28
C THR A 48 11.11 17.99 12.60
N GLN A 49 10.36 18.73 13.41
CA GLN A 49 10.59 20.14 13.68
C GLN A 49 10.11 20.36 15.10
N ASP A 50 9.67 21.59 15.45
CA ASP A 50 9.45 22.02 16.83
C ASP A 50 10.78 22.30 17.53
N LYS A 51 11.72 22.84 16.76
CA LYS A 51 12.90 23.46 17.32
C LYS A 51 12.49 24.73 18.07
N MET A 52 13.42 25.23 18.87
CA MET A 52 13.30 26.54 19.50
C MET A 52 14.44 27.43 19.03
N ILE A 53 14.11 28.70 18.82
CA ILE A 53 15.09 29.75 18.57
C ILE A 53 15.30 30.46 19.90
N CYS A 54 16.53 30.90 20.15
CA CYS A 54 16.89 31.53 21.41
C CYS A 54 18.00 32.53 21.20
N LEU A 55 17.76 33.76 21.67
CA LEU A 55 18.73 34.84 21.65
C LEU A 55 19.03 35.28 23.07
N PRO A 56 20.24 35.68 23.40
CA PRO A 56 20.49 36.25 24.73
C PRO A 56 20.01 37.67 24.83
N CYS A 57 19.82 38.12 26.06
CA CYS A 57 19.42 39.48 26.37
C CYS A 57 20.56 40.17 27.11
N LYS A 58 21.26 41.07 26.42
CA LYS A 58 22.39 41.77 27.01
C LYS A 58 21.97 42.59 28.23
N TRP A 59 20.85 43.30 28.14
CA TRP A 59 20.32 44.09 29.24
C TRP A 59 19.12 43.34 29.82
N VAL A 60 19.11 43.19 31.14
CA VAL A 60 18.12 42.39 31.84
C VAL A 60 17.87 43.01 33.21
N THR A 61 16.63 42.89 33.68
CA THR A 61 16.23 43.35 35.01
C THR A 61 15.34 42.29 35.64
N LYS A 62 15.91 41.53 36.58
CA LYS A 62 15.18 40.50 37.31
C LYS A 62 14.64 39.43 36.34
N ASP A 63 15.57 38.81 35.62
CA ASP A 63 15.27 37.70 34.71
C ASP A 63 14.20 38.09 33.69
N SER A 64 14.29 39.32 33.19
CA SER A 64 13.34 39.84 32.23
C SER A 64 14.05 40.80 31.28
N CYS A 65 13.91 40.55 29.99
CA CYS A 65 14.54 41.38 28.95
C CYS A 65 13.83 42.71 28.92
N ASN A 66 14.35 43.69 29.66
CA ASN A 66 13.63 44.94 29.89
C ASN A 66 13.40 45.72 28.62
N ASP A 67 14.47 46.29 28.04
CA ASP A 67 14.39 47.04 26.80
C ASP A 67 15.79 47.57 26.48
N SER A 68 15.95 48.08 25.26
CA SER A 68 17.15 48.80 24.85
C SER A 68 16.98 49.34 23.44
N THR A 92 24.44 57.11 12.35
CA THR A 92 23.07 57.60 12.45
C THR A 92 22.08 56.45 12.36
N GLY A 93 22.04 55.79 11.20
CA GLY A 93 21.16 54.66 11.01
C GLY A 93 21.53 53.52 11.95
N PRO A 94 20.55 52.70 12.35
CA PRO A 94 20.83 51.67 13.33
C PRO A 94 21.67 50.55 12.74
N THR A 95 22.22 49.72 13.63
CA THR A 95 23.07 48.61 13.25
C THR A 95 22.77 47.43 14.14
N GLY A 96 23.19 46.25 13.67
CA GLY A 96 22.92 45.03 14.41
C GLY A 96 23.68 44.97 15.71
N ILE A 97 23.23 44.07 16.58
CA ILE A 97 23.88 43.77 17.83
C ILE A 97 24.69 42.50 17.64
N LYS A 98 25.93 42.51 18.14
CA LYS A 98 26.86 41.40 18.01
C LYS A 98 27.05 40.74 19.37
N TYR A 99 26.58 39.52 19.50
CA TYR A 99 26.76 38.72 20.71
C TYR A 99 28.04 37.90 20.70
N ASP A 100 28.72 37.81 19.55
CA ASP A 100 29.96 37.05 19.43
C ASP A 100 29.75 35.58 19.79
N LEU A 101 28.73 34.98 19.18
CA LEU A 101 28.40 33.58 19.38
C LEU A 101 28.40 32.87 18.04
N ASP A 102 28.91 31.64 18.03
CA ASP A 102 28.87 30.80 16.84
C ASP A 102 27.52 30.11 16.75
N ARG A 103 27.43 29.15 15.83
CA ARG A 103 26.17 28.47 15.59
C ARG A 103 25.93 27.36 16.62
N HIS A 104 27.01 26.75 17.11
CA HIS A 104 26.85 25.63 18.02
C HIS A 104 26.47 26.09 19.42
N GLN A 105 26.81 27.33 19.77
CA GLN A 105 26.37 27.86 21.07
C GLN A 105 24.90 28.22 21.02
N TYR A 106 24.43 28.68 19.85
CA TYR A 106 23.01 28.90 19.66
C TYR A 106 22.25 27.57 19.62
N ASN A 107 22.88 26.54 19.08
CA ASN A 107 22.21 25.25 18.97
C ASN A 107 22.27 24.48 20.28
N TYR A 108 23.23 24.81 21.15
CA TYR A 108 23.28 24.19 22.46
C TYR A 108 22.24 24.77 23.39
N VAL A 109 22.06 26.10 23.35
CA VAL A 109 21.15 26.76 24.27
C VAL A 109 19.71 26.49 23.88
N ASP A 110 19.46 26.20 22.59
CA ASP A 110 18.11 25.80 22.19
C ASP A 110 17.69 24.51 22.85
N ALA A 111 18.58 23.52 22.88
CA ALA A 111 18.25 22.24 23.49
C ALA A 111 17.98 22.38 24.97
N VAL A 112 18.83 23.16 25.66
CA VAL A 112 18.64 23.41 27.08
C VAL A 112 17.30 24.10 27.33
N CYS A 113 17.04 25.19 26.63
CA CYS A 113 15.81 25.95 26.86
C CYS A 113 14.60 25.28 26.23
N TYR A 114 14.81 24.17 25.51
CA TYR A 114 13.69 23.36 25.04
C TYR A 114 13.44 22.16 25.94
N GLU A 115 14.47 21.74 26.67
CA GLU A 115 14.33 20.60 27.57
C GLU A 115 13.84 21.04 28.95
N ASN A 116 14.39 22.14 29.46
CA ASN A 116 14.16 22.57 30.83
C ASN A 116 13.02 23.57 30.96
N ARG A 117 13.15 24.73 30.31
CA ARG A 117 12.14 25.78 30.42
C ARG A 117 11.10 25.71 29.31
N LEU A 118 10.49 24.55 29.11
CA LEU A 118 9.32 24.41 28.26
C LEU A 118 8.44 23.31 28.82
N HIS A 119 7.14 23.58 28.91
CA HIS A 119 6.26 22.65 29.59
C HIS A 119 6.13 21.36 28.80
N TRP A 120 6.07 20.24 29.54
CA TRP A 120 5.99 18.92 28.91
C TRP A 120 4.73 18.78 28.07
N PHE A 121 3.70 19.56 28.36
CA PHE A 121 2.45 19.44 27.61
C PHE A 121 2.60 19.94 26.18
N ALA A 122 3.45 20.94 25.98
CA ALA A 122 3.64 21.49 24.64
C ALA A 122 4.42 20.52 23.76
N LYS A 123 5.32 19.75 24.37
CA LYS A 123 6.19 18.87 23.59
C LYS A 123 5.55 17.52 23.33
N TYR A 124 4.65 17.08 24.22
CA TYR A 124 4.12 15.74 24.22
C TYR A 124 2.61 15.68 23.92
N PHE A 125 1.98 16.82 23.65
CA PHE A 125 0.57 16.87 23.26
C PHE A 125 0.23 15.89 22.15
N PRO A 126 0.99 15.77 21.06
CA PRO A 126 0.59 14.81 20.01
C PRO A 126 0.71 13.37 20.43
N TYR A 127 1.68 13.05 21.28
CA TYR A 127 1.82 11.67 21.75
C TYR A 127 0.77 11.36 22.81
N LEU A 128 0.19 12.39 23.45
CA LEU A 128 -0.70 12.17 24.57
C LEU A 128 -2.13 11.94 24.10
N VAL A 129 -2.58 12.69 23.10
CA VAL A 129 -3.92 12.48 22.56
C VAL A 129 -3.99 11.14 21.84
N LEU A 130 -2.87 10.67 21.31
CA LEU A 130 -2.82 9.34 20.71
C LEU A 130 -3.04 8.26 21.77
N LEU A 131 -2.31 8.36 22.88
CA LEU A 131 -2.46 7.40 23.97
C LEU A 131 -3.90 7.37 24.48
N HIS A 132 -4.55 8.53 24.55
CA HIS A 132 -5.90 8.59 25.11
C HIS A 132 -6.93 8.10 24.10
N THR A 133 -6.80 8.51 22.84
CA THR A 133 -7.80 8.11 21.85
C THR A 133 -7.72 6.62 21.57
N LEU A 134 -6.54 6.02 21.77
CA LEU A 134 -6.41 4.57 21.63
C LEU A 134 -7.15 3.86 22.75
N ILE A 135 -7.22 4.48 23.93
CA ILE A 135 -7.98 3.92 25.04
C ILE A 135 -9.47 4.07 24.78
N PHE A 136 -9.91 5.30 24.52
CA PHE A 136 -11.28 5.60 24.11
C PHE A 136 -11.75 4.69 22.98
N LEU A 137 -10.84 4.34 22.06
CA LEU A 137 -11.17 3.46 20.94
C LEU A 137 -11.15 1.99 21.37
N ALA A 138 -10.05 1.55 21.99
CA ALA A 138 -9.90 0.12 22.26
C ALA A 138 -10.87 -0.36 23.32
N CYS A 139 -11.28 0.52 24.25
CA CYS A 139 -12.26 0.12 25.25
C CYS A 139 -13.58 -0.27 24.60
N SER A 140 -13.95 0.41 23.51
CA SER A 140 -15.19 0.09 22.81
C SER A 140 -15.17 -1.35 22.29
N ASN A 141 -14.03 -1.77 21.74
CA ASN A 141 -13.92 -3.07 21.08
C ASN A 141 -13.41 -4.17 22.00
N PHE A 142 -12.98 -3.85 23.22
CA PHE A 142 -12.55 -4.89 24.15
C PHE A 142 -13.72 -5.80 24.53
N TRP A 143 -14.94 -5.26 24.52
CA TRP A 143 -16.13 -6.05 24.78
C TRP A 143 -16.40 -7.08 23.69
N PHE A 144 -15.75 -6.96 22.53
CA PHE A 144 -15.88 -7.93 21.45
C PHE A 144 -14.77 -8.97 21.41
N LYS A 145 -13.72 -8.82 22.23
CA LYS A 145 -12.55 -9.69 22.18
C LYS A 145 -12.46 -10.65 23.34
N PHE A 146 -12.99 -10.28 24.50
CA PHE A 146 -12.89 -11.14 25.67
C PHE A 146 -13.77 -12.37 25.46
N PRO A 147 -13.22 -13.58 25.43
CA PRO A 147 -14.00 -14.73 24.93
C PRO A 147 -15.20 -15.09 25.79
N ARG A 148 -15.20 -14.72 27.07
CA ARG A 148 -16.36 -14.99 27.92
C ARG A 148 -17.60 -14.25 27.42
N THR A 149 -17.40 -13.13 26.73
CA THR A 149 -18.50 -12.30 26.24
C THR A 149 -18.63 -12.27 24.74
N SER A 150 -17.54 -12.43 23.99
CA SER A 150 -17.64 -12.49 22.54
C SER A 150 -18.47 -13.70 22.11
N SER A 151 -18.36 -14.81 22.83
CA SER A 151 -19.12 -16.01 22.51
C SER A 151 -20.62 -15.75 22.60
N LYS A 152 -21.06 -15.07 23.65
CA LYS A 152 -22.48 -14.81 23.83
C LYS A 152 -23.02 -13.92 22.71
N LEU A 153 -22.28 -12.87 22.36
CA LEU A 153 -22.66 -12.04 21.23
C LEU A 153 -22.60 -12.83 19.93
N GLU A 154 -21.73 -13.84 19.84
CA GLU A 154 -21.43 -14.47 18.56
C GLU A 154 -22.63 -15.24 18.04
N HIS A 155 -23.38 -15.90 18.92
CA HIS A 155 -24.55 -16.67 18.50
C HIS A 155 -25.88 -15.96 18.74
N PHE A 156 -25.93 -14.93 19.60
CA PHE A 156 -27.17 -14.18 19.75
C PHE A 156 -27.54 -13.48 18.45
N VAL A 157 -26.61 -12.75 17.86
CA VAL A 157 -26.90 -12.08 16.59
C VAL A 157 -27.17 -13.10 15.50
N SER A 158 -26.63 -14.30 15.64
CA SER A 158 -26.86 -15.35 14.64
C SER A 158 -28.33 -15.75 14.58
N ILE A 159 -28.95 -16.01 15.74
CA ILE A 159 -30.33 -16.49 15.73
C ILE A 159 -31.30 -15.37 15.36
N LEU A 160 -30.94 -14.11 15.64
CA LEU A 160 -31.79 -13.00 15.22
C LEU A 160 -31.68 -12.76 13.72
N LEU A 161 -30.48 -12.95 13.15
CA LEU A 161 -30.28 -12.68 11.74
C LEU A 161 -31.06 -13.67 10.88
N LYS A 162 -31.21 -14.91 11.37
CA LYS A 162 -32.00 -15.90 10.66
C LYS A 162 -33.49 -15.67 10.87
N CYS A 163 -33.89 -15.39 12.12
CA CYS A 163 -35.31 -15.19 12.43
C CYS A 163 -35.88 -14.00 11.69
N PHE A 164 -35.07 -13.00 11.39
CA PHE A 164 -35.51 -11.89 10.55
C PHE A 164 -36.01 -12.40 9.20
N ASP A 165 -35.28 -13.36 8.61
CA ASP A 165 -35.68 -13.99 7.36
C ASP A 165 -36.38 -15.31 7.69
N SER A 166 -37.69 -15.22 7.89
CA SER A 166 -38.51 -16.35 8.31
C SER A 166 -39.87 -16.24 7.64
N PRO A 167 -40.27 -17.17 6.75
CA PRO A 167 -41.62 -17.10 6.18
C PRO A 167 -42.75 -17.15 7.20
N TRP A 168 -42.57 -17.86 8.32
CA TRP A 168 -43.67 -17.97 9.28
C TRP A 168 -43.96 -16.64 9.96
N THR A 169 -42.94 -15.78 10.10
CA THR A 169 -43.17 -14.47 10.72
C THR A 169 -44.13 -13.63 9.89
N THR A 170 -44.18 -13.86 8.58
CA THR A 170 -45.14 -13.15 7.73
C THR A 170 -46.57 -13.43 8.17
N ARG A 171 -46.91 -14.71 8.34
CA ARG A 171 -48.28 -15.05 8.74
C ARG A 171 -48.57 -14.61 10.17
N ALA A 172 -47.62 -14.83 11.08
CA ALA A 172 -47.85 -14.48 12.47
C ALA A 172 -47.95 -12.97 12.64
N LEU A 173 -47.13 -12.20 11.92
CA LEU A 173 -47.23 -10.74 11.97
C LEU A 173 -48.57 -10.27 11.42
N SER A 174 -49.16 -11.01 10.48
CA SER A 174 -50.46 -10.66 9.90
C SER A 174 -51.58 -11.41 10.61
N GLU A 236 -42.60 -28.79 5.69
CA GLU A 236 -41.42 -29.27 6.42
C GLU A 236 -41.15 -28.39 7.64
N GLY A 237 -42.22 -28.03 8.35
CA GLY A 237 -42.10 -27.19 9.53
C GLY A 237 -41.29 -27.77 10.67
N GLU A 238 -40.98 -29.07 10.62
CA GLU A 238 -40.17 -29.68 11.68
C GLU A 238 -38.78 -29.06 11.73
N GLN A 239 -38.25 -28.62 10.59
CA GLN A 239 -37.01 -27.86 10.60
C GLN A 239 -37.18 -26.56 11.37
N ALA A 240 -38.32 -25.90 11.21
CA ALA A 240 -38.59 -24.68 11.96
C ALA A 240 -38.87 -24.99 13.43
N LYS A 241 -39.26 -26.23 13.74
CA LYS A 241 -39.44 -26.61 15.14
C LYS A 241 -38.10 -26.63 15.87
N ALA A 242 -37.05 -27.11 15.21
CA ALA A 242 -35.71 -27.10 15.82
C ALA A 242 -35.28 -25.69 16.16
N LEU A 243 -35.67 -24.70 15.34
CA LEU A 243 -35.42 -23.31 15.67
C LEU A 243 -36.10 -22.92 16.97
N PHE A 244 -37.38 -23.27 17.12
CA PHE A 244 -38.10 -22.98 18.35
C PHE A 244 -37.42 -23.62 19.55
N GLU A 245 -36.89 -24.83 19.39
CA GLU A 245 -36.16 -25.48 20.47
C GLU A 245 -34.78 -24.88 20.65
N LYS A 246 -34.16 -24.44 19.56
CA LYS A 246 -32.88 -23.74 19.66
C LYS A 246 -33.01 -22.46 20.47
N VAL A 247 -33.97 -21.61 20.09
CA VAL A 247 -34.12 -20.32 20.79
C VAL A 247 -34.68 -20.52 22.18
N LYS A 248 -35.43 -21.60 22.42
CA LYS A 248 -35.82 -21.92 23.79
C LYS A 248 -34.61 -22.37 24.60
N LYS A 249 -33.72 -23.15 23.99
CA LYS A 249 -32.48 -23.52 24.66
C LYS A 249 -31.57 -22.31 24.83
N PHE A 250 -31.42 -21.52 23.78
CA PHE A 250 -30.53 -20.36 23.86
C PHE A 250 -31.09 -19.29 24.80
N ARG A 251 -32.39 -19.33 25.07
CA ARG A 251 -32.94 -18.47 26.12
C ARG A 251 -32.58 -19.00 27.50
N THR A 252 -32.74 -20.31 27.72
CA THR A 252 -32.39 -20.91 28.99
C THR A 252 -30.88 -21.07 29.17
N HIS A 253 -30.10 -20.85 28.11
CA HIS A 253 -28.64 -20.98 28.20
C HIS A 253 -28.00 -19.69 28.70
N VAL A 254 -28.54 -18.55 28.29
CA VAL A 254 -27.96 -17.24 28.59
C VAL A 254 -28.71 -16.56 29.74
N GLU A 255 -29.70 -17.21 30.34
CA GLU A 255 -30.60 -16.56 31.29
C GLU A 255 -30.01 -16.44 32.70
N GLU A 256 -28.82 -16.99 32.95
CA GLU A 256 -28.23 -16.98 34.29
C GLU A 256 -27.28 -15.79 34.40
N GLY A 257 -27.81 -14.66 34.88
CA GLY A 257 -26.98 -13.53 35.22
C GLY A 257 -26.73 -12.60 34.05
N ASP A 258 -25.97 -11.55 34.35
CA ASP A 258 -25.61 -10.51 33.39
C ASP A 258 -24.10 -10.38 33.33
N ILE A 259 -23.54 -10.55 32.14
CA ILE A 259 -22.11 -10.38 31.90
C ILE A 259 -21.86 -9.33 30.81
N VAL A 260 -22.59 -9.40 29.70
CA VAL A 260 -22.45 -8.41 28.65
C VAL A 260 -23.08 -7.09 29.09
N TYR A 261 -24.18 -7.17 29.84
CA TYR A 261 -24.74 -5.97 30.45
C TYR A 261 -23.84 -5.44 31.56
N ARG A 262 -22.94 -6.28 32.08
CA ARG A 262 -21.94 -5.80 33.04
C ARG A 262 -20.80 -5.09 32.31
N LEU A 263 -20.25 -5.73 31.26
CA LEU A 263 -19.12 -5.13 30.56
C LEU A 263 -19.54 -3.86 29.82
N TYR A 264 -20.60 -3.93 29.01
CA TYR A 264 -21.05 -2.76 28.27
C TYR A 264 -21.47 -1.63 29.20
N MET A 265 -21.80 -1.94 30.45
CA MET A 265 -22.03 -0.90 31.44
C MET A 265 -20.70 -0.36 31.99
N ARG A 266 -19.67 -1.20 32.03
CA ARG A 266 -18.35 -0.72 32.44
C ARG A 266 -17.78 0.25 31.40
N GLN A 267 -18.00 -0.04 30.12
CA GLN A 267 -17.38 0.76 29.06
C GLN A 267 -17.87 2.19 29.10
N THR A 268 -19.16 2.39 29.31
CA THR A 268 -19.73 3.72 29.42
C THR A 268 -19.62 4.29 30.83
N ILE A 269 -19.10 3.51 31.79
CA ILE A 269 -18.71 4.07 33.08
C ILE A 269 -17.27 4.59 33.02
N ILE A 270 -16.42 3.95 32.22
CA ILE A 270 -15.02 4.33 32.12
C ILE A 270 -14.71 5.24 30.94
N LYS A 271 -15.59 5.30 29.94
CA LYS A 271 -15.47 6.29 28.87
C LYS A 271 -16.24 7.57 29.17
N VAL A 272 -16.63 7.77 30.42
CA VAL A 272 -17.11 9.07 30.90
C VAL A 272 -16.15 9.65 31.93
N ILE A 273 -15.53 8.80 32.74
CA ILE A 273 -14.55 9.27 33.71
C ILE A 273 -13.32 9.83 33.00
N LYS A 274 -12.94 9.22 31.87
CA LYS A 274 -11.78 9.71 31.12
C LYS A 274 -12.05 11.11 30.58
N PHE A 275 -13.18 11.28 29.88
CA PHE A 275 -13.62 12.61 29.46
C PHE A 275 -13.62 13.59 30.63
N ALA A 276 -14.05 13.14 31.80
CA ALA A 276 -14.04 14.00 32.98
C ALA A 276 -12.62 14.20 33.49
N LEU A 277 -11.70 13.29 33.17
CA LEU A 277 -10.29 13.43 33.52
C LEU A 277 -9.54 14.25 32.49
N ILE A 278 -9.88 14.10 31.20
CA ILE A 278 -9.25 14.89 30.15
C ILE A 278 -9.41 16.37 30.42
N ILE A 279 -10.66 16.82 30.62
CA ILE A 279 -10.93 18.23 30.82
C ILE A 279 -10.26 18.76 32.08
N CYS A 280 -9.96 17.90 33.05
CA CYS A 280 -9.34 18.35 34.28
C CYS A 280 -7.92 18.86 34.03
N TYR A 281 -7.23 18.28 33.04
CA TYR A 281 -5.83 18.64 32.77
C TYR A 281 -5.62 19.34 31.44
N THR A 282 -6.41 19.03 30.41
CA THR A 282 -6.19 19.62 29.09
C THR A 282 -6.65 21.06 29.00
N VAL A 283 -7.60 21.48 29.84
CA VAL A 283 -7.97 22.88 29.92
C VAL A 283 -7.08 23.66 30.87
N TYR A 284 -6.47 22.98 31.85
CA TYR A 284 -5.62 23.62 32.84
C TYR A 284 -4.17 23.78 32.39
N TYR A 285 -3.79 23.18 31.25
CA TYR A 285 -2.42 23.22 30.77
C TYR A 285 -2.28 23.74 29.33
N VAL A 286 -3.35 24.20 28.70
CA VAL A 286 -3.21 24.70 27.33
C VAL A 286 -2.60 26.09 27.33
N HIS A 287 -2.81 26.90 28.36
CA HIS A 287 -2.15 28.19 28.42
C HIS A 287 -0.65 28.08 28.61
N ASN A 288 -0.13 26.91 28.99
CA ASN A 288 1.30 26.75 29.16
C ASN A 288 2.04 26.90 27.83
N ILE A 289 1.42 26.48 26.73
CA ILE A 289 2.05 26.56 25.42
C ILE A 289 1.87 27.99 24.93
N LYS A 290 2.95 28.60 24.45
CA LYS A 290 2.90 29.97 23.95
C LYS A 290 4.15 30.26 23.16
N PHE A 291 4.01 31.16 22.18
CA PHE A 291 5.11 31.51 21.29
C PHE A 291 6.31 32.06 22.06
N ASP A 292 6.12 33.21 22.71
CA ASP A 292 7.22 33.88 23.41
C ASP A 292 7.56 33.10 24.67
N VAL A 293 8.81 32.69 24.79
CA VAL A 293 9.33 31.99 25.96
C VAL A 293 10.59 32.69 26.43
N ASP A 294 10.69 32.89 27.74
CA ASP A 294 11.91 33.37 28.36
C ASP A 294 12.48 32.25 29.23
N CYS A 295 13.78 31.99 29.09
CA CYS A 295 14.45 30.96 29.84
C CYS A 295 15.69 31.51 30.53
N THR A 296 16.10 30.84 31.60
CA THR A 296 17.24 31.24 32.41
C THR A 296 17.77 29.97 33.07
N VAL A 297 18.95 29.52 32.65
CA VAL A 297 19.38 28.15 32.83
C VAL A 297 20.78 28.03 33.43
N ASP A 298 21.48 29.14 33.65
CA ASP A 298 22.74 29.15 34.37
C ASP A 298 23.81 28.33 33.66
N ILE A 299 24.14 28.75 32.45
CA ILE A 299 25.23 28.15 31.67
C ILE A 299 26.19 29.24 31.20
N GLU A 300 26.38 30.28 32.04
CA GLU A 300 27.32 31.35 31.73
C GLU A 300 28.70 30.83 31.36
N SER A 301 29.10 29.69 31.91
CA SER A 301 30.46 29.20 31.72
C SER A 301 30.75 28.85 30.26
N LEU A 302 29.70 28.60 29.48
CA LEU A 302 29.86 28.12 28.11
C LEU A 302 29.59 29.22 27.10
N THR A 303 28.47 29.93 27.26
CA THR A 303 28.10 30.97 26.30
C THR A 303 28.56 32.33 26.77
N GLY A 304 28.29 32.67 28.03
CA GLY A 304 28.62 33.96 28.60
C GLY A 304 27.44 34.77 29.08
N TYR A 305 26.22 34.31 28.85
CA TYR A 305 25.01 35.02 29.22
C TYR A 305 24.21 34.21 30.23
N ARG A 306 23.31 34.90 30.93
CA ARG A 306 22.45 34.29 31.93
C ARG A 306 21.09 33.92 31.35
N THR A 307 20.39 34.91 30.80
CA THR A 307 19.02 34.77 30.36
C THR A 307 18.95 34.83 28.85
N TYR A 308 18.02 34.07 28.27
CA TYR A 308 17.84 34.00 26.83
C TYR A 308 16.35 34.06 26.51
N ARG A 309 15.96 35.09 25.79
CA ARG A 309 14.63 35.13 25.19
C ARG A 309 14.58 34.10 24.06
N CYS A 310 13.45 33.43 23.92
CA CYS A 310 13.30 32.36 22.95
C CYS A 310 11.94 32.48 22.26
N ALA A 311 11.73 31.60 21.30
CA ALA A 311 10.52 31.56 20.50
C ALA A 311 10.20 30.12 20.13
N HIS A 312 8.92 29.77 20.18
CA HIS A 312 8.41 28.45 19.86
C HIS A 312 7.43 28.61 18.70
N PRO A 313 7.84 28.42 17.45
CA PRO A 313 6.98 28.83 16.34
C PRO A 313 5.72 28.01 16.19
N LEU A 314 5.70 26.77 16.65
CA LEU A 314 4.52 25.92 16.53
C LEU A 314 3.55 26.07 17.69
N ALA A 315 3.81 26.97 18.64
CA ALA A 315 2.91 27.13 19.78
C ALA A 315 1.53 27.57 19.32
N THR A 316 1.45 28.33 18.23
CA THR A 316 0.17 28.76 17.72
C THR A 316 -0.55 27.62 17.01
N LEU A 317 0.18 26.73 16.35
CA LEU A 317 -0.45 25.61 15.65
C LEU A 317 -0.90 24.52 16.61
N PHE A 318 -0.36 24.47 17.83
CA PHE A 318 -0.80 23.50 18.81
C PHE A 318 -2.00 24.00 19.61
N LYS A 319 -2.13 25.32 19.81
CA LYS A 319 -3.34 25.84 20.41
C LYS A 319 -4.54 25.54 19.54
N ILE A 320 -4.37 25.58 18.22
CA ILE A 320 -5.48 25.33 17.31
C ILE A 320 -5.90 23.86 17.40
N LEU A 321 -4.93 22.94 17.32
CA LEU A 321 -5.26 21.53 17.42
C LEU A 321 -5.83 21.19 18.78
N ALA A 322 -5.24 21.73 19.85
CA ALA A 322 -5.77 21.48 21.19
C ALA A 322 -7.17 22.04 21.34
N SER A 323 -7.39 23.27 20.90
CA SER A 323 -8.72 23.87 20.96
C SER A 323 -9.67 23.18 20.00
N PHE A 324 -9.15 22.54 18.96
CA PHE A 324 -9.98 21.72 18.08
C PHE A 324 -10.16 20.33 18.64
N TYR A 325 -9.19 19.84 19.42
CA TYR A 325 -9.29 18.52 20.01
C TYR A 325 -10.34 18.47 21.10
N ILE A 326 -10.24 19.35 22.09
CA ILE A 326 -11.14 19.28 23.23
C ILE A 326 -12.57 19.57 22.82
N SER A 327 -12.77 20.39 21.79
CA SER A 327 -14.10 20.52 21.18
C SER A 327 -14.51 19.26 20.44
N LEU A 328 -13.55 18.46 20.01
CA LEU A 328 -13.80 17.13 19.47
C LEU A 328 -13.87 16.05 20.54
N VAL A 329 -13.95 16.44 21.82
CA VAL A 329 -14.06 15.49 22.92
C VAL A 329 -15.23 15.80 23.83
N ILE A 330 -15.72 17.05 23.87
CA ILE A 330 -16.95 17.33 24.59
C ILE A 330 -18.15 16.89 23.78
N PHE A 331 -18.09 17.06 22.46
CA PHE A 331 -19.11 16.49 21.58
C PHE A 331 -19.11 14.98 21.69
N TYR A 332 -17.94 14.39 21.85
CA TYR A 332 -17.83 12.98 22.22
C TYR A 332 -18.45 12.75 23.60
N GLY A 333 -18.10 13.60 24.55
CA GLY A 333 -18.61 13.42 25.91
C GLY A 333 -20.10 13.62 26.02
N LEU A 334 -20.67 14.47 25.15
CA LEU A 334 -22.12 14.64 25.14
C LEU A 334 -22.82 13.39 24.64
N ILE A 335 -22.15 12.61 23.78
CA ILE A 335 -22.73 11.35 23.31
C ILE A 335 -22.89 10.38 24.47
N CYS A 336 -21.82 10.17 25.24
CA CYS A 336 -21.85 9.15 26.28
C CYS A 336 -22.69 9.58 27.47
N MET A 337 -22.94 10.88 27.64
CA MET A 337 -23.77 11.32 28.75
C MET A 337 -25.22 10.93 28.56
N TYR A 338 -25.77 11.15 27.37
CA TYR A 338 -27.15 10.75 27.08
C TYR A 338 -27.33 9.24 27.21
N THR A 339 -26.27 8.48 26.95
CA THR A 339 -26.33 7.02 27.06
C THR A 339 -26.72 6.60 28.48
N LEU A 340 -25.96 7.07 29.47
CA LEU A 340 -26.26 6.70 30.86
C LEU A 340 -27.60 7.27 31.31
N TRP A 341 -27.97 8.43 30.79
CA TRP A 341 -29.35 8.90 30.97
C TRP A 341 -30.34 7.90 30.43
N TRP A 342 -29.99 7.26 29.30
CA TRP A 342 -30.83 6.27 28.65
C TRP A 342 -30.60 4.86 29.18
N MET A 343 -29.42 4.59 29.72
CA MET A 343 -29.04 3.24 30.14
C MET A 343 -29.44 2.92 31.58
N LEU A 344 -29.99 3.89 32.32
CA LEU A 344 -30.46 3.70 33.68
C LEU A 344 -31.92 4.06 33.85
N ARG A 345 -32.41 5.06 33.10
CA ARG A 345 -33.82 5.42 33.15
C ARG A 345 -34.71 4.26 32.72
N ARG A 346 -34.26 3.48 31.74
CA ARG A 346 -35.10 2.41 31.21
C ARG A 346 -35.17 1.24 32.18
N SER A 347 -34.07 0.97 32.89
CA SER A 347 -33.99 -0.16 33.81
C SER A 347 -34.29 -1.47 33.09
N LEU A 348 -33.46 -1.77 32.08
CA LEU A 348 -33.75 -2.86 31.15
C LEU A 348 -33.11 -4.16 31.63
N LYS A 349 -33.42 -4.51 32.87
CA LYS A 349 -33.02 -5.81 33.39
C LYS A 349 -33.81 -6.93 32.71
N LYS A 350 -35.02 -6.61 32.25
CA LYS A 350 -35.82 -7.52 31.44
C LYS A 350 -36.40 -6.74 30.26
N TYR A 351 -37.13 -7.45 29.41
CA TYR A 351 -37.80 -6.88 28.26
C TYR A 351 -39.26 -6.59 28.58
N SER A 352 -39.88 -5.79 27.72
CA SER A 352 -41.31 -5.46 27.81
C SER A 352 -41.94 -5.73 26.45
N PHE A 353 -42.54 -6.90 26.30
CA PHE A 353 -43.26 -7.27 25.09
C PHE A 353 -44.72 -6.81 25.11
N GLU A 354 -45.08 -5.92 26.02
CA GLU A 354 -46.49 -5.57 26.20
C GLU A 354 -47.03 -4.75 25.04
N SER A 355 -46.15 -4.12 24.25
CA SER A 355 -46.61 -3.27 23.17
C SER A 355 -46.97 -4.07 21.92
N ILE A 356 -46.43 -5.28 21.79
CA ILE A 356 -46.73 -6.16 20.66
C ILE A 356 -47.76 -7.23 21.00
N ARG A 357 -47.93 -7.57 22.28
CA ARG A 357 -48.87 -8.63 22.64
C ARG A 357 -50.29 -8.29 22.25
N GLU A 358 -50.61 -7.00 22.12
CA GLU A 358 -51.89 -6.59 21.54
C GLU A 358 -51.91 -6.85 20.04
N GLU A 359 -50.78 -6.65 19.37
CA GLU A 359 -50.74 -6.79 17.92
C GLU A 359 -50.84 -8.25 17.50
N SER A 360 -50.07 -9.13 18.15
CA SER A 360 -50.15 -10.56 17.86
C SER A 360 -51.42 -11.16 18.45
N SER A 361 -51.82 -10.69 19.64
CA SER A 361 -52.99 -11.21 20.35
C SER A 361 -52.85 -12.70 20.60
N TYR A 362 -51.69 -13.10 21.12
CA TYR A 362 -51.40 -14.48 21.48
C TYR A 362 -51.24 -14.67 22.98
N SER A 363 -50.43 -13.82 23.63
CA SER A 363 -50.22 -13.81 25.07
C SER A 363 -49.50 -15.04 25.59
N ASP A 364 -48.98 -15.89 24.70
CA ASP A 364 -48.20 -17.06 25.11
C ASP A 364 -46.70 -16.79 25.13
N ILE A 365 -46.30 -15.53 25.08
CA ILE A 365 -44.90 -15.11 24.97
C ILE A 365 -44.55 -14.34 26.24
N PRO A 366 -43.76 -14.90 27.16
CA PRO A 366 -43.43 -14.18 28.39
C PRO A 366 -42.17 -13.35 28.25
N ASP A 367 -42.00 -12.43 29.20
CA ASP A 367 -40.81 -11.59 29.23
C ASP A 367 -39.57 -12.44 29.50
N VAL A 368 -38.48 -12.12 28.81
CA VAL A 368 -37.22 -12.81 29.02
C VAL A 368 -36.53 -12.21 30.23
N LYS A 369 -35.89 -13.06 31.03
CA LYS A 369 -35.56 -12.67 32.40
C LYS A 369 -34.40 -11.68 32.46
N ASN A 370 -33.22 -12.10 32.01
CA ASN A 370 -32.04 -11.25 32.15
C ASN A 370 -31.00 -11.62 31.11
N ASP A 371 -30.42 -10.59 30.49
CA ASP A 371 -29.31 -10.68 29.55
C ASP A 371 -29.74 -11.19 28.17
N PHE A 372 -31.01 -11.58 28.02
CA PHE A 372 -31.58 -11.84 26.70
C PHE A 372 -32.41 -10.64 26.24
N ALA A 373 -32.91 -9.85 27.21
CA ALA A 373 -33.59 -8.61 26.88
C ALA A 373 -32.62 -7.56 26.38
N PHE A 374 -31.55 -7.32 27.14
CA PHE A 374 -30.65 -6.21 26.83
C PHE A 374 -29.99 -6.38 25.47
N MET A 375 -29.54 -7.59 25.14
CA MET A 375 -29.04 -7.85 23.81
C MET A 375 -30.10 -7.57 22.75
N LEU A 376 -31.37 -7.82 23.09
CA LEU A 376 -32.48 -7.53 22.20
C LEU A 376 -32.92 -6.07 22.30
N HIS A 377 -32.69 -5.44 23.45
CA HIS A 377 -33.23 -4.10 23.68
C HIS A 377 -32.57 -3.06 22.79
N LEU A 378 -31.27 -3.21 22.54
CA LEU A 378 -30.55 -2.23 21.71
C LEU A 378 -30.72 -2.51 20.23
N ILE A 379 -31.02 -3.75 19.84
CA ILE A 379 -31.33 -4.03 18.45
C ILE A 379 -32.68 -3.43 18.07
N ASP A 380 -33.61 -3.36 19.02
CA ASP A 380 -34.85 -2.62 18.79
C ASP A 380 -34.62 -1.12 18.79
N GLN A 381 -33.65 -0.65 19.58
CA GLN A 381 -33.25 0.76 19.55
C GLN A 381 -32.53 1.12 18.26
N TYR A 382 -31.85 0.15 17.64
CA TYR A 382 -31.30 0.34 16.30
C TYR A 382 -32.41 0.49 15.27
N ASP A 383 -33.26 -0.54 15.15
CA ASP A 383 -34.38 -0.55 14.22
C ASP A 383 -35.48 -1.40 14.86
N PRO A 384 -36.72 -0.93 14.93
CA PRO A 384 -37.73 -1.66 15.73
C PRO A 384 -38.40 -2.82 15.01
N LEU A 385 -37.91 -3.22 13.83
CA LEU A 385 -38.52 -4.35 13.13
C LEU A 385 -38.03 -5.68 13.70
N TYR A 386 -36.74 -5.76 14.02
CA TYR A 386 -36.11 -7.06 14.28
C TYR A 386 -36.61 -7.69 15.57
N SER A 387 -37.31 -6.92 16.41
CA SER A 387 -37.89 -7.48 17.63
C SER A 387 -39.28 -8.07 17.38
N LYS A 388 -40.08 -7.44 16.52
CA LYS A 388 -41.44 -7.93 16.29
C LYS A 388 -41.45 -9.22 15.46
N ARG A 389 -40.42 -9.45 14.65
CA ARG A 389 -40.29 -10.74 13.98
C ARG A 389 -39.75 -11.81 14.92
N PHE A 390 -38.94 -11.42 15.90
CA PHE A 390 -38.50 -12.32 16.96
C PHE A 390 -39.52 -12.42 18.10
N ALA A 391 -40.60 -11.64 18.04
CA ALA A 391 -41.65 -11.67 19.05
C ALA A 391 -42.66 -12.79 18.86
N VAL A 392 -42.40 -13.74 17.95
CA VAL A 392 -43.34 -14.83 17.67
C VAL A 392 -42.77 -16.20 18.03
N PHE A 393 -41.45 -16.38 17.97
CA PHE A 393 -40.83 -17.67 18.23
C PHE A 393 -40.93 -18.11 19.68
N LEU A 394 -41.37 -17.25 20.58
CA LEU A 394 -41.49 -17.56 22.00
C LEU A 394 -42.91 -17.94 22.40
N SER A 395 -43.88 -17.79 21.51
CA SER A 395 -45.28 -18.03 21.80
C SER A 395 -45.60 -19.48 21.49
N GLU A 396 -46.09 -20.22 22.49
CA GLU A 396 -46.33 -21.64 22.29
C GLU A 396 -47.49 -21.90 21.34
N VAL A 397 -48.44 -20.98 21.26
CA VAL A 397 -49.46 -21.08 20.22
C VAL A 397 -48.82 -21.01 18.85
N SER A 398 -47.90 -20.06 18.65
CA SER A 398 -47.15 -20.02 17.40
C SER A 398 -46.33 -21.28 17.20
N GLU A 399 -45.71 -21.77 18.29
CA GLU A 399 -45.03 -23.06 18.22
C GLU A 399 -46.01 -24.17 17.87
N ASN A 400 -47.22 -24.12 18.43
CA ASN A 400 -48.23 -25.11 18.09
C ASN A 400 -48.66 -24.99 16.63
N LYS A 401 -48.96 -23.77 16.18
CA LYS A 401 -49.33 -23.58 14.78
C LYS A 401 -48.17 -23.96 13.85
N LEU A 402 -46.93 -23.79 14.31
CA LEU A 402 -45.78 -24.26 13.54
C LEU A 402 -45.69 -25.77 13.58
N ARG A 403 -46.12 -26.38 14.69
CA ARG A 403 -46.04 -27.84 14.82
C ARG A 403 -47.01 -28.54 13.88
N GLN A 404 -48.11 -27.87 13.51
CA GLN A 404 -49.11 -28.46 12.63
C GLN A 404 -48.52 -28.86 11.28
N PRO B 15 -5.08 -19.67 10.09
CA PRO B 15 -6.32 -20.41 9.81
C PRO B 15 -7.21 -20.51 11.05
N ALA B 16 -8.05 -21.55 11.13
CA ALA B 16 -8.95 -21.73 12.26
C ALA B 16 -8.15 -22.21 13.48
N TYR B 17 -7.48 -21.24 14.11
CA TYR B 17 -6.74 -21.44 15.35
C TYR B 17 -7.12 -20.42 16.43
N ARG B 18 -8.14 -19.61 16.18
CA ARG B 18 -8.54 -18.58 17.13
C ARG B 18 -8.99 -19.20 18.45
N ILE B 19 -9.82 -20.24 18.38
CA ILE B 19 -10.25 -20.94 19.59
C ILE B 19 -9.07 -21.55 20.33
N LEU B 20 -8.01 -21.90 19.61
CA LEU B 20 -6.88 -22.60 20.21
C LEU B 20 -6.02 -21.70 21.09
N LYS B 21 -6.32 -20.39 21.16
CA LYS B 21 -5.53 -19.44 21.91
C LYS B 21 -6.32 -18.95 23.13
N PRO B 22 -5.89 -19.26 24.37
CA PRO B 22 -6.66 -18.81 25.53
C PRO B 22 -6.73 -17.30 25.65
N TRP B 23 -7.46 -16.86 26.68
CA TRP B 23 -7.70 -15.44 26.87
C TRP B 23 -6.41 -14.68 27.13
N TRP B 24 -5.47 -15.29 27.87
CA TRP B 24 -4.27 -14.59 28.25
C TRP B 24 -3.31 -14.40 27.07
N ASP B 25 -3.31 -15.35 26.12
CA ASP B 25 -2.49 -15.20 24.93
C ASP B 25 -3.17 -14.36 23.86
N VAL B 26 -4.31 -13.74 24.18
CA VAL B 26 -4.92 -12.76 23.28
C VAL B 26 -4.47 -11.35 23.64
N PHE B 27 -4.48 -11.04 24.94
CA PHE B 27 -3.86 -9.79 25.41
C PHE B 27 -2.43 -9.66 24.93
N THR B 28 -1.69 -10.77 24.92
CA THR B 28 -0.26 -10.72 24.68
C THR B 28 0.05 -10.37 23.22
N ASP B 29 -0.81 -10.78 22.29
CA ASP B 29 -0.51 -10.53 20.88
C ASP B 29 -0.59 -9.05 20.55
N TYR B 30 -1.46 -8.31 21.25
CA TYR B 30 -1.53 -6.87 21.06
C TYR B 30 -0.35 -6.17 21.74
N ILE B 31 -0.01 -6.61 22.95
CA ILE B 31 1.11 -6.01 23.68
C ILE B 31 2.40 -6.20 22.89
N SER B 32 2.55 -7.33 22.21
CA SER B 32 3.78 -7.57 21.48
C SER B 32 3.82 -6.83 20.15
N ILE B 33 2.76 -6.06 19.85
CA ILE B 33 2.80 -5.14 18.71
C ILE B 33 3.21 -3.75 19.18
N VAL B 34 2.51 -3.20 20.17
CA VAL B 34 2.83 -1.86 20.66
C VAL B 34 4.25 -1.82 21.24
N MET B 35 4.76 -2.95 21.73
CA MET B 35 6.18 -3.04 22.05
C MET B 35 7.03 -2.80 20.82
N LEU B 36 6.55 -3.22 19.65
CA LEU B 36 7.30 -3.04 18.42
C LEU B 36 7.10 -1.65 17.85
N MET B 37 5.91 -1.06 18.06
CA MET B 37 5.64 0.27 17.51
C MET B 37 6.58 1.31 18.12
N ILE B 38 6.94 1.15 19.39
CA ILE B 38 7.89 2.07 20.03
C ILE B 38 9.33 1.63 19.83
N ALA B 39 9.58 0.66 18.95
CA ALA B 39 10.92 0.29 18.55
C ALA B 39 11.26 0.77 17.15
N VAL B 40 10.26 0.86 16.28
CA VAL B 40 10.45 1.47 14.97
C VAL B 40 10.30 2.98 15.03
N PHE B 41 9.44 3.49 15.92
CA PHE B 41 9.33 4.93 16.09
C PHE B 41 10.55 5.50 16.80
N GLY B 42 11.04 4.79 17.82
CA GLY B 42 12.28 5.20 18.45
C GLY B 42 13.49 4.96 17.57
N GLY B 43 13.36 4.11 16.54
CA GLY B 43 14.49 3.78 15.70
C GLY B 43 14.64 4.75 14.54
N THR B 44 13.54 5.07 13.86
CA THR B 44 13.57 6.07 12.81
C THR B 44 13.98 7.43 13.37
N LEU B 45 13.63 7.69 14.63
CA LEU B 45 13.98 8.93 15.32
C LEU B 45 15.41 8.94 15.85
N GLN B 46 16.12 7.82 15.76
CA GLN B 46 17.48 7.70 16.28
C GLN B 46 18.53 7.67 15.18
N VAL B 47 18.14 7.32 13.96
CA VAL B 47 19.07 7.35 12.82
C VAL B 47 18.93 8.67 12.06
N THR B 48 17.69 9.17 11.92
CA THR B 48 17.48 10.47 11.31
C THR B 48 18.16 11.58 12.11
N GLN B 49 18.22 11.40 13.43
CA GLN B 49 18.67 12.43 14.37
C GLN B 49 19.30 11.66 15.53
N ASP B 50 19.32 12.23 16.73
CA ASP B 50 20.13 11.76 17.86
C ASP B 50 21.59 12.15 17.68
N LYS B 51 21.79 13.33 17.11
CA LYS B 51 23.08 13.99 17.17
C LYS B 51 23.38 14.40 18.60
N MET B 52 24.64 14.75 18.83
CA MET B 52 25.08 15.35 20.07
C MET B 52 25.65 16.73 19.78
N ILE B 53 25.36 17.66 20.69
CA ILE B 53 25.98 18.98 20.69
C ILE B 53 27.08 18.92 21.74
N CYS B 54 28.18 19.62 21.48
CA CYS B 54 29.35 19.58 22.35
C CYS B 54 30.09 20.91 22.28
N LEU B 55 30.33 21.49 23.46
CA LEU B 55 31.10 22.71 23.61
C LEU B 55 32.32 22.43 24.49
N PRO B 56 33.46 23.07 24.25
CA PRO B 56 34.58 22.90 25.16
C PRO B 56 34.40 23.73 26.42
N CYS B 57 35.14 23.35 27.45
CA CYS B 57 35.16 24.07 28.72
C CYS B 57 36.55 24.66 28.93
N LYS B 58 36.64 25.98 28.78
CA LYS B 58 37.93 26.67 28.92
C LYS B 58 38.51 26.48 30.31
N TRP B 59 37.68 26.62 31.34
CA TRP B 59 38.09 26.42 32.73
C TRP B 59 37.57 25.07 33.20
N VAL B 60 38.46 24.27 33.80
CA VAL B 60 38.14 22.91 34.19
C VAL B 60 38.94 22.56 35.44
N THR B 61 38.34 21.73 36.30
CA THR B 61 38.99 21.24 37.50
C THR B 61 38.69 19.75 37.63
N LYS B 62 39.68 18.92 37.32
CA LYS B 62 39.57 17.47 37.41
C LYS B 62 38.45 16.94 36.52
N ASP B 63 38.60 17.22 35.23
CA ASP B 63 37.67 16.73 34.20
C ASP B 63 36.23 17.11 34.51
N SER B 64 36.05 18.33 35.00
CA SER B 64 34.73 18.84 35.36
C SER B 64 34.67 20.34 35.10
N CYS B 65 33.66 20.77 34.34
CA CYS B 65 33.49 22.17 34.00
C CYS B 65 33.05 22.92 35.25
N ASN B 66 34.00 23.49 35.98
CA ASN B 66 33.74 24.01 37.31
C ASN B 66 32.75 25.18 37.29
N ASP B 67 33.17 26.32 36.76
CA ASP B 67 32.32 27.50 36.65
C ASP B 67 33.16 28.63 36.06
N SER B 68 32.49 29.71 35.67
CA SER B 68 33.15 30.95 35.25
C SER B 68 32.11 32.03 34.97
N THR B 92 30.56 46.62 30.14
CA THR B 92 29.66 46.39 31.28
C THR B 92 28.80 45.17 31.03
N GLY B 93 27.94 45.24 30.02
CA GLY B 93 27.09 44.14 29.66
C GLY B 93 27.90 42.95 29.21
N PRO B 94 27.39 41.73 29.42
CA PRO B 94 28.19 40.55 29.11
C PRO B 94 28.33 40.35 27.60
N THR B 95 29.27 39.50 27.23
CA THR B 95 29.56 39.20 25.84
C THR B 95 29.85 37.72 25.68
N GLY B 96 29.75 37.24 24.45
CA GLY B 96 29.97 35.84 24.18
C GLY B 96 31.41 35.43 24.39
N ILE B 97 31.59 34.12 24.51
CA ILE B 97 32.91 33.51 24.61
C ILE B 97 33.27 32.98 23.23
N LYS B 98 34.52 33.23 22.83
CA LYS B 98 35.02 32.84 21.52
C LYS B 98 36.05 31.72 21.70
N TYR B 99 35.70 30.53 21.22
CA TYR B 99 36.60 29.39 21.24
C TYR B 99 37.46 29.29 19.99
N ASP B 100 37.17 30.09 18.96
CA ASP B 100 37.94 30.07 17.72
C ASP B 100 37.93 28.69 17.07
N LEU B 101 36.73 28.15 16.92
CA LEU B 101 36.52 26.85 16.29
C LEU B 101 35.56 27.00 15.13
N ASP B 102 35.83 26.29 14.04
CA ASP B 102 34.94 26.26 12.90
C ASP B 102 33.83 25.23 13.14
N ARG B 103 33.07 24.95 12.08
CA ARG B 103 31.94 24.04 12.20
C ARG B 103 32.39 22.59 12.15
N HIS B 104 33.46 22.31 11.41
CA HIS B 104 33.89 20.92 11.25
C HIS B 104 34.59 20.40 12.50
N GLN B 105 35.17 21.29 13.30
CA GLN B 105 35.77 20.85 14.55
C GLN B 105 34.69 20.55 15.57
N TYR B 106 33.59 21.30 15.52
CA TYR B 106 32.44 20.99 16.36
C TYR B 106 31.76 19.70 15.89
N ASN B 107 31.78 19.46 14.57
CA ASN B 107 31.12 18.27 14.04
C ASN B 107 31.99 17.03 14.21
N TYR B 108 33.31 17.23 14.34
CA TYR B 108 34.20 16.10 14.59
C TYR B 108 34.12 15.65 16.03
N VAL B 109 34.06 16.59 16.97
CA VAL B 109 34.06 16.24 18.39
C VAL B 109 32.72 15.66 18.80
N ASP B 110 31.65 15.99 18.07
CA ASP B 110 30.37 15.36 18.35
C ASP B 110 30.41 13.86 18.08
N ALA B 111 31.01 13.47 16.95
CA ALA B 111 31.09 12.05 16.62
C ALA B 111 31.92 11.29 17.64
N VAL B 112 33.05 11.87 18.04
CA VAL B 112 33.90 11.25 19.04
C VAL B 112 33.15 11.09 20.36
N CYS B 113 32.56 12.18 20.85
CA CYS B 113 31.88 12.13 22.14
C CYS B 113 30.52 11.45 22.05
N TYR B 114 30.09 11.07 20.83
CA TYR B 114 28.89 10.26 20.67
C TYR B 114 29.24 8.78 20.50
N GLU B 115 30.46 8.50 20.04
CA GLU B 115 30.88 7.12 19.85
C GLU B 115 31.50 6.55 21.11
N ASN B 116 32.33 7.34 21.79
CA ASN B 116 33.12 6.85 22.91
C ASN B 116 32.44 7.09 24.26
N ARG B 117 32.18 8.35 24.62
CA ARG B 117 31.61 8.69 25.91
C ARG B 117 30.09 8.78 25.86
N LEU B 118 29.42 7.75 25.34
CA LEU B 118 27.98 7.62 25.45
C LEU B 118 27.64 6.14 25.51
N HIS B 119 26.77 5.76 26.43
CA HIS B 119 26.51 4.35 26.68
C HIS B 119 25.80 3.73 25.49
N TRP B 120 26.18 2.49 25.18
CA TRP B 120 25.60 1.77 24.05
C TRP B 120 24.09 1.60 24.20
N PHE B 121 23.59 1.62 25.44
CA PHE B 121 22.17 1.40 25.65
C PHE B 121 21.34 2.58 25.15
N ALA B 122 21.90 3.79 25.23
CA ALA B 122 21.16 4.96 24.78
C ALA B 122 21.06 5.01 23.27
N LYS B 123 22.07 4.48 22.59
CA LYS B 123 22.11 4.57 21.13
C LYS B 123 21.37 3.42 20.46
N TYR B 124 21.29 2.27 21.14
CA TYR B 124 20.80 1.03 20.55
C TYR B 124 19.51 0.55 21.19
N PHE B 125 18.94 1.29 22.14
CA PHE B 125 17.65 0.96 22.74
C PHE B 125 16.57 0.64 21.72
N PRO B 126 16.37 1.42 20.65
CA PRO B 126 15.29 1.09 19.71
C PRO B 126 15.56 -0.18 18.92
N TYR B 127 16.83 -0.47 18.60
CA TYR B 127 17.14 -1.69 17.88
C TYR B 127 17.08 -2.90 18.82
N LEU B 128 17.18 -2.68 20.12
CA LEU B 128 17.27 -3.79 21.07
C LEU B 128 15.89 -4.30 21.45
N VAL B 129 14.94 -3.40 21.67
CA VAL B 129 13.58 -3.83 21.99
C VAL B 129 12.94 -4.49 20.78
N LEU B 130 13.37 -4.12 19.58
CA LEU B 130 12.89 -4.80 18.38
C LEU B 130 13.38 -6.24 18.34
N LEU B 131 14.67 -6.44 18.58
CA LEU B 131 15.22 -7.80 18.61
C LEU B 131 14.53 -8.66 19.65
N HIS B 132 14.19 -8.08 20.80
CA HIS B 132 13.58 -8.87 21.87
C HIS B 132 12.11 -9.14 21.60
N THR B 133 11.38 -8.13 21.14
CA THR B 133 9.95 -8.33 20.91
C THR B 133 9.71 -9.28 19.74
N LEU B 134 10.66 -9.35 18.82
CA LEU B 134 10.56 -10.33 17.73
C LEU B 134 10.72 -11.74 18.25
N ILE B 135 11.53 -11.91 19.31
CA ILE B 135 11.69 -13.22 19.94
C ILE B 135 10.43 -13.57 20.73
N PHE B 136 10.02 -12.68 21.62
CA PHE B 136 8.76 -12.80 22.36
C PHE B 136 7.58 -13.10 21.44
N LEU B 137 7.60 -12.52 20.24
CA LEU B 137 6.54 -12.74 19.26
C LEU B 137 6.73 -14.05 18.51
N ALA B 138 7.92 -14.27 17.95
CA ALA B 138 8.13 -15.43 17.08
C ALA B 138 8.10 -16.73 17.85
N CYS B 139 8.49 -16.71 19.13
CA CYS B 139 8.42 -17.93 19.93
C CYS B 139 6.99 -18.42 20.06
N SER B 140 6.04 -17.49 20.14
CA SER B 140 4.63 -17.88 20.25
C SER B 140 4.18 -18.68 19.03
N ASN B 141 4.61 -18.27 17.85
CA ASN B 141 4.15 -18.86 16.60
C ASN B 141 5.07 -19.96 16.06
N PHE B 142 6.24 -20.16 16.68
CA PHE B 142 7.10 -21.26 16.25
C PHE B 142 6.45 -22.62 16.50
N TRP B 143 5.59 -22.69 17.51
CA TRP B 143 4.84 -23.91 17.80
C TRP B 143 3.82 -24.24 16.70
N PHE B 144 3.51 -23.28 15.82
CA PHE B 144 2.61 -23.51 14.70
C PHE B 144 3.32 -23.82 13.39
N LYS B 145 4.66 -23.69 13.34
CA LYS B 145 5.42 -23.85 12.09
C LYS B 145 6.20 -25.15 12.03
N PHE B 146 6.63 -25.68 13.16
CA PHE B 146 7.44 -26.89 13.16
C PHE B 146 6.56 -28.07 12.74
N PRO B 147 6.86 -28.75 11.62
CA PRO B 147 5.86 -29.67 11.04
C PRO B 147 5.55 -30.87 11.92
N ARG B 148 6.44 -31.25 12.83
CA ARG B 148 6.15 -32.37 13.73
C ARG B 148 4.96 -32.06 14.63
N THR B 149 4.71 -30.77 14.89
CA THR B 149 3.65 -30.34 15.79
C THR B 149 2.53 -29.59 15.09
N SER B 150 2.81 -28.89 14.00
CA SER B 150 1.74 -28.23 13.26
C SER B 150 0.75 -29.25 12.70
N SER B 151 1.25 -30.42 12.30
CA SER B 151 0.38 -31.47 11.76
C SER B 151 -0.63 -31.93 12.81
N LYS B 152 -0.18 -32.13 14.04
CA LYS B 152 -1.08 -32.60 15.09
C LYS B 152 -2.17 -31.58 15.38
N LEU B 153 -1.79 -30.30 15.48
CA LEU B 153 -2.78 -29.24 15.64
C LEU B 153 -3.69 -29.14 14.41
N GLU B 154 -3.17 -29.51 13.24
CA GLU B 154 -3.86 -29.21 11.99
C GLU B 154 -5.16 -30.00 11.87
N HIS B 155 -5.15 -31.27 12.33
CA HIS B 155 -6.34 -32.11 12.24
C HIS B 155 -7.10 -32.22 13.56
N PHE B 156 -6.47 -31.91 14.70
CA PHE B 156 -7.23 -31.93 15.95
C PHE B 156 -8.34 -30.89 15.95
N VAL B 157 -8.00 -29.65 15.59
CA VAL B 157 -9.02 -28.60 15.53
C VAL B 157 -10.04 -28.92 14.45
N SER B 158 -9.64 -29.69 13.43
CA SER B 158 -10.56 -30.05 12.36
C SER B 158 -11.71 -30.92 12.88
N ILE B 159 -11.39 -31.96 13.66
CA ILE B 159 -12.44 -32.88 14.09
C ILE B 159 -13.31 -32.25 15.17
N LEU B 160 -12.78 -31.29 15.94
CA LEU B 160 -13.60 -30.57 16.90
C LEU B 160 -14.51 -29.57 16.23
N LEU B 161 -14.03 -28.94 15.15
CA LEU B 161 -14.84 -27.92 14.47
C LEU B 161 -16.06 -28.55 13.81
N LYS B 162 -15.92 -29.79 13.34
CA LYS B 162 -17.06 -30.51 12.76
C LYS B 162 -17.98 -31.04 13.85
N CYS B 163 -17.41 -31.63 14.90
CA CYS B 163 -18.21 -32.22 15.96
C CYS B 163 -19.06 -31.18 16.67
N PHE B 164 -18.59 -29.93 16.73
CA PHE B 164 -19.41 -28.84 17.26
C PHE B 164 -20.72 -28.73 16.49
N ASP B 165 -20.66 -28.85 15.16
CA ASP B 165 -21.86 -28.86 14.31
C ASP B 165 -22.23 -30.30 14.02
N SER B 166 -23.04 -30.87 14.90
CA SER B 166 -23.44 -32.28 14.83
C SER B 166 -24.89 -32.40 15.31
N PRO B 167 -25.84 -32.80 14.45
CA PRO B 167 -27.21 -33.00 14.95
C PRO B 167 -27.33 -34.02 16.07
N TRP B 168 -26.51 -35.06 16.08
CA TRP B 168 -26.66 -36.09 17.12
C TRP B 168 -26.32 -35.55 18.50
N THR B 169 -25.42 -34.56 18.58
CA THR B 169 -25.07 -33.98 19.88
C THR B 169 -26.27 -33.32 20.53
N THR B 170 -27.21 -32.84 19.72
CA THR B 170 -28.43 -32.25 20.26
C THR B 170 -29.20 -33.26 21.10
N ARG B 171 -29.43 -34.46 20.55
CA ARG B 171 -30.17 -35.47 21.28
C ARG B 171 -29.39 -35.99 22.47
N ALA B 172 -28.09 -36.25 22.28
CA ALA B 172 -27.28 -36.79 23.37
C ALA B 172 -27.13 -35.78 24.50
N LEU B 173 -26.97 -34.50 24.17
CA LEU B 173 -26.91 -33.47 25.20
C LEU B 173 -28.22 -33.37 25.96
N SER B 174 -29.34 -33.68 25.32
CA SER B 174 -30.65 -33.64 25.94
C SER B 174 -31.04 -35.03 26.46
N GLU B 236 -29.10 -41.97 7.61
CA GLU B 236 -27.80 -42.22 7.02
C GLU B 236 -26.69 -42.08 8.08
N GLY B 237 -26.96 -42.61 9.28
CA GLY B 237 -26.02 -42.53 10.38
C GLY B 237 -24.70 -43.23 10.15
N GLU B 238 -24.58 -44.06 9.10
CA GLU B 238 -23.32 -44.73 8.82
C GLU B 238 -22.22 -43.73 8.47
N GLN B 239 -22.59 -42.61 7.88
CA GLN B 239 -21.62 -41.52 7.69
C GLN B 239 -21.13 -41.02 9.03
N ALA B 240 -22.02 -40.90 10.01
CA ALA B 240 -21.62 -40.47 11.34
C ALA B 240 -20.85 -41.58 12.07
N LYS B 241 -21.01 -42.83 11.64
CA LYS B 241 -20.21 -43.91 12.21
C LYS B 241 -18.74 -43.76 11.85
N ALA B 242 -18.45 -43.35 10.61
CA ALA B 242 -17.07 -43.12 10.20
C ALA B 242 -16.42 -42.04 11.05
N LEU B 243 -17.20 -41.04 11.48
CA LEU B 243 -16.68 -40.06 12.42
C LEU B 243 -16.27 -40.72 13.73
N PHE B 244 -17.13 -41.57 14.29
CA PHE B 244 -16.79 -42.29 15.52
C PHE B 244 -15.53 -43.12 15.34
N GLU B 245 -15.34 -43.72 14.18
CA GLU B 245 -14.12 -44.49 13.92
C GLU B 245 -12.94 -43.56 13.63
N LYS B 246 -13.21 -42.41 13.01
CA LYS B 246 -12.15 -41.41 12.82
C LYS B 246 -11.61 -40.92 14.16
N VAL B 247 -12.49 -40.47 15.04
CA VAL B 247 -12.03 -39.92 16.31
C VAL B 247 -11.51 -41.01 17.23
N LYS B 248 -11.97 -42.25 17.06
CA LYS B 248 -11.35 -43.35 17.78
C LYS B 248 -9.95 -43.62 17.25
N LYS B 249 -9.77 -43.55 15.93
CA LYS B 249 -8.44 -43.67 15.35
C LYS B 249 -7.57 -42.48 15.73
N PHE B 250 -8.12 -41.27 15.61
CA PHE B 250 -7.34 -40.07 15.92
C PHE B 250 -7.02 -39.98 17.41
N ARG B 251 -7.79 -40.69 18.25
CA ARG B 251 -7.41 -40.79 19.66
C ARG B 251 -6.24 -41.76 19.83
N THR B 252 -6.32 -42.92 19.17
CA THR B 252 -5.23 -43.90 19.25
C THR B 252 -4.03 -43.49 18.41
N HIS B 253 -4.16 -42.46 17.57
CA HIS B 253 -3.05 -42.02 16.73
C HIS B 253 -2.15 -41.04 17.48
N VAL B 254 -2.73 -40.17 18.31
CA VAL B 254 -2.02 -39.12 19.01
C VAL B 254 -1.73 -39.50 20.47
N GLU B 255 -2.08 -40.71 20.88
CA GLU B 255 -2.05 -41.06 22.30
C GLU B 255 -0.66 -41.46 22.80
N GLU B 256 0.35 -41.53 21.91
CA GLU B 256 1.68 -41.97 22.29
C GLU B 256 2.55 -40.75 22.59
N GLY B 257 2.56 -40.36 23.86
CA GLY B 257 3.48 -39.33 24.34
C GLY B 257 2.94 -37.93 24.19
N ASP B 258 3.77 -36.98 24.62
CA ASP B 258 3.46 -35.56 24.60
C ASP B 258 4.54 -34.82 23.82
N ILE B 259 4.11 -34.10 22.78
CA ILE B 259 5.00 -33.27 21.97
C ILE B 259 4.53 -31.82 21.94
N VAL B 260 3.22 -31.60 21.73
CA VAL B 260 2.69 -30.24 21.76
C VAL B 260 2.62 -29.74 23.19
N TYR B 261 2.34 -30.63 24.14
CA TYR B 261 2.42 -30.27 25.55
C TYR B 261 3.87 -30.07 25.97
N ARG B 262 4.82 -30.61 25.20
CA ARG B 262 6.23 -30.33 25.46
C ARG B 262 6.62 -28.97 24.91
N LEU B 263 6.27 -28.68 23.66
CA LEU B 263 6.66 -27.40 23.07
C LEU B 263 5.94 -26.23 23.73
N TYR B 264 4.61 -26.31 23.85
CA TYR B 264 3.86 -25.22 24.46
C TYR B 264 4.27 -25.01 25.93
N MET B 265 4.86 -26.03 26.55
CA MET B 265 5.45 -25.85 27.87
C MET B 265 6.82 -25.20 27.78
N ARG B 266 7.54 -25.42 26.68
CA ARG B 266 8.81 -24.73 26.48
C ARG B 266 8.60 -23.24 26.26
N GLN B 267 7.54 -22.88 25.52
CA GLN B 267 7.33 -21.48 25.15
C GLN B 267 7.10 -20.62 26.38
N THR B 268 6.32 -21.11 27.33
CA THR B 268 6.08 -20.38 28.57
C THR B 268 7.16 -20.64 29.61
N ILE B 269 8.13 -21.51 29.32
CA ILE B 269 9.34 -21.59 30.13
C ILE B 269 10.38 -20.60 29.65
N ILE B 270 10.40 -20.32 28.35
CA ILE B 270 11.40 -19.41 27.77
C ILE B 270 10.88 -17.98 27.58
N LYS B 271 9.57 -17.78 27.59
CA LYS B 271 9.00 -16.43 27.61
C LYS B 271 8.73 -15.94 29.02
N VAL B 272 9.31 -16.59 30.02
CA VAL B 272 9.39 -16.06 31.37
C VAL B 272 10.82 -15.75 31.77
N ILE B 273 11.77 -16.56 31.29
CA ILE B 273 13.18 -16.31 31.56
C ILE B 273 13.63 -15.03 30.87
N LYS B 274 13.10 -14.74 29.68
CA LYS B 274 13.46 -13.52 28.98
C LYS B 274 13.01 -12.29 29.75
N PHE B 275 11.73 -12.26 30.13
CA PHE B 275 11.21 -11.22 31.02
C PHE B 275 12.07 -11.08 32.26
N ALA B 276 12.53 -12.21 32.82
CA ALA B 276 13.40 -12.15 33.98
C ALA B 276 14.80 -11.69 33.61
N LEU B 277 15.18 -11.85 32.32
CA LEU B 277 16.46 -11.34 31.84
C LEU B 277 16.36 -9.88 31.41
N ILE B 278 15.23 -9.47 30.83
CA ILE B 278 15.02 -8.08 30.46
C ILE B 278 15.20 -7.17 31.65
N ILE B 279 14.47 -7.44 32.74
CA ILE B 279 14.50 -6.58 33.91
C ILE B 279 15.89 -6.56 34.54
N CYS B 280 16.69 -7.60 34.32
CA CYS B 280 18.03 -7.63 34.91
C CYS B 280 18.92 -6.55 34.34
N TYR B 281 18.73 -6.18 33.06
CA TYR B 281 19.57 -5.22 32.37
C TYR B 281 18.88 -3.91 32.03
N THR B 282 17.58 -3.93 31.72
CA THR B 282 16.89 -2.73 31.29
C THR B 282 16.60 -1.78 32.44
N VAL B 283 16.50 -2.27 33.68
CA VAL B 283 16.39 -1.41 34.85
C VAL B 283 17.75 -0.95 35.35
N TYR B 284 18.80 -1.72 35.09
CA TYR B 284 20.14 -1.41 35.56
C TYR B 284 20.89 -0.46 34.62
N TYR B 285 20.36 -0.18 33.43
CA TYR B 285 21.04 0.66 32.45
C TYR B 285 20.20 1.84 31.96
N VAL B 286 19.02 2.09 32.52
CA VAL B 286 18.23 3.22 32.05
C VAL B 286 18.77 4.53 32.62
N HIS B 287 19.38 4.51 33.80
CA HIS B 287 20.00 5.72 34.32
C HIS B 287 21.22 6.16 33.51
N ASN B 288 21.76 5.28 32.66
CA ASN B 288 22.91 5.66 31.85
C ASN B 288 22.55 6.76 30.86
N ILE B 289 21.32 6.75 30.35
CA ILE B 289 20.91 7.76 29.37
C ILE B 289 20.53 9.01 30.15
N LYS B 290 21.04 10.16 29.71
CA LYS B 290 20.77 11.42 30.37
C LYS B 290 21.16 12.56 29.45
N PHE B 291 20.46 13.68 29.60
CA PHE B 291 20.68 14.85 28.76
C PHE B 291 22.11 15.36 28.87
N ASP B 292 22.52 15.81 30.05
CA ASP B 292 23.83 16.40 30.26
C ASP B 292 24.88 15.30 30.22
N VAL B 293 25.85 15.44 29.32
CA VAL B 293 26.97 14.51 29.19
C VAL B 293 28.26 15.32 29.19
N ASP B 294 29.24 14.84 29.95
CA ASP B 294 30.59 15.37 29.93
C ASP B 294 31.51 14.31 29.33
N CYS B 295 32.34 14.72 28.37
CA CYS B 295 33.27 13.82 27.71
C CYS B 295 34.68 14.38 27.75
N THR B 296 35.66 13.49 27.64
CA THR B 296 37.07 13.84 27.69
C THR B 296 37.82 12.76 26.92
N VAL B 297 38.36 13.12 25.76
CA VAL B 297 38.70 12.16 24.72
C VAL B 297 40.12 12.33 24.18
N ASP B 298 40.85 13.34 24.64
CA ASP B 298 42.27 13.49 24.33
C ASP B 298 42.51 13.66 22.83
N ILE B 299 41.96 14.74 22.29
CA ILE B 299 42.17 15.13 20.90
C ILE B 299 42.63 16.59 20.83
N GLU B 300 43.41 17.01 21.83
CA GLU B 300 43.97 18.37 21.86
C GLU B 300 44.69 18.73 20.57
N SER B 301 45.27 17.73 19.90
CA SER B 301 46.09 18.01 18.72
C SER B 301 45.29 18.62 17.58
N LEU B 302 43.97 18.42 17.58
CA LEU B 302 43.12 18.82 16.47
C LEU B 302 42.32 20.07 16.81
N THR B 303 41.66 20.06 17.97
CA THR B 303 40.82 21.19 18.36
C THR B 303 41.57 22.16 19.24
N GLY B 304 42.26 21.66 20.26
CA GLY B 304 42.98 22.48 21.21
C GLY B 304 42.51 22.36 22.65
N TYR B 305 41.42 21.63 22.90
CA TYR B 305 40.84 21.49 24.22
C TYR B 305 40.89 20.04 24.66
N ARG B 306 40.77 19.83 25.97
CA ARG B 306 40.77 18.50 26.57
C ARG B 306 39.36 17.98 26.78
N THR B 307 38.55 18.72 27.52
CA THR B 307 37.23 18.28 27.96
C THR B 307 36.16 19.08 27.24
N TYR B 308 35.03 18.43 26.96
CA TYR B 308 33.92 19.04 26.26
C TYR B 308 32.62 18.65 26.95
N ARG B 309 31.91 19.64 27.46
CA ARG B 309 30.54 19.44 27.90
C ARG B 309 29.67 19.23 26.68
N CYS B 310 28.70 18.33 26.79
CA CYS B 310 27.84 17.97 25.68
C CYS B 310 26.40 17.87 26.13
N ALA B 311 25.52 17.60 25.17
CA ALA B 311 24.09 17.48 25.41
C ALA B 311 23.50 16.47 24.45
N HIS B 312 22.58 15.66 24.95
CA HIS B 312 21.90 14.62 24.20
C HIS B 312 20.40 14.94 24.26
N PRO B 313 19.84 15.61 23.24
CA PRO B 313 18.48 16.15 23.41
C PRO B 313 17.40 15.09 23.49
N LEU B 314 17.62 13.91 22.93
CA LEU B 314 16.61 12.85 22.96
C LEU B 314 16.70 11.97 24.21
N ALA B 315 17.60 12.27 25.14
CA ALA B 315 17.73 11.45 26.33
C ALA B 315 16.44 11.45 27.15
N THR B 316 15.71 12.55 27.11
CA THR B 316 14.44 12.62 27.83
C THR B 316 13.35 11.83 27.12
N LEU B 317 13.39 11.79 25.78
CA LEU B 317 12.37 11.06 25.05
C LEU B 317 12.61 9.55 25.08
N PHE B 318 13.83 9.11 25.39
CA PHE B 318 14.10 7.68 25.51
C PHE B 318 13.82 7.17 26.91
N LYS B 319 13.94 8.02 27.93
CA LYS B 319 13.51 7.60 29.27
C LYS B 319 12.02 7.33 29.28
N ILE B 320 11.25 8.11 28.53
CA ILE B 320 9.80 7.94 28.49
C ILE B 320 9.45 6.63 27.82
N LEU B 321 10.03 6.36 26.65
CA LEU B 321 9.76 5.11 25.95
C LEU B 321 10.25 3.91 26.76
N ALA B 322 11.44 4.02 27.34
CA ALA B 322 11.95 2.92 28.16
C ALA B 322 11.07 2.70 29.38
N SER B 323 10.70 3.77 30.08
CA SER B 323 9.82 3.64 31.23
C SER B 323 8.42 3.23 30.81
N PHE B 324 8.05 3.50 29.56
CA PHE B 324 6.79 3.01 29.02
C PHE B 324 6.93 1.58 28.51
N TYR B 325 8.14 1.21 28.06
CA TYR B 325 8.37 -0.13 27.56
C TYR B 325 8.34 -1.16 28.67
N ILE B 326 9.15 -0.96 29.72
CA ILE B 326 9.26 -1.97 30.76
C ILE B 326 7.96 -2.12 31.52
N SER B 327 7.17 -1.05 31.62
CA SER B 327 5.81 -1.18 32.12
C SER B 327 4.91 -1.92 31.15
N LEU B 328 5.25 -1.91 29.87
CA LEU B 328 4.60 -2.73 28.86
C LEU B 328 5.21 -4.12 28.76
N VAL B 329 6.05 -4.51 29.72
CA VAL B 329 6.64 -5.84 29.73
C VAL B 329 6.44 -6.56 31.06
N ILE B 330 6.20 -5.84 32.15
CA ILE B 330 5.82 -6.50 33.39
C ILE B 330 4.35 -6.89 33.34
N PHE B 331 3.51 -6.06 32.73
CA PHE B 331 2.13 -6.45 32.48
C PHE B 331 2.08 -7.66 31.54
N TYR B 332 3.01 -7.71 30.59
CA TYR B 332 3.24 -8.91 29.81
C TYR B 332 3.70 -10.05 30.71
N GLY B 333 4.68 -9.76 31.58
CA GLY B 333 5.22 -10.81 32.44
C GLY B 333 4.21 -11.31 33.45
N LEU B 334 3.27 -10.46 33.86
CA LEU B 334 2.22 -10.90 34.77
C LEU B 334 1.28 -11.88 34.08
N ILE B 335 1.12 -11.75 32.76
CA ILE B 335 0.28 -12.69 32.01
C ILE B 335 0.89 -14.09 32.07
N CYS B 336 2.17 -14.21 31.74
CA CYS B 336 2.79 -15.53 31.64
C CYS B 336 3.03 -16.17 33.00
N MET B 337 3.04 -15.37 34.08
CA MET B 337 3.23 -15.94 35.40
C MET B 337 2.01 -16.73 35.84
N TYR B 338 0.81 -16.17 35.67
CA TYR B 338 -0.41 -16.89 36.02
C TYR B 338 -0.57 -18.16 35.20
N THR B 339 -0.03 -18.18 33.98
CA THR B 339 -0.10 -19.35 33.13
C THR B 339 0.55 -20.56 33.80
N LEU B 340 1.81 -20.42 34.21
CA LEU B 340 2.50 -21.54 34.85
C LEU B 340 1.89 -21.88 36.20
N TRP B 341 1.34 -20.88 36.90
CA TRP B 341 0.49 -21.18 38.05
C TRP B 341 -0.68 -22.06 37.66
N TRP B 342 -1.23 -21.82 36.47
CA TRP B 342 -2.36 -22.57 35.93
C TRP B 342 -1.93 -23.81 35.18
N MET B 343 -0.72 -23.83 34.62
CA MET B 343 -0.25 -24.89 33.76
C MET B 343 0.40 -26.04 34.52
N LEU B 344 0.58 -25.91 35.83
CA LEU B 344 1.14 -26.95 36.69
C LEU B 344 0.22 -27.37 37.82
N ARG B 345 -0.57 -26.42 38.33
CA ARG B 345 -1.54 -26.74 39.38
C ARG B 345 -2.56 -27.76 38.89
N ARG B 346 -2.97 -27.65 37.63
CA ARG B 346 -4.01 -28.54 37.12
C ARG B 346 -3.48 -29.94 36.89
N SER B 347 -2.22 -30.07 36.48
CA SER B 347 -1.61 -31.36 36.18
C SER B 347 -2.42 -32.09 35.11
N LEU B 348 -2.53 -31.47 33.95
CA LEU B 348 -3.45 -31.93 32.89
C LEU B 348 -2.76 -32.91 31.95
N LYS B 349 -2.14 -33.92 32.54
CA LYS B 349 -1.60 -35.02 31.74
C LYS B 349 -2.72 -35.83 31.09
N LYS B 350 -3.89 -35.85 31.72
CA LYS B 350 -5.10 -36.44 31.16
C LYS B 350 -6.26 -35.48 31.37
N TYR B 351 -7.43 -35.88 30.86
CA TYR B 351 -8.66 -35.12 31.01
C TYR B 351 -9.48 -35.66 32.16
N SER B 352 -10.47 -34.86 32.59
CA SER B 352 -11.42 -35.23 33.64
C SER B 352 -12.83 -34.99 33.10
N PHE B 353 -13.46 -36.05 32.58
CA PHE B 353 -14.83 -36.00 32.10
C PHE B 353 -15.84 -36.25 33.22
N GLU B 354 -15.42 -36.19 34.48
CA GLU B 354 -16.30 -36.60 35.57
C GLU B 354 -17.42 -35.60 35.80
N SER B 355 -17.28 -34.36 35.32
CA SER B 355 -18.29 -33.34 35.57
C SER B 355 -19.45 -33.45 34.59
N ILE B 356 -19.24 -34.09 33.43
CA ILE B 356 -20.30 -34.28 32.43
C ILE B 356 -20.89 -35.68 32.48
N ARG B 357 -20.17 -36.67 33.03
CA ARG B 357 -20.68 -38.04 33.03
C ARG B 357 -21.97 -38.15 33.84
N GLU B 358 -22.19 -37.24 34.79
CA GLU B 358 -23.48 -37.15 35.45
C GLU B 358 -24.54 -36.59 34.52
N GLU B 359 -24.16 -35.63 33.67
CA GLU B 359 -25.13 -34.97 32.81
C GLU B 359 -25.59 -35.90 31.69
N SER B 360 -24.65 -36.57 31.03
CA SER B 360 -25.02 -37.55 30.00
C SER B 360 -25.57 -38.82 30.61
N SER B 361 -25.02 -39.24 31.75
CA SER B 361 -25.43 -40.47 32.43
C SER B 361 -25.27 -41.67 31.51
N TYR B 362 -24.10 -41.77 30.88
CA TYR B 362 -23.74 -42.88 30.01
C TYR B 362 -22.62 -43.74 30.59
N SER B 363 -21.54 -43.09 31.02
CA SER B 363 -20.40 -43.75 31.68
C SER B 363 -19.60 -44.65 30.74
N ASP B 364 -19.89 -44.62 29.44
CA ASP B 364 -19.13 -45.40 28.45
C ASP B 364 -18.00 -44.60 27.82
N ILE B 365 -17.66 -43.45 28.40
CA ILE B 365 -16.67 -42.52 27.84
C ILE B 365 -15.50 -42.45 28.80
N PRO B 366 -14.34 -43.02 28.48
CA PRO B 366 -13.21 -42.97 29.41
C PRO B 366 -12.31 -41.77 29.19
N ASP B 367 -11.49 -41.49 30.19
CA ASP B 367 -10.53 -40.40 30.10
C ASP B 367 -9.51 -40.67 29.01
N VAL B 368 -9.17 -39.63 28.25
CA VAL B 368 -8.15 -39.74 27.21
C VAL B 368 -6.79 -39.64 27.86
N LYS B 369 -5.83 -40.44 27.37
CA LYS B 369 -4.63 -40.72 28.16
C LYS B 369 -3.68 -39.53 28.19
N ASN B 370 -3.14 -39.14 27.03
CA ASN B 370 -2.13 -38.08 27.00
C ASN B 370 -2.11 -37.41 25.64
N ASP B 371 -2.03 -36.08 25.69
CA ASP B 371 -1.87 -35.21 24.52
C ASP B 371 -3.16 -35.06 23.71
N PHE B 372 -4.21 -35.79 24.07
CA PHE B 372 -5.55 -35.53 23.54
C PHE B 372 -6.36 -34.73 24.54
N ALA B 373 -6.03 -34.83 25.82
CA ALA B 373 -6.66 -34.00 26.84
C ALA B 373 -6.21 -32.56 26.73
N PHE B 374 -4.90 -32.33 26.69
CA PHE B 374 -4.37 -30.97 26.76
C PHE B 374 -4.82 -30.13 25.58
N MET B 375 -4.81 -30.71 24.38
CA MET B 375 -5.36 -30.00 23.22
C MET B 375 -6.84 -29.68 23.45
N LEU B 376 -7.56 -30.56 24.16
CA LEU B 376 -8.95 -30.33 24.50
C LEU B 376 -9.09 -29.46 25.74
N HIS B 377 -8.10 -29.48 26.63
CA HIS B 377 -8.24 -28.81 27.92
C HIS B 377 -8.28 -27.30 27.77
N LEU B 378 -7.52 -26.74 26.82
CA LEU B 378 -7.49 -25.31 26.63
C LEU B 378 -8.64 -24.81 25.77
N ILE B 379 -9.22 -25.67 24.93
CA ILE B 379 -10.41 -25.29 24.18
C ILE B 379 -11.61 -25.18 25.13
N ASP B 380 -11.63 -25.99 26.18
CA ASP B 380 -12.64 -25.83 27.23
C ASP B 380 -12.36 -24.59 28.07
N GLN B 381 -11.08 -24.26 28.26
CA GLN B 381 -10.72 -23.03 28.94
C GLN B 381 -11.04 -21.79 28.10
N TYR B 382 -11.04 -21.92 26.78
CA TYR B 382 -11.53 -20.87 25.90
C TYR B 382 -13.03 -20.67 26.08
N ASP B 383 -13.81 -21.73 25.82
CA ASP B 383 -15.26 -21.71 25.93
C ASP B 383 -15.69 -23.13 26.31
N PRO B 384 -16.51 -23.32 27.36
CA PRO B 384 -16.75 -24.68 27.84
C PRO B 384 -17.81 -25.47 27.07
N LEU B 385 -18.29 -24.97 25.93
CA LEU B 385 -19.29 -25.70 25.17
C LEU B 385 -18.65 -26.80 24.33
N TYR B 386 -17.49 -26.50 23.73
CA TYR B 386 -16.95 -27.36 22.68
C TYR B 386 -16.50 -28.71 23.21
N SER B 387 -16.37 -28.84 24.54
CA SER B 387 -16.01 -30.13 25.13
C SER B 387 -17.23 -31.00 25.37
N LYS B 388 -18.35 -30.42 25.79
CA LYS B 388 -19.53 -31.22 26.09
C LYS B 388 -20.20 -31.76 24.83
N ARG B 389 -20.02 -31.11 23.68
CA ARG B 389 -20.48 -31.69 22.43
C ARG B 389 -19.52 -32.75 21.91
N PHE B 390 -18.23 -32.64 22.24
CA PHE B 390 -17.25 -33.69 21.97
C PHE B 390 -17.23 -34.75 23.05
N ALA B 391 -18.01 -34.59 24.11
CA ALA B 391 -18.08 -35.54 25.21
C ALA B 391 -19.02 -36.71 24.93
N VAL B 392 -19.53 -36.85 23.70
CA VAL B 392 -20.48 -37.91 23.35
C VAL B 392 -19.92 -38.89 22.34
N PHE B 393 -19.01 -38.46 21.47
CA PHE B 393 -18.49 -39.32 20.42
C PHE B 393 -17.60 -40.45 20.94
N LEU B 394 -17.25 -40.44 22.21
CA LEU B 394 -16.39 -41.45 22.81
C LEU B 394 -17.17 -42.52 23.56
N SER B 395 -18.48 -42.34 23.72
CA SER B 395 -19.32 -43.25 24.50
C SER B 395 -19.87 -44.31 23.55
N GLU B 396 -19.61 -45.58 23.87
CA GLU B 396 -20.01 -46.65 22.97
C GLU B 396 -21.52 -46.82 22.95
N VAL B 397 -22.21 -46.46 24.03
CA VAL B 397 -23.67 -46.43 23.99
C VAL B 397 -24.12 -45.40 22.97
N SER B 398 -23.53 -44.22 22.97
CA SER B 398 -23.83 -43.22 21.94
C SER B 398 -23.45 -43.75 20.55
N GLU B 399 -22.30 -44.42 20.46
CA GLU B 399 -21.95 -45.09 19.21
C GLU B 399 -22.98 -46.14 18.84
N ASN B 400 -23.48 -46.89 19.84
CA ASN B 400 -24.51 -47.87 19.57
C ASN B 400 -25.80 -47.20 19.12
N LYS B 401 -26.24 -46.17 19.84
CA LYS B 401 -27.45 -45.45 19.44
C LYS B 401 -27.27 -44.79 18.08
N LEU B 402 -26.04 -44.40 17.75
CA LEU B 402 -25.76 -43.89 16.41
C LEU B 402 -25.77 -45.01 15.38
N ARG B 403 -25.39 -46.22 15.80
CA ARG B 403 -25.34 -47.35 14.89
C ARG B 403 -26.73 -47.79 14.47
N GLN B 404 -27.74 -47.54 15.31
CA GLN B 404 -29.11 -47.94 15.03
C GLN B 404 -29.63 -47.31 13.74
N PRO C 15 1.55 -22.18 -4.29
CA PRO C 15 0.41 -23.10 -4.22
C PRO C 15 0.62 -24.19 -3.17
N ALA C 16 -0.01 -25.35 -3.34
CA ALA C 16 0.13 -26.45 -2.38
C ALA C 16 1.50 -27.10 -2.54
N TYR C 17 2.50 -26.44 -1.97
CA TYR C 17 3.87 -26.92 -1.90
C TYR C 17 4.44 -26.87 -0.48
N ARG C 18 3.60 -26.56 0.51
CA ARG C 18 4.07 -26.44 1.89
C ARG C 18 4.61 -27.78 2.39
N ILE C 19 3.88 -28.87 2.13
CA ILE C 19 4.35 -30.20 2.53
C ILE C 19 5.65 -30.54 1.82
N LEU C 20 5.88 -30.00 0.63
CA LEU C 20 7.06 -30.36 -0.16
C LEU C 20 8.35 -29.78 0.39
N LYS C 21 8.29 -28.97 1.45
CA LYS C 21 9.48 -28.32 2.00
C LYS C 21 9.80 -28.92 3.37
N PRO C 22 10.92 -29.61 3.55
CA PRO C 22 11.23 -30.21 4.86
C PRO C 22 11.40 -29.16 5.95
N TRP C 23 11.63 -29.66 7.16
CA TRP C 23 11.72 -28.79 8.33
C TRP C 23 12.88 -27.83 8.23
N TRP C 24 14.00 -28.28 7.66
CA TRP C 24 15.19 -27.45 7.63
C TRP C 24 15.06 -26.30 6.63
N ASP C 25 14.34 -26.52 5.54
CA ASP C 25 14.10 -25.46 4.57
C ASP C 25 12.95 -24.55 4.99
N VAL C 26 12.41 -24.73 6.20
CA VAL C 26 11.42 -23.78 6.73
C VAL C 26 12.12 -22.72 7.58
N PHE C 27 13.05 -23.16 8.44
CA PHE C 27 13.92 -22.23 9.15
C PHE C 27 14.62 -21.28 8.19
N THR C 28 15.05 -21.81 7.03
CA THR C 28 15.90 -21.05 6.14
C THR C 28 15.14 -19.90 5.47
N ASP C 29 13.85 -20.08 5.22
CA ASP C 29 13.10 -19.04 4.51
C ASP C 29 12.94 -17.80 5.37
N TYR C 30 12.87 -17.96 6.70
CA TYR C 30 12.82 -16.81 7.59
C TYR C 30 14.19 -16.16 7.72
N ILE C 31 15.24 -16.98 7.85
CA ILE C 31 16.59 -16.44 7.96
C ILE C 31 16.95 -15.64 6.73
N SER C 32 16.49 -16.07 5.55
CA SER C 32 16.84 -15.36 4.33
C SER C 32 16.00 -14.10 4.14
N ILE C 33 15.11 -13.81 5.10
CA ILE C 33 14.42 -12.51 5.11
C ILE C 33 15.16 -11.53 6.02
N VAL C 34 15.39 -11.93 7.28
CA VAL C 34 16.09 -11.05 8.22
C VAL C 34 17.50 -10.74 7.73
N MET C 35 18.10 -11.63 6.94
CA MET C 35 19.34 -11.27 6.25
C MET C 35 19.11 -10.09 5.31
N LEU C 36 17.91 -10.01 4.72
CA LEU C 36 17.61 -8.92 3.79
C LEU C 36 17.19 -7.66 4.54
N MET C 37 16.54 -7.82 5.70
CA MET C 37 16.09 -6.67 6.46
C MET C 37 17.26 -5.81 6.93
N ILE C 38 18.38 -6.44 7.25
CA ILE C 38 19.59 -5.69 7.63
C ILE C 38 20.43 -5.32 6.44
N ALA C 39 19.93 -5.49 5.21
CA ALA C 39 20.58 -5.00 4.01
C ALA C 39 19.88 -3.77 3.44
N VAL C 40 18.57 -3.68 3.63
CA VAL C 40 17.85 -2.46 3.27
C VAL C 40 17.92 -1.42 4.38
N PHE C 41 17.97 -1.86 5.64
CA PHE C 41 18.13 -0.92 6.74
C PHE C 41 19.54 -0.36 6.78
N GLY C 42 20.53 -1.20 6.53
CA GLY C 42 21.90 -0.71 6.42
C GLY C 42 22.13 0.07 5.14
N GLY C 43 21.25 -0.09 4.15
CA GLY C 43 21.45 0.57 2.87
C GLY C 43 20.83 1.95 2.85
N THR C 44 19.60 2.08 3.33
CA THR C 44 18.97 3.40 3.46
C THR C 44 19.78 4.29 4.39
N LEU C 45 20.43 3.69 5.39
CA LEU C 45 21.25 4.41 6.35
C LEU C 45 22.64 4.73 5.81
N GLN C 46 23.00 4.23 4.63
CA GLN C 46 24.32 4.44 4.05
C GLN C 46 24.31 5.43 2.89
N VAL C 47 23.14 5.63 2.27
CA VAL C 47 23.02 6.62 1.21
C VAL C 47 22.50 7.94 1.77
N THR C 48 21.57 7.88 2.72
CA THR C 48 21.10 9.08 3.40
C THR C 48 22.24 9.77 4.13
N GLN C 49 23.19 8.98 4.64
CA GLN C 49 24.24 9.47 5.53
C GLN C 49 25.43 8.56 5.25
N ASP C 50 26.33 8.36 6.22
CA ASP C 50 27.65 7.74 6.00
C ASP C 50 28.60 8.74 5.35
N LYS C 51 28.46 10.00 5.73
CA LYS C 51 29.47 11.00 5.47
C LYS C 51 30.71 10.69 6.28
N MET C 52 31.80 11.36 5.91
CA MET C 52 33.03 11.35 6.67
C MET C 52 33.37 12.76 7.12
N ILE C 53 33.86 12.87 8.34
CA ILE C 53 34.43 14.11 8.87
C ILE C 53 35.94 13.98 8.72
N CYS C 54 36.61 15.10 8.43
CA CYS C 54 38.04 15.10 8.19
C CYS C 54 38.63 16.43 8.61
N LEU C 55 39.67 16.36 9.44
CA LEU C 55 40.43 17.50 9.88
C LEU C 55 41.88 17.35 9.45
N PRO C 56 42.58 18.42 9.10
CA PRO C 56 44.01 18.29 8.81
C PRO C 56 44.82 18.18 10.09
N CYS C 57 46.04 17.68 9.94
CA CYS C 57 46.99 17.56 11.04
C CYS C 57 48.18 18.47 10.74
N LYS C 58 48.26 19.58 11.48
CA LYS C 58 49.33 20.55 11.27
C LYS C 58 50.70 19.93 11.52
N TRP C 59 50.84 19.16 12.59
CA TRP C 59 52.08 18.46 12.92
C TRP C 59 51.92 17.00 12.56
N VAL C 60 52.89 16.45 11.83
CA VAL C 60 52.83 15.10 11.30
C VAL C 60 54.23 14.52 11.26
N THR C 61 54.32 13.20 11.47
CA THR C 61 55.58 12.47 11.39
C THR C 61 55.33 11.17 10.63
N LYS C 62 55.75 11.13 9.37
CA LYS C 62 55.62 9.95 8.52
C LYS C 62 54.15 9.56 8.37
N ASP C 63 53.37 10.49 7.83
CA ASP C 63 51.96 10.27 7.52
C ASP C 63 51.18 9.80 8.74
N SER C 64 51.50 10.38 9.90
CA SER C 64 50.85 10.03 11.15
C SER C 64 50.76 11.26 12.03
N CYS C 65 49.55 11.55 12.50
CA CYS C 65 49.30 12.72 13.36
C CYS C 65 49.91 12.44 14.72
N ASN C 66 51.16 12.89 14.92
CA ASN C 66 51.94 12.47 16.08
C ASN C 66 51.32 12.95 17.39
N ASP C 67 51.36 14.26 17.65
CA ASP C 67 50.78 14.85 18.84
C ASP C 67 51.07 16.35 18.81
N SER C 68 50.40 17.08 19.72
CA SER C 68 50.69 18.49 19.95
C SER C 68 49.84 19.01 21.11
N THR C 92 46.65 31.80 29.17
CA THR C 92 46.77 30.67 30.09
C THR C 92 45.88 29.52 29.65
N GLY C 93 44.56 29.75 29.69
CA GLY C 93 43.61 28.74 29.26
C GLY C 93 43.78 28.43 27.79
N PRO C 94 43.46 27.20 27.38
CA PRO C 94 43.71 26.81 25.99
C PRO C 94 42.74 27.50 25.04
N THR C 95 43.09 27.44 23.76
CA THR C 95 42.29 28.06 22.70
C THR C 95 42.27 27.15 21.49
N GLY C 96 41.30 27.39 20.62
CA GLY C 96 41.15 26.58 19.44
C GLY C 96 42.29 26.75 18.47
N ILE C 97 42.40 25.79 17.55
CA ILE C 97 43.35 25.83 16.46
C ILE C 97 42.61 26.30 15.22
N LYS C 98 43.24 27.20 14.48
CA LYS C 98 42.65 27.80 13.28
C LYS C 98 43.41 27.30 12.06
N TYR C 99 42.73 26.51 11.23
CA TYR C 99 43.28 26.01 9.99
C TYR C 99 43.02 26.94 8.80
N ASP C 100 42.17 27.96 8.98
CA ASP C 100 41.84 28.92 7.92
C ASP C 100 41.28 28.21 6.71
N LEU C 101 40.27 27.38 6.94
CA LEU C 101 39.56 26.64 5.90
C LEU C 101 38.08 26.97 5.96
N ASP C 102 37.46 27.11 4.79
CA ASP C 102 36.03 27.31 4.71
C ASP C 102 35.32 25.96 4.78
N ARG C 103 34.01 25.98 4.49
CA ARG C 103 33.22 24.77 4.61
C ARG C 103 33.37 23.89 3.36
N HIS C 104 33.60 24.51 2.20
CA HIS C 104 33.67 23.73 0.97
C HIS C 104 35.00 22.99 0.85
N GLN C 105 36.05 23.48 1.50
CA GLN C 105 37.30 22.74 1.50
C GLN C 105 37.22 21.54 2.43
N TYR C 106 36.46 21.67 3.52
CA TYR C 106 36.19 20.53 4.38
C TYR C 106 35.28 19.54 3.68
N ASN C 107 34.35 20.04 2.86
CA ASN C 107 33.41 19.15 2.18
C ASN C 107 34.04 18.50 0.95
N TYR C 108 35.09 19.13 0.41
CA TYR C 108 35.80 18.52 -0.71
C TYR C 108 36.70 17.40 -0.25
N VAL C 109 37.39 17.60 0.88
CA VAL C 109 38.35 16.60 1.35
C VAL C 109 37.64 15.40 1.93
N ASP C 110 36.40 15.58 2.40
CA ASP C 110 35.61 14.43 2.84
C ASP C 110 35.33 13.48 1.70
N ALA C 111 34.94 14.00 0.54
CA ALA C 111 34.64 13.15 -0.61
C ALA C 111 35.87 12.40 -1.06
N VAL C 112 37.01 13.09 -1.13
CA VAL C 112 38.27 12.46 -1.52
C VAL C 112 38.63 11.35 -0.54
N CYS C 113 38.65 11.66 0.76
CA CYS C 113 39.05 10.68 1.75
C CYS C 113 37.95 9.66 2.04
N TYR C 114 36.77 9.83 1.41
CA TYR C 114 35.73 8.80 1.47
C TYR C 114 35.74 7.93 0.22
N GLU C 115 36.27 8.46 -0.88
CA GLU C 115 36.32 7.70 -2.12
C GLU C 115 37.59 6.88 -2.22
N ASN C 116 38.72 7.46 -1.82
CA ASN C 116 40.02 6.84 -2.03
C ASN C 116 40.49 6.05 -0.83
N ARG C 117 40.66 6.69 0.33
CA ARG C 117 41.18 6.03 1.52
C ARG C 117 40.07 5.50 2.41
N LEU C 118 39.14 4.73 1.85
CA LEU C 118 38.18 3.97 2.63
C LEU C 118 37.86 2.70 1.88
N HIS C 119 37.84 1.57 2.59
CA HIS C 119 37.71 0.29 1.93
C HIS C 119 36.31 0.14 1.33
N TRP C 120 36.27 -0.47 0.15
CA TRP C 120 35.00 -0.67 -0.56
C TRP C 120 34.02 -1.50 0.25
N PHE C 121 34.52 -2.33 1.17
CA PHE C 121 33.64 -3.19 1.93
C PHE C 121 32.80 -2.39 2.92
N ALA C 122 33.35 -1.30 3.45
CA ALA C 122 32.62 -0.49 4.42
C ALA C 122 31.50 0.28 3.74
N LYS C 123 31.69 0.66 2.48
CA LYS C 123 30.73 1.51 1.79
C LYS C 123 29.63 0.68 1.13
N TYR C 124 29.95 -0.57 0.74
CA TYR C 124 29.08 -1.39 -0.08
C TYR C 124 28.55 -2.62 0.64
N PHE C 125 28.89 -2.80 1.92
CA PHE C 125 28.35 -3.89 2.73
C PHE C 125 26.84 -4.05 2.64
N PRO C 126 26.02 -2.98 2.72
CA PRO C 126 24.57 -3.19 2.64
C PRO C 126 24.10 -3.61 1.26
N TYR C 127 24.77 -3.15 0.21
CA TYR C 127 24.38 -3.56 -1.14
C TYR C 127 24.87 -4.97 -1.43
N LEU C 128 25.88 -5.45 -0.69
CA LEU C 128 26.51 -6.72 -1.00
C LEU C 128 25.75 -7.88 -0.36
N VAL C 129 25.29 -7.71 0.87
CA VAL C 129 24.51 -8.77 1.51
C VAL C 129 23.16 -8.90 0.84
N LEU C 130 22.65 -7.82 0.24
CA LEU C 130 21.42 -7.90 -0.54
C LEU C 130 21.62 -8.76 -1.77
N LEU C 131 22.70 -8.51 -2.53
CA LEU C 131 22.99 -9.30 -3.71
C LEU C 131 23.14 -10.78 -3.37
N HIS C 132 23.74 -11.08 -2.22
CA HIS C 132 24.00 -12.47 -1.87
C HIS C 132 22.73 -13.15 -1.35
N THR C 133 21.97 -12.46 -0.49
CA THR C 133 20.77 -13.08 0.07
C THR C 133 19.71 -13.29 -1.00
N LEU C 134 19.74 -12.47 -2.06
CA LEU C 134 18.83 -12.67 -3.17
C LEU C 134 19.19 -13.93 -3.94
N ILE C 135 20.48 -14.27 -3.98
CA ILE C 135 20.92 -15.51 -4.61
C ILE C 135 20.54 -16.71 -3.74
N PHE C 136 20.94 -16.68 -2.48
CA PHE C 136 20.55 -17.67 -1.48
C PHE C 136 19.05 -17.90 -1.47
N LEU C 137 18.27 -16.84 -1.69
CA LEU C 137 16.82 -16.94 -1.73
C LEU C 137 16.32 -17.45 -3.07
N ALA C 138 16.76 -16.83 -4.17
CA ALA C 138 16.20 -17.16 -5.47
C ALA C 138 16.60 -18.55 -5.94
N CYS C 139 17.77 -19.03 -5.51
CA CYS C 139 18.18 -20.38 -5.87
C CYS C 139 17.20 -21.41 -5.32
N SER C 140 16.66 -21.16 -4.13
CA SER C 140 15.70 -22.09 -3.54
C SER C 140 14.47 -22.25 -4.43
N ASN C 141 13.98 -21.14 -4.98
CA ASN C 141 12.74 -21.12 -5.73
C ASN C 141 12.92 -21.29 -7.23
N PHE C 142 14.16 -21.27 -7.72
CA PHE C 142 14.39 -21.51 -9.15
C PHE C 142 13.98 -22.93 -9.54
N TRP C 143 14.06 -23.87 -8.60
CA TRP C 143 13.62 -25.24 -8.84
C TRP C 143 12.11 -25.33 -9.03
N PHE C 144 11.35 -24.29 -8.67
CA PHE C 144 9.91 -24.27 -8.87
C PHE C 144 9.49 -23.52 -10.13
N LYS C 145 10.41 -22.84 -10.83
CA LYS C 145 10.08 -22.01 -11.97
C LYS C 145 10.48 -22.62 -13.31
N PHE C 146 11.53 -23.42 -13.34
CA PHE C 146 12.00 -24.00 -14.58
C PHE C 146 10.98 -25.02 -15.07
N PRO C 147 10.35 -24.83 -16.25
CA PRO C 147 9.16 -25.63 -16.57
C PRO C 147 9.44 -27.11 -16.76
N ARG C 148 10.68 -27.49 -17.06
CA ARG C 148 11.00 -28.91 -17.18
C ARG C 148 10.81 -29.64 -15.86
N THR C 149 10.93 -28.92 -14.74
CA THR C 149 10.83 -29.50 -13.40
C THR C 149 9.60 -29.05 -12.63
N SER C 150 9.11 -27.83 -12.87
CA SER C 150 7.88 -27.41 -12.20
C SER C 150 6.71 -28.29 -12.59
N SER C 151 6.68 -28.76 -13.84
CA SER C 151 5.60 -29.61 -14.30
C SER C 151 5.56 -30.92 -13.52
N LYS C 152 6.73 -31.53 -13.28
CA LYS C 152 6.77 -32.80 -12.56
C LYS C 152 6.28 -32.63 -11.13
N LEU C 153 6.73 -31.57 -10.46
CA LEU C 153 6.22 -31.26 -9.13
C LEU C 153 4.74 -30.93 -9.16
N GLU C 154 4.25 -30.39 -10.28
CA GLU C 154 2.92 -29.80 -10.30
C GLU C 154 1.84 -30.87 -10.16
N HIS C 155 2.05 -32.04 -10.77
CA HIS C 155 1.07 -33.13 -10.69
C HIS C 155 1.44 -34.21 -9.67
N PHE C 156 2.70 -34.31 -9.26
CA PHE C 156 3.03 -35.28 -8.23
C PHE C 156 2.33 -34.96 -6.92
N VAL C 157 2.43 -33.70 -6.46
CA VAL C 157 1.75 -33.32 -5.24
C VAL C 157 0.24 -33.42 -5.40
N SER C 158 -0.24 -33.30 -6.64
CA SER C 158 -1.67 -33.40 -6.89
C SER C 158 -2.21 -34.79 -6.57
N ILE C 159 -1.53 -35.85 -7.03
CA ILE C 159 -2.05 -37.19 -6.83
C ILE C 159 -1.88 -37.63 -5.38
N LEU C 160 -0.87 -37.09 -4.68
CA LEU C 160 -0.72 -37.40 -3.26
C LEU C 160 -1.77 -36.67 -2.42
N LEU C 161 -2.13 -35.45 -2.81
CA LEU C 161 -3.08 -34.68 -2.03
C LEU C 161 -4.46 -35.30 -2.08
N LYS C 162 -4.81 -35.93 -3.21
CA LYS C 162 -6.08 -36.63 -3.32
C LYS C 162 -6.03 -37.98 -2.61
N CYS C 163 -4.93 -38.73 -2.80
CA CYS C 163 -4.82 -40.06 -2.21
C CYS C 163 -4.83 -39.99 -0.69
N PHE C 164 -4.37 -38.89 -0.10
CA PHE C 164 -4.49 -38.70 1.34
C PHE C 164 -5.94 -38.76 1.77
N ASP C 165 -6.84 -38.14 1.00
CA ASP C 165 -8.28 -38.19 1.25
C ASP C 165 -8.87 -39.28 0.35
N SER C 166 -8.88 -40.49 0.88
CA SER C 166 -9.34 -41.67 0.15
C SER C 166 -10.05 -42.62 1.11
N PRO C 167 -11.36 -42.87 0.97
CA PRO C 167 -12.01 -43.84 1.86
C PRO C 167 -11.42 -45.23 1.82
N TRP C 168 -10.91 -45.69 0.67
CA TRP C 168 -10.38 -47.05 0.60
C TRP C 168 -9.12 -47.22 1.45
N THR C 169 -8.35 -46.15 1.64
CA THR C 169 -7.14 -46.24 2.46
C THR C 169 -7.49 -46.57 3.90
N THR C 170 -8.69 -46.19 4.35
CA THR C 170 -9.13 -46.53 5.69
C THR C 170 -9.18 -48.05 5.88
N ARG C 171 -9.83 -48.75 4.95
CA ARG C 171 -9.95 -50.20 5.06
C ARG C 171 -8.60 -50.87 4.87
N ALA C 172 -7.82 -50.43 3.88
CA ALA C 172 -6.54 -51.06 3.60
C ALA C 172 -5.56 -50.83 4.74
N LEU C 173 -5.57 -49.64 5.33
CA LEU C 173 -4.71 -49.37 6.49
C LEU C 173 -5.11 -50.24 7.68
N SER C 174 -6.39 -50.60 7.78
CA SER C 174 -6.88 -51.45 8.87
C SER C 174 -6.94 -52.91 8.43
N GLU C 236 -19.24 -47.53 -6.63
CA GLU C 236 -18.73 -46.88 -7.83
C GLU C 236 -17.20 -46.87 -7.82
N GLY C 237 -16.61 -47.99 -7.43
CA GLY C 237 -15.17 -48.12 -7.37
C GLY C 237 -14.44 -47.96 -8.69
N GLU C 238 -15.16 -48.00 -9.81
CA GLU C 238 -14.52 -47.83 -11.11
C GLU C 238 -13.89 -46.45 -11.25
N GLN C 239 -14.47 -45.45 -10.59
CA GLN C 239 -13.82 -44.15 -10.52
C GLN C 239 -12.47 -44.25 -9.80
N ALA C 240 -12.42 -45.05 -8.72
CA ALA C 240 -11.18 -45.25 -8.02
C ALA C 240 -10.22 -46.13 -8.81
N LYS C 241 -10.74 -46.91 -9.76
CA LYS C 241 -9.86 -47.69 -10.63
C LYS C 241 -9.06 -46.78 -11.55
N ALA C 242 -9.68 -45.72 -12.05
CA ALA C 242 -8.96 -44.75 -12.88
C ALA C 242 -7.80 -44.13 -12.12
N LEU C 243 -7.97 -43.92 -10.82
CA LEU C 243 -6.86 -43.45 -9.99
C LEU C 243 -5.71 -44.45 -10.00
N PHE C 244 -6.02 -45.74 -9.80
CA PHE C 244 -4.98 -46.77 -9.85
C PHE C 244 -4.27 -46.78 -11.20
N GLU C 245 -5.00 -46.54 -12.29
CA GLU C 245 -4.37 -46.48 -13.60
C GLU C 245 -3.66 -45.16 -13.80
N LYS C 246 -4.17 -44.08 -13.21
CA LYS C 246 -3.48 -42.79 -13.24
C LYS C 246 -2.11 -42.89 -12.56
N VAL C 247 -2.09 -43.39 -11.32
CA VAL C 247 -0.83 -43.44 -10.58
C VAL C 247 0.09 -44.52 -11.14
N LYS C 248 -0.46 -45.55 -11.78
CA LYS C 248 0.38 -46.49 -12.50
C LYS C 248 0.98 -45.83 -13.74
N LYS C 249 0.20 -45.02 -14.43
CA LYS C 249 0.74 -44.26 -15.56
C LYS C 249 1.73 -43.20 -15.08
N PHE C 250 1.36 -42.46 -14.03
CA PHE C 250 2.24 -41.40 -13.54
C PHE C 250 3.50 -41.98 -12.91
N ARG C 251 3.47 -43.25 -12.52
CA ARG C 251 4.71 -43.91 -12.10
C ARG C 251 5.58 -44.25 -13.31
N THR C 252 4.98 -44.80 -14.36
CA THR C 252 5.72 -45.12 -15.58
C THR C 252 6.03 -43.88 -16.41
N HIS C 253 5.44 -42.73 -16.07
CA HIS C 253 5.69 -41.50 -16.83
C HIS C 253 6.94 -40.79 -16.32
N VAL C 254 7.17 -40.81 -15.01
CA VAL C 254 8.26 -40.09 -14.37
C VAL C 254 9.44 -41.00 -14.06
N GLU C 255 9.38 -42.27 -14.44
CA GLU C 255 10.36 -43.26 -14.00
C GLU C 255 11.65 -43.24 -14.80
N GLU C 256 11.76 -42.42 -15.84
CA GLU C 256 12.94 -42.38 -16.70
C GLU C 256 13.88 -41.28 -16.23
N GLY C 257 14.81 -41.63 -15.35
CA GLY C 257 15.87 -40.74 -14.96
C GLY C 257 15.50 -39.83 -13.80
N ASP C 258 16.47 -38.99 -13.44
CA ASP C 258 16.36 -38.05 -12.33
C ASP C 258 16.65 -36.65 -12.85
N ILE C 259 15.69 -35.74 -12.65
CA ILE C 259 15.83 -34.34 -13.01
C ILE C 259 15.60 -33.44 -11.80
N VAL C 260 14.54 -33.70 -11.03
CA VAL C 260 14.30 -32.93 -9.82
C VAL C 260 15.29 -33.31 -8.73
N TYR C 261 15.67 -34.59 -8.69
CA TYR C 261 16.73 -35.02 -7.79
C TYR C 261 18.08 -34.48 -8.27
N ARG C 262 18.18 -34.11 -9.55
CA ARG C 262 19.39 -33.43 -10.04
C ARG C 262 19.40 -31.97 -9.63
N LEU C 263 18.30 -31.25 -9.87
CA LEU C 263 18.28 -29.83 -9.54
C LEU C 263 18.34 -29.60 -8.04
N TYR C 264 17.46 -30.26 -7.28
CA TYR C 264 17.45 -30.08 -5.82
C TYR C 264 18.76 -30.51 -5.19
N MET C 265 19.54 -31.35 -5.89
CA MET C 265 20.89 -31.66 -5.44
C MET C 265 21.86 -30.55 -5.83
N ARG C 266 21.59 -29.86 -6.93
CA ARG C 266 22.42 -28.71 -7.30
C ARG C 266 22.25 -27.56 -6.31
N GLN C 267 21.02 -27.35 -5.84
CA GLN C 267 20.72 -26.20 -4.99
C GLN C 267 21.49 -26.28 -3.68
N THR C 268 21.55 -27.47 -3.09
CA THR C 268 22.30 -27.67 -1.86
C THR C 268 23.77 -27.95 -2.12
N ILE C 269 24.19 -28.05 -3.38
CA ILE C 269 25.61 -28.04 -3.71
C ILE C 269 26.10 -26.61 -3.88
N ILE C 270 25.24 -25.71 -4.37
CA ILE C 270 25.63 -24.32 -4.62
C ILE C 270 25.25 -23.37 -3.48
N LYS C 271 24.33 -23.76 -2.60
CA LYS C 271 24.06 -23.01 -1.39
C LYS C 271 24.89 -23.47 -0.20
N VAL C 272 25.95 -24.24 -0.46
CA VAL C 272 26.99 -24.52 0.52
C VAL C 272 28.31 -23.89 0.11
N ILE C 273 28.58 -23.85 -1.20
CA ILE C 273 29.80 -23.23 -1.69
C ILE C 273 29.76 -21.72 -1.45
N LYS C 274 28.57 -21.12 -1.56
CA LYS C 274 28.46 -19.69 -1.30
C LYS C 274 28.77 -19.36 0.15
N PHE C 275 28.12 -20.06 1.08
CA PHE C 275 28.46 -19.96 2.49
C PHE C 275 29.95 -20.14 2.72
N ALA C 276 30.56 -21.08 2.00
CA ALA C 276 32.00 -21.28 2.13
C ALA C 276 32.77 -20.15 1.44
N LEU C 277 32.14 -19.46 0.49
CA LEU C 277 32.75 -18.29 -0.14
C LEU C 277 32.53 -17.02 0.67
N ILE C 278 31.35 -16.89 1.28
CA ILE C 278 31.05 -15.73 2.11
C ILE C 278 32.09 -15.60 3.23
N ILE C 279 32.30 -16.67 4.00
CA ILE C 279 33.21 -16.62 5.13
C ILE C 279 34.65 -16.36 4.68
N CYS C 280 34.97 -16.68 3.42
CA CYS C 280 36.34 -16.47 2.94
C CYS C 280 36.67 -14.98 2.86
N TYR C 281 35.66 -14.13 2.58
CA TYR C 281 35.88 -12.71 2.39
C TYR C 281 35.26 -11.83 3.47
N THR C 282 34.11 -12.23 4.03
CA THR C 282 33.43 -11.40 5.01
C THR C 282 34.11 -11.39 6.38
N VAL C 283 34.85 -12.45 6.71
CA VAL C 283 35.66 -12.46 7.92
C VAL C 283 37.01 -11.81 7.72
N TYR C 284 37.52 -11.82 6.48
CA TYR C 284 38.82 -11.27 6.16
C TYR C 284 38.80 -9.77 5.89
N TYR C 285 37.61 -9.15 5.79
CA TYR C 285 37.48 -7.74 5.47
C TYR C 285 36.66 -6.94 6.47
N VAL C 286 36.21 -7.54 7.59
CA VAL C 286 35.43 -6.77 8.55
C VAL C 286 36.33 -5.87 9.38
N HIS C 287 37.57 -6.24 9.60
CA HIS C 287 38.49 -5.34 10.32
C HIS C 287 38.83 -4.10 9.52
N ASN C 288 38.55 -4.08 8.21
CA ASN C 288 38.84 -2.91 7.40
C ASN C 288 37.98 -1.72 7.83
N ILE C 289 36.76 -1.97 8.27
CA ILE C 289 35.87 -0.89 8.67
C ILE C 289 36.26 -0.50 10.11
N LYS C 290 36.40 0.80 10.35
CA LYS C 290 36.78 1.28 11.67
C LYS C 290 36.51 2.78 11.73
N PHE C 291 36.22 3.25 12.95
CA PHE C 291 35.90 4.65 13.16
C PHE C 291 37.04 5.57 12.74
N ASP C 292 38.18 5.46 13.42
CA ASP C 292 39.32 6.34 13.15
C ASP C 292 39.94 5.96 11.81
N VAL C 293 40.02 6.94 10.91
CA VAL C 293 40.64 6.78 9.61
C VAL C 293 41.64 7.91 9.42
N ASP C 294 42.82 7.57 8.91
CA ASP C 294 43.83 8.55 8.49
C ASP C 294 43.97 8.44 6.98
N CYS C 295 43.93 9.58 6.30
CA CYS C 295 44.06 9.63 4.85
C CYS C 295 45.14 10.62 4.45
N THR C 296 45.69 10.42 3.26
CA THR C 296 46.76 11.23 2.70
C THR C 296 46.67 11.13 1.19
N VAL C 297 46.28 12.22 0.55
CA VAL C 297 45.72 12.19 -0.80
C VAL C 297 46.37 13.18 -1.75
N ASP C 298 47.30 14.01 -1.27
CA ASP C 298 48.11 14.86 -2.13
C ASP C 298 47.25 15.88 -2.90
N ILE C 299 46.57 16.74 -2.15
CA ILE C 299 45.80 17.84 -2.71
C ILE C 299 46.20 19.14 -2.04
N GLU C 300 47.49 19.26 -1.70
CA GLU C 300 48.03 20.49 -1.12
C GLU C 300 47.67 21.74 -1.93
N SER C 301 47.54 21.59 -3.25
CA SER C 301 47.33 22.74 -4.11
C SER C 301 46.01 23.45 -3.82
N LEU C 302 45.05 22.75 -3.22
CA LEU C 302 43.71 23.28 -3.02
C LEU C 302 43.48 23.71 -1.58
N THR C 303 43.81 22.82 -0.64
CA THR C 303 43.58 23.11 0.78
C THR C 303 44.82 23.70 1.42
N GLY C 304 45.97 23.09 1.22
CA GLY C 304 47.22 23.50 1.83
C GLY C 304 47.87 22.48 2.73
N TYR C 305 47.20 21.35 2.98
CA TYR C 305 47.70 20.32 3.88
C TYR C 305 47.92 19.03 3.12
N ARG C 306 48.73 18.14 3.70
CA ARG C 306 49.02 16.83 3.13
C ARG C 306 48.11 15.75 3.68
N THR C 307 48.11 15.58 5.00
CA THR C 307 47.43 14.48 5.68
C THR C 307 46.24 15.01 6.44
N TYR C 308 45.20 14.20 6.52
CA TYR C 308 43.97 14.56 7.20
C TYR C 308 43.48 13.37 8.02
N ARG C 309 43.42 13.55 9.33
CA ARG C 309 42.73 12.61 10.19
C ARG C 309 41.24 12.73 9.93
N CYS C 310 40.55 11.60 9.95
CA CYS C 310 39.14 11.55 9.63
C CYS C 310 38.41 10.63 10.62
N ALA C 311 37.09 10.56 10.46
CA ALA C 311 36.23 9.77 11.30
C ALA C 311 35.05 9.26 10.48
N HIS C 312 34.68 8.01 10.72
CA HIS C 312 33.57 7.34 10.06
C HIS C 312 32.57 6.94 11.13
N PRO C 313 31.52 7.73 11.39
CA PRO C 313 30.71 7.47 12.59
C PRO C 313 29.91 6.20 12.55
N LEU C 314 29.57 5.69 11.38
CA LEU C 314 28.79 4.47 11.26
C LEU C 314 29.63 3.21 11.25
N ALA C 315 30.96 3.31 11.41
CA ALA C 315 31.81 2.13 11.39
C ALA C 315 31.44 1.18 12.52
N THR C 316 30.99 1.73 13.64
CA THR C 316 30.60 0.87 14.76
C THR C 316 29.26 0.20 14.49
N LEU C 317 28.35 0.88 13.80
CA LEU C 317 27.05 0.28 13.51
C LEU C 317 27.11 -0.75 12.41
N PHE C 318 28.16 -0.73 11.58
CA PHE C 318 28.33 -1.76 10.55
C PHE C 318 29.04 -2.99 11.06
N LYS C 319 29.92 -2.84 12.06
CA LYS C 319 30.50 -4.01 12.70
C LYS C 319 29.43 -4.84 13.38
N ILE C 320 28.42 -4.18 13.95
CA ILE C 320 27.35 -4.89 14.62
C ILE C 320 26.51 -5.67 13.63
N LEU C 321 26.09 -5.02 12.54
CA LEU C 321 25.31 -5.71 11.53
C LEU C 321 26.11 -6.83 10.87
N ALA C 322 27.38 -6.55 10.55
CA ALA C 322 28.22 -7.58 9.95
C ALA C 322 28.42 -8.75 10.91
N SER C 323 28.73 -8.46 12.17
CA SER C 323 28.89 -9.52 13.16
C SER C 323 27.56 -10.19 13.47
N PHE C 324 26.45 -9.49 13.23
CA PHE C 324 25.13 -10.11 13.35
C PHE C 324 24.76 -10.85 12.07
N TYR C 325 25.28 -10.39 10.94
CA TYR C 325 24.98 -11.04 9.66
C TYR C 325 25.64 -12.40 9.56
N ILE C 326 26.95 -12.46 9.75
CA ILE C 326 27.68 -13.70 9.54
C ILE C 326 27.26 -14.75 10.57
N SER C 327 26.87 -14.33 11.76
CA SER C 327 26.24 -15.25 12.71
C SER C 327 24.85 -15.67 12.24
N LEU C 328 24.21 -14.86 11.41
CA LEU C 328 22.97 -15.22 10.73
C LEU C 328 23.21 -15.97 9.43
N VAL C 329 24.44 -16.40 9.17
CA VAL C 329 24.76 -17.15 7.97
C VAL C 329 25.47 -18.47 8.28
N ILE C 330 26.13 -18.59 9.43
CA ILE C 330 26.66 -19.88 9.82
C ILE C 330 25.54 -20.77 10.38
N PHE C 331 24.59 -20.17 11.10
CA PHE C 331 23.39 -20.91 11.48
C PHE C 331 22.62 -21.35 10.25
N TYR C 332 22.60 -20.49 9.22
CA TYR C 332 22.12 -20.90 7.91
C TYR C 332 22.98 -22.03 7.36
N GLY C 333 24.31 -21.86 7.42
CA GLY C 333 25.20 -22.87 6.86
C GLY C 333 25.14 -24.19 7.60
N LEU C 334 24.83 -24.14 8.90
CA LEU C 334 24.67 -25.39 9.65
C LEU C 334 23.44 -26.15 9.20
N ILE C 335 22.42 -25.43 8.71
CA ILE C 335 21.23 -26.10 8.19
C ILE C 335 21.58 -26.93 6.96
N CYS C 336 22.25 -26.31 5.99
CA CYS C 336 22.50 -27.00 4.72
C CYS C 336 23.57 -28.08 4.86
N MET C 337 24.39 -28.03 5.90
CA MET C 337 25.40 -29.06 6.08
C MET C 337 24.77 -30.39 6.47
N TYR C 338 23.83 -30.38 7.42
CA TYR C 338 23.15 -31.60 7.81
C TYR C 338 22.35 -32.19 6.66
N THR C 339 21.89 -31.34 5.74
CA THR C 339 21.14 -31.82 4.58
C THR C 339 21.97 -32.80 3.77
N LEU C 340 23.18 -32.38 3.34
CA LEU C 340 24.01 -33.27 2.53
C LEU C 340 24.48 -34.48 3.33
N TRP C 341 24.66 -34.33 4.65
CA TRP C 341 24.84 -35.49 5.51
C TRP C 341 23.65 -36.43 5.38
N TRP C 342 22.45 -35.86 5.27
CA TRP C 342 21.21 -36.62 5.14
C TRP C 342 20.88 -36.98 3.71
N MET C 343 21.35 -36.19 2.74
CA MET C 343 21.00 -36.36 1.34
C MET C 343 21.90 -37.34 0.60
N LEU C 344 22.95 -37.86 1.24
CA LEU C 344 23.85 -38.83 0.65
C LEU C 344 23.94 -40.11 1.47
N ARG C 345 23.82 -40.00 2.80
CA ARG C 345 23.83 -41.18 3.66
C ARG C 345 22.67 -42.11 3.32
N ARG C 346 21.51 -41.55 2.99
CA ARG C 346 20.34 -42.37 2.74
C ARG C 346 20.43 -43.09 1.40
N SER C 347 21.05 -42.45 0.41
CA SER C 347 21.15 -43.02 -0.95
C SER C 347 19.77 -43.35 -1.49
N LEU C 348 18.93 -42.31 -1.61
CA LEU C 348 17.52 -42.49 -1.91
C LEU C 348 17.26 -42.45 -3.42
N LYS C 349 18.02 -43.27 -4.14
CA LYS C 349 17.77 -43.45 -5.56
C LYS C 349 16.44 -44.18 -5.78
N LYS C 350 16.04 -45.01 -4.83
CA LYS C 350 14.74 -45.65 -4.81
C LYS C 350 14.13 -45.53 -3.42
N TYR C 351 12.91 -46.05 -3.27
CA TYR C 351 12.20 -46.07 -2.00
C TYR C 351 12.37 -47.42 -1.32
N SER C 352 12.03 -47.44 -0.03
CA SER C 352 12.05 -48.65 0.79
C SER C 352 10.70 -48.78 1.47
N PHE C 353 9.79 -49.56 0.87
CA PHE C 353 8.48 -49.85 1.44
C PHE C 353 8.51 -51.03 2.41
N GLU C 354 9.70 -51.47 2.83
CA GLU C 354 9.80 -52.70 3.61
C GLU C 354 9.23 -52.54 5.02
N SER C 355 9.12 -51.30 5.50
CA SER C 355 8.65 -51.08 6.88
C SER C 355 7.13 -51.14 6.97
N ILE C 356 6.42 -50.93 5.85
CA ILE C 356 4.97 -50.99 5.82
C ILE C 356 4.45 -52.31 5.26
N ARG C 357 5.26 -53.04 4.48
CA ARG C 357 4.78 -54.28 3.87
C ARG C 357 4.41 -55.31 4.93
N GLU C 358 4.99 -55.22 6.12
CA GLU C 358 4.54 -56.03 7.24
C GLU C 358 3.18 -55.56 7.75
N GLU C 359 2.94 -54.24 7.73
CA GLU C 359 1.72 -53.71 8.29
C GLU C 359 0.53 -54.02 7.38
N SER C 360 0.68 -53.79 6.08
CA SER C 360 -0.38 -54.13 5.14
C SER C 360 -0.46 -55.64 4.91
N SER C 361 0.69 -56.31 4.90
CA SER C 361 0.76 -57.75 4.66
C SER C 361 0.14 -58.11 3.31
N TYR C 362 0.52 -57.37 2.27
CA TYR C 362 0.08 -57.60 0.90
C TYR C 362 1.21 -58.07 0.00
N SER C 363 2.34 -57.37 0.03
CA SER C 363 3.55 -57.73 -0.72
C SER C 363 3.39 -57.59 -2.24
N ASP C 364 2.29 -57.01 -2.70
CA ASP C 364 2.06 -56.77 -4.13
C ASP C 364 2.50 -55.38 -4.55
N ILE C 365 3.25 -54.67 -3.70
CA ILE C 365 3.64 -53.28 -3.92
C ILE C 365 5.16 -53.23 -4.06
N PRO C 366 5.72 -53.02 -5.26
CA PRO C 366 7.17 -53.00 -5.39
C PRO C 366 7.76 -51.61 -5.22
N ASP C 367 9.07 -51.58 -5.01
CA ASP C 367 9.77 -50.32 -4.87
C ASP C 367 9.73 -49.53 -6.18
N VAL C 368 9.54 -48.22 -6.06
CA VAL C 368 9.52 -47.35 -7.23
C VAL C 368 10.96 -47.03 -7.62
N LYS C 369 11.23 -46.98 -8.91
CA LYS C 369 12.61 -47.11 -9.38
C LYS C 369 13.41 -45.84 -9.13
N ASN C 370 13.04 -44.73 -9.75
CA ASN C 370 13.83 -43.51 -9.65
C ASN C 370 12.96 -42.29 -9.89
N ASP C 371 13.15 -41.28 -9.04
CA ASP C 371 12.53 -39.96 -9.13
C ASP C 371 11.07 -39.96 -8.71
N PHE C 372 10.51 -41.13 -8.42
CA PHE C 372 9.21 -41.21 -7.76
C PHE C 372 9.37 -41.47 -6.28
N ALA C 373 10.50 -42.07 -5.90
CA ALA C 373 10.83 -42.25 -4.49
C ALA C 373 11.20 -40.92 -3.84
N PHE C 374 12.13 -40.18 -4.44
CA PHE C 374 12.67 -38.98 -3.83
C PHE C 374 11.60 -37.93 -3.59
N MET C 375 10.72 -37.72 -4.58
CA MET C 375 9.58 -36.83 -4.37
C MET C 375 8.71 -37.32 -3.22
N LEU C 376 8.63 -38.64 -3.05
CA LEU C 376 7.88 -39.23 -1.94
C LEU C 376 8.72 -39.28 -0.66
N HIS C 377 10.05 -39.34 -0.80
CA HIS C 377 10.91 -39.57 0.36
C HIS C 377 10.90 -38.38 1.30
N LEU C 378 10.83 -37.16 0.76
CA LEU C 378 10.84 -35.97 1.60
C LEU C 378 9.46 -35.62 2.15
N ILE C 379 8.39 -36.07 1.49
CA ILE C 379 7.06 -35.89 2.05
C ILE C 379 6.87 -36.81 3.26
N ASP C 380 7.51 -37.98 3.27
CA ASP C 380 7.53 -38.79 4.47
C ASP C 380 8.43 -38.20 5.55
N GLN C 381 9.51 -37.51 5.13
CA GLN C 381 10.34 -36.79 6.08
C GLN C 381 9.63 -35.57 6.66
N TYR C 382 8.70 -34.98 5.91
CA TYR C 382 7.84 -33.94 6.45
C TYR C 382 6.90 -34.52 7.50
N ASP C 383 6.07 -35.49 7.12
CA ASP C 383 5.12 -36.14 8.01
C ASP C 383 4.95 -37.57 7.51
N PRO C 384 5.08 -38.59 8.37
CA PRO C 384 5.12 -39.97 7.85
C PRO C 384 3.77 -40.59 7.55
N LEU C 385 2.68 -39.83 7.58
CA LEU C 385 1.37 -40.40 7.28
C LEU C 385 1.15 -40.51 5.78
N TYR C 386 1.59 -39.51 5.02
CA TYR C 386 1.16 -39.37 3.63
C TYR C 386 1.75 -40.47 2.75
N SER C 387 2.75 -41.20 3.25
CA SER C 387 3.31 -42.32 2.50
C SER C 387 2.53 -43.61 2.73
N LYS C 388 2.06 -43.84 3.95
CA LYS C 388 1.36 -45.09 4.25
C LYS C 388 -0.03 -45.13 3.63
N ARG C 389 -0.66 -43.97 3.40
CA ARG C 389 -1.90 -43.94 2.65
C ARG C 389 -1.66 -44.07 1.15
N PHE C 390 -0.51 -43.62 0.65
CA PHE C 390 -0.09 -43.87 -0.72
C PHE C 390 0.59 -45.22 -0.89
N ALA C 391 0.79 -45.96 0.19
CA ALA C 391 1.41 -47.28 0.14
C ALA C 391 0.44 -48.40 -0.22
N VAL C 392 -0.79 -48.07 -0.65
CA VAL C 392 -1.80 -49.08 -0.98
C VAL C 392 -2.19 -49.06 -2.44
N PHE C 393 -2.11 -47.91 -3.11
CA PHE C 393 -2.53 -47.79 -4.50
C PHE C 393 -1.64 -48.53 -5.48
N LEU C 394 -0.49 -49.04 -5.04
CA LEU C 394 0.45 -49.75 -5.89
C LEU C 394 0.31 -51.26 -5.77
N SER C 395 -0.48 -51.76 -4.83
CA SER C 395 -0.63 -53.19 -4.57
C SER C 395 -1.77 -53.72 -5.44
N GLU C 396 -1.47 -54.73 -6.26
CA GLU C 396 -2.48 -55.23 -7.19
C GLU C 396 -3.60 -55.97 -6.46
N VAL C 397 -3.29 -56.56 -5.30
CA VAL C 397 -4.36 -57.11 -4.47
C VAL C 397 -5.31 -56.00 -4.05
N SER C 398 -4.78 -54.86 -3.60
CA SER C 398 -5.62 -53.72 -3.29
C SER C 398 -6.35 -53.23 -4.54
N GLU C 399 -5.67 -53.21 -5.68
CA GLU C 399 -6.34 -52.91 -6.94
C GLU C 399 -7.42 -53.94 -7.23
N ASN C 400 -7.15 -55.21 -6.94
CA ASN C 400 -8.16 -56.25 -7.15
C ASN C 400 -9.33 -56.05 -6.20
N LYS C 401 -9.06 -55.83 -4.90
CA LYS C 401 -10.14 -55.58 -3.95
C LYS C 401 -10.90 -54.32 -4.30
N LEU C 402 -10.22 -53.33 -4.90
CA LEU C 402 -10.90 -52.14 -5.40
C LEU C 402 -11.72 -52.46 -6.64
N ARG C 403 -11.26 -53.42 -7.44
CA ARG C 403 -11.96 -53.77 -8.67
C ARG C 403 -13.28 -54.47 -8.38
N GLN C 404 -13.39 -55.12 -7.22
CA GLN C 404 -14.61 -55.85 -6.85
C GLN C 404 -15.82 -54.92 -6.78
N PRO D 15 -3.78 -13.59 -17.64
CA PRO D 15 -4.64 -14.77 -17.57
C PRO D 15 -3.85 -16.06 -17.82
N ALA D 16 -4.52 -17.11 -18.31
CA ALA D 16 -3.87 -18.38 -18.58
C ALA D 16 -3.01 -18.26 -19.84
N TYR D 17 -1.83 -17.65 -19.65
CA TYR D 17 -0.81 -17.53 -20.69
C TYR D 17 0.56 -17.99 -20.20
N ARG D 18 0.63 -18.60 -19.01
CA ARG D 18 1.91 -19.04 -18.47
C ARG D 18 2.54 -20.10 -19.36
N ILE D 19 1.76 -21.08 -19.79
CA ILE D 19 2.26 -22.11 -20.69
C ILE D 19 2.73 -21.51 -22.00
N LEU D 20 2.14 -20.39 -22.42
CA LEU D 20 2.44 -19.81 -23.72
C LEU D 20 3.81 -19.14 -23.77
N LYS D 21 4.55 -19.09 -22.65
CA LYS D 21 5.84 -18.41 -22.59
C LYS D 21 6.94 -19.45 -22.41
N PRO D 22 7.85 -19.62 -23.39
CA PRO D 22 8.90 -20.63 -23.23
C PRO D 22 9.84 -20.33 -22.08
N TRP D 23 10.78 -21.26 -21.88
CA TRP D 23 11.70 -21.17 -20.75
C TRP D 23 12.56 -19.91 -20.82
N TRP D 24 12.97 -19.53 -22.04
CA TRP D 24 13.90 -18.41 -22.17
C TRP D 24 13.22 -17.08 -21.90
N ASP D 25 11.93 -16.97 -22.22
CA ASP D 25 11.19 -15.74 -21.92
C ASP D 25 10.68 -15.72 -20.48
N VAL D 26 11.09 -16.68 -19.66
CA VAL D 26 10.79 -16.62 -18.22
C VAL D 26 11.95 -15.98 -17.48
N PHE D 27 13.18 -16.40 -17.81
CA PHE D 27 14.37 -15.71 -17.31
C PHE D 27 14.30 -14.22 -17.60
N THR D 28 13.81 -13.86 -18.79
CA THR D 28 13.89 -12.48 -19.25
C THR D 28 12.98 -11.56 -18.45
N ASP D 29 11.83 -12.08 -17.98
CA ASP D 29 10.89 -11.21 -17.28
C ASP D 29 11.44 -10.77 -15.94
N TYR D 30 12.27 -11.60 -15.31
CA TYR D 30 12.91 -11.20 -14.06
C TYR D 30 14.06 -10.24 -14.33
N ILE D 31 14.86 -10.51 -15.36
CA ILE D 31 15.98 -9.64 -15.70
C ILE D 31 15.47 -8.24 -16.04
N SER D 32 14.32 -8.15 -16.69
CA SER D 32 13.80 -6.86 -17.08
C SER D 32 13.15 -6.12 -15.90
N ILE D 33 13.16 -6.73 -14.71
CA ILE D 33 12.76 -6.02 -13.50
C ILE D 33 13.99 -5.46 -12.80
N VAL D 34 14.97 -6.32 -12.50
CA VAL D 34 16.18 -5.86 -11.82
C VAL D 34 16.92 -4.82 -12.65
N MET D 35 16.76 -4.85 -13.98
CA MET D 35 17.24 -3.74 -14.80
C MET D 35 16.53 -2.44 -14.43
N LEU D 36 15.26 -2.54 -14.02
CA LEU D 36 14.50 -1.36 -13.65
C LEU D 36 14.78 -0.95 -12.22
N MET D 37 15.07 -1.93 -11.34
CA MET D 37 15.33 -1.60 -9.94
C MET D 37 16.56 -0.74 -9.79
N ILE D 38 17.57 -0.94 -10.65
CA ILE D 38 18.76 -0.10 -10.61
C ILE D 38 18.63 1.14 -11.48
N ALA D 39 17.41 1.44 -11.96
CA ALA D 39 17.12 2.68 -12.65
C ALA D 39 16.33 3.64 -11.79
N VAL D 40 15.49 3.11 -10.90
CA VAL D 40 14.80 3.93 -9.91
C VAL D 40 15.68 4.18 -8.69
N PHE D 41 16.53 3.22 -8.32
CA PHE D 41 17.46 3.44 -7.22
C PHE D 41 18.56 4.40 -7.62
N GLY D 42 19.08 4.26 -8.84
CA GLY D 42 20.04 5.23 -9.34
C GLY D 42 19.41 6.57 -9.65
N GLY D 43 18.08 6.60 -9.80
CA GLY D 43 17.42 7.85 -10.16
C GLY D 43 17.05 8.68 -8.95
N THR D 44 16.48 8.04 -7.92
CA THR D 44 16.20 8.75 -6.66
C THR D 44 17.50 9.25 -6.03
N LEU D 45 18.59 8.54 -6.25
CA LEU D 45 19.90 8.91 -5.74
C LEU D 45 20.59 9.97 -6.57
N GLN D 46 20.02 10.35 -7.73
CA GLN D 46 20.62 11.32 -8.64
C GLN D 46 19.90 12.67 -8.61
N VAL D 47 18.64 12.69 -8.16
CA VAL D 47 17.92 13.94 -8.02
C VAL D 47 18.01 14.47 -6.59
N THR D 48 17.96 13.57 -5.61
CA THR D 48 18.16 13.94 -4.22
C THR D 48 19.55 14.54 -4.01
N GLN D 49 20.53 14.04 -4.76
CA GLN D 49 21.94 14.37 -4.58
C GLN D 49 22.56 14.28 -5.97
N ASP D 50 23.86 13.98 -6.06
CA ASP D 50 24.65 14.14 -7.30
C ASP D 50 24.98 15.61 -7.54
N LYS D 51 25.22 16.32 -6.44
CA LYS D 51 25.86 17.61 -6.49
C LYS D 51 27.30 17.44 -6.95
N MET D 52 27.91 18.56 -7.32
CA MET D 52 29.34 18.65 -7.59
C MET D 52 29.98 19.62 -6.62
N ILE D 53 31.18 19.27 -6.17
CA ILE D 53 32.04 20.16 -5.41
C ILE D 53 33.05 20.74 -6.40
N CYS D 54 33.42 22.00 -6.21
CA CYS D 54 34.32 22.69 -7.12
C CYS D 54 35.14 23.72 -6.38
N LEU D 55 36.45 23.64 -6.55
CA LEU D 55 37.40 24.58 -6.00
C LEU D 55 38.17 25.26 -7.13
N PRO D 56 38.53 26.53 -7.01
CA PRO D 56 39.38 27.13 -8.03
C PRO D 56 40.83 26.71 -7.86
N CYS D 57 41.58 26.87 -8.94
CA CYS D 57 43.02 26.60 -8.96
C CYS D 57 43.77 27.90 -9.18
N LYS D 58 44.40 28.41 -8.12
CA LYS D 58 45.13 29.66 -8.19
C LYS D 58 46.25 29.60 -9.22
N TRP D 59 47.02 28.51 -9.22
CA TRP D 59 48.10 28.30 -10.18
C TRP D 59 47.63 27.30 -11.22
N VAL D 60 47.83 27.64 -12.49
CA VAL D 60 47.31 26.85 -13.61
C VAL D 60 48.28 26.98 -14.78
N THR D 61 48.39 25.92 -15.56
CA THR D 61 49.21 25.89 -16.77
C THR D 61 48.42 25.19 -17.86
N LYS D 62 47.88 25.97 -18.80
CA LYS D 62 47.13 25.45 -19.94
C LYS D 62 45.91 24.66 -19.47
N ASP D 63 45.05 25.35 -18.73
CA ASP D 63 43.77 24.80 -18.25
C ASP D 63 43.99 23.50 -17.47
N SER D 64 45.04 23.47 -16.65
CA SER D 64 45.37 22.29 -15.86
C SER D 64 45.99 22.75 -14.54
N CYS D 65 45.44 22.26 -13.44
CA CYS D 65 45.91 22.61 -12.11
C CYS D 65 47.26 21.94 -11.88
N ASN D 66 48.35 22.66 -12.18
CA ASN D 66 49.66 22.05 -12.25
C ASN D 66 50.13 21.50 -10.91
N ASP D 67 50.43 22.38 -9.95
CA ASP D 67 50.85 21.99 -8.61
C ASP D 67 51.16 23.25 -7.83
N SER D 68 51.33 23.10 -6.52
CA SER D 68 51.79 24.16 -5.64
C SER D 68 51.99 23.62 -4.22
N THR D 92 56.00 27.97 10.05
CA THR D 92 56.63 26.70 9.75
C THR D 92 55.59 25.69 9.27
N GLY D 93 54.66 25.33 10.15
CA GLY D 93 53.60 24.41 9.80
C GLY D 93 52.71 25.00 8.73
N PRO D 94 52.11 24.15 7.90
CA PRO D 94 51.33 24.66 6.76
C PRO D 94 50.03 25.30 7.24
N THR D 95 49.42 26.05 6.32
CA THR D 95 48.17 26.75 6.60
C THR D 95 47.27 26.68 5.38
N GLY D 96 45.99 26.94 5.60
CA GLY D 96 45.03 26.85 4.53
C GLY D 96 45.23 27.94 3.49
N ILE D 97 44.62 27.71 2.33
CA ILE D 97 44.59 28.68 1.25
C ILE D 97 43.25 29.39 1.30
N LYS D 98 43.28 30.71 1.14
CA LYS D 98 42.10 31.55 1.20
C LYS D 98 41.79 32.09 -0.19
N TYR D 99 40.68 31.65 -0.76
CA TYR D 99 40.21 32.13 -2.05
C TYR D 99 39.30 33.34 -1.93
N ASP D 100 38.87 33.69 -0.72
CA ASP D 100 37.99 34.84 -0.49
C ASP D 100 36.69 34.72 -1.28
N LEU D 101 36.05 33.57 -1.13
CA LEU D 101 34.77 33.26 -1.77
C LEU D 101 33.74 32.90 -0.71
N ASP D 102 32.52 33.37 -0.91
CA ASP D 102 31.42 33.01 -0.03
C ASP D 102 30.83 31.66 -0.47
N ARG D 103 29.69 31.32 0.11
CA ARG D 103 29.08 30.02 -0.17
C ARG D 103 28.30 30.05 -1.49
N HIS D 104 27.74 31.21 -1.83
CA HIS D 104 26.91 31.27 -3.03
C HIS D 104 27.75 31.30 -4.30
N GLN D 105 28.99 31.74 -4.21
CA GLN D 105 29.87 31.67 -5.38
C GLN D 105 30.33 30.24 -5.61
N TYR D 106 30.51 29.49 -4.52
CA TYR D 106 30.81 28.07 -4.65
C TYR D 106 29.58 27.31 -5.16
N ASN D 107 28.39 27.76 -4.76
CA ASN D 107 27.18 27.07 -5.18
C ASN D 107 26.77 27.45 -6.59
N TYR D 108 27.22 28.61 -7.07
CA TYR D 108 26.95 29.01 -8.44
C TYR D 108 27.85 28.26 -9.41
N VAL D 109 29.12 28.11 -9.06
CA VAL D 109 30.07 27.48 -9.98
C VAL D 109 29.84 25.98 -10.05
N ASP D 110 29.26 25.39 -9.00
CA ASP D 110 28.89 23.98 -9.07
C ASP D 110 27.84 23.73 -10.13
N ALA D 111 26.82 24.59 -10.20
CA ALA D 111 25.77 24.40 -11.19
C ALA D 111 26.32 24.54 -12.60
N VAL D 112 27.16 25.55 -12.82
CA VAL D 112 27.78 25.76 -14.13
C VAL D 112 28.61 24.55 -14.51
N CYS D 113 29.52 24.12 -13.62
CA CYS D 113 30.41 23.03 -13.96
C CYS D 113 29.71 21.67 -13.85
N TYR D 114 28.45 21.65 -13.43
CA TYR D 114 27.64 20.44 -13.49
C TYR D 114 26.74 20.42 -14.71
N GLU D 115 26.43 21.60 -15.25
CA GLU D 115 25.57 21.69 -16.43
C GLU D 115 26.39 21.60 -17.71
N ASN D 116 27.53 22.29 -17.75
CA ASN D 116 28.31 22.43 -18.97
C ASN D 116 29.40 21.38 -19.10
N ARG D 117 30.34 21.35 -18.16
CA ARG D 117 31.48 20.44 -18.23
C ARG D 117 31.22 19.13 -17.49
N LEU D 118 30.11 18.47 -17.77
CA LEU D 118 29.85 17.11 -17.30
C LEU D 118 29.02 16.40 -18.35
N HIS D 119 29.40 15.18 -18.69
CA HIS D 119 28.76 14.48 -19.79
C HIS D 119 27.32 14.13 -19.44
N TRP D 120 26.45 14.26 -20.44
CA TRP D 120 25.02 13.98 -20.24
C TRP D 120 24.79 12.55 -19.80
N PHE D 121 25.70 11.63 -20.13
CA PHE D 121 25.50 10.23 -19.78
C PHE D 121 25.60 10.01 -18.29
N ALA D 122 26.45 10.79 -17.60
CA ALA D 122 26.61 10.62 -16.17
C ALA D 122 25.40 11.12 -15.41
N LYS D 123 24.72 12.13 -15.95
CA LYS D 123 23.62 12.76 -15.25
C LYS D 123 22.30 12.04 -15.52
N TYR D 124 22.18 11.40 -16.70
CA TYR D 124 20.93 10.86 -17.20
C TYR D 124 20.93 9.34 -17.31
N PHE D 125 22.02 8.69 -16.91
CA PHE D 125 22.08 7.23 -16.89
C PHE D 125 20.89 6.56 -16.21
N PRO D 126 20.43 7.01 -15.04
CA PRO D 126 19.28 6.32 -14.41
C PRO D 126 17.98 6.52 -15.16
N TYR D 127 17.80 7.69 -15.79
CA TYR D 127 16.59 7.93 -16.57
C TYR D 127 16.64 7.19 -17.90
N LEU D 128 17.85 6.83 -18.36
CA LEU D 128 18.01 6.27 -19.69
C LEU D 128 17.79 4.76 -19.68
N VAL D 129 18.30 4.08 -18.66
CA VAL D 129 18.07 2.63 -18.56
C VAL D 129 16.60 2.35 -18.26
N LEU D 130 15.92 3.28 -17.61
CA LEU D 130 14.48 3.14 -17.40
C LEU D 130 13.73 3.20 -18.73
N LEU D 131 14.05 4.20 -19.55
CA LEU D 131 13.40 4.32 -20.86
C LEU D 131 13.63 3.08 -21.71
N HIS D 132 14.82 2.49 -21.63
CA HIS D 132 15.14 1.35 -22.47
C HIS D 132 14.50 0.07 -21.92
N THR D 133 14.57 -0.15 -20.62
CA THR D 133 14.01 -1.37 -20.06
C THR D 133 12.50 -1.40 -20.16
N LEU D 134 11.87 -0.21 -20.22
CA LEU D 134 10.43 -0.15 -20.44
C LEU D 134 10.09 -0.59 -21.87
N ILE D 135 11.00 -0.32 -22.81
CA ILE D 135 10.80 -0.76 -24.19
C ILE D 135 11.01 -2.27 -24.28
N PHE D 136 12.16 -2.74 -23.81
CA PHE D 136 12.47 -4.17 -23.70
C PHE D 136 11.35 -4.93 -23.01
N LEU D 137 10.71 -4.30 -22.03
CA LEU D 137 9.61 -4.93 -21.31
C LEU D 137 8.29 -4.83 -22.08
N ALA D 138 7.93 -3.62 -22.51
CA ALA D 138 6.62 -3.42 -23.11
C ALA D 138 6.50 -4.08 -24.47
N CYS D 139 7.61 -4.21 -25.19
CA CYS D 139 7.57 -4.90 -26.48
C CYS D 139 7.14 -6.35 -26.31
N SER D 140 7.56 -6.98 -25.21
CA SER D 140 7.17 -8.37 -24.97
C SER D 140 5.67 -8.51 -24.86
N ASN D 141 5.01 -7.57 -24.17
CA ASN D 141 3.59 -7.66 -23.88
C ASN D 141 2.71 -6.94 -24.89
N PHE D 142 3.29 -6.19 -25.83
CA PHE D 142 2.49 -5.56 -26.87
C PHE D 142 1.82 -6.59 -27.76
N TRP D 143 2.43 -7.76 -27.91
CA TRP D 143 1.84 -8.85 -28.67
C TRP D 143 0.60 -9.43 -28.00
N PHE D 144 0.36 -9.11 -26.72
CA PHE D 144 -0.83 -9.54 -26.02
C PHE D 144 -1.94 -8.49 -25.98
N LYS D 145 -1.67 -7.26 -26.42
CA LYS D 145 -2.63 -6.16 -26.32
C LYS D 145 -3.27 -5.78 -27.64
N PHE D 146 -2.57 -5.98 -28.75
CA PHE D 146 -3.11 -5.58 -30.04
C PHE D 146 -4.27 -6.51 -30.39
N PRO D 147 -5.50 -6.00 -30.56
CA PRO D 147 -6.67 -6.91 -30.59
C PRO D 147 -6.69 -7.83 -31.79
N ARG D 148 -6.00 -7.49 -32.88
CA ARG D 148 -5.96 -8.38 -34.04
C ARG D 148 -5.26 -9.70 -33.70
N THR D 149 -4.38 -9.68 -32.69
CA THR D 149 -3.59 -10.84 -32.30
C THR D 149 -3.95 -11.39 -30.92
N SER D 150 -4.38 -10.53 -29.99
CA SER D 150 -4.80 -11.02 -28.69
C SER D 150 -6.00 -11.95 -28.82
N SER D 151 -6.89 -11.67 -29.77
CA SER D 151 -8.07 -12.51 -29.97
C SER D 151 -7.67 -13.93 -30.37
N LYS D 152 -6.70 -14.06 -31.28
CA LYS D 152 -6.28 -15.38 -31.74
C LYS D 152 -5.66 -16.18 -30.60
N LEU D 153 -4.80 -15.54 -29.80
CA LEU D 153 -4.26 -16.20 -28.61
C LEU D 153 -5.36 -16.51 -27.61
N GLU D 154 -6.42 -15.70 -27.59
CA GLU D 154 -7.37 -15.77 -26.49
C GLU D 154 -8.15 -17.07 -26.51
N HIS D 155 -8.50 -17.57 -27.70
CA HIS D 155 -9.25 -18.83 -27.81
C HIS D 155 -8.38 -20.03 -28.17
N PHE D 156 -7.17 -19.83 -28.71
CA PHE D 156 -6.30 -20.97 -28.96
C PHE D 156 -5.92 -21.67 -27.67
N VAL D 157 -5.45 -20.91 -26.69
CA VAL D 157 -5.10 -21.52 -25.40
C VAL D 157 -6.33 -22.09 -24.73
N SER D 158 -7.51 -21.56 -25.05
CA SER D 158 -8.75 -22.06 -24.46
C SER D 158 -9.02 -23.50 -24.88
N ILE D 159 -8.92 -23.79 -26.18
CA ILE D 159 -9.27 -25.14 -26.64
C ILE D 159 -8.20 -26.14 -26.25
N LEU D 160 -6.94 -25.71 -26.08
CA LEU D 160 -5.91 -26.61 -25.61
C LEU D 160 -6.07 -26.90 -24.12
N LEU D 161 -6.48 -25.90 -23.35
CA LEU D 161 -6.61 -26.08 -21.90
C LEU D 161 -7.71 -27.08 -21.58
N LYS D 162 -8.77 -27.11 -22.39
CA LYS D 162 -9.84 -28.09 -22.20
C LYS D 162 -9.43 -29.46 -22.72
N CYS D 163 -8.81 -29.50 -23.90
CA CYS D 163 -8.41 -30.78 -24.50
C CYS D 163 -7.41 -31.52 -23.64
N PHE D 164 -6.58 -30.80 -22.88
CA PHE D 164 -5.69 -31.44 -21.91
C PHE D 164 -6.49 -32.28 -20.92
N ASP D 165 -7.61 -31.75 -20.45
CA ASP D 165 -8.51 -32.49 -19.55
C ASP D 165 -9.64 -33.09 -20.40
N SER D 166 -9.38 -34.29 -20.89
CA SER D 166 -10.30 -35.00 -21.79
C SER D 166 -10.24 -36.49 -21.49
N PRO D 167 -11.32 -37.12 -21.01
CA PRO D 167 -11.29 -38.57 -20.80
C PRO D 167 -10.97 -39.38 -22.05
N TRP D 168 -11.40 -38.94 -23.23
CA TRP D 168 -11.16 -39.74 -24.44
C TRP D 168 -9.68 -39.81 -24.78
N THR D 169 -8.90 -38.78 -24.42
CA THR D 169 -7.48 -38.81 -24.70
C THR D 169 -6.78 -39.95 -23.96
N THR D 170 -7.34 -40.34 -22.81
CA THR D 170 -6.79 -41.48 -22.07
C THR D 170 -6.81 -42.74 -22.92
N ARG D 171 -7.97 -43.06 -23.51
CA ARG D 171 -8.09 -44.26 -24.31
C ARG D 171 -7.28 -44.16 -25.59
N ALA D 172 -7.34 -43.01 -26.27
CA ALA D 172 -6.62 -42.84 -27.53
C ALA D 172 -5.11 -42.87 -27.31
N LEU D 173 -4.64 -42.26 -26.22
CA LEU D 173 -3.21 -42.33 -25.91
C LEU D 173 -2.77 -43.76 -25.60
N SER D 174 -3.67 -44.58 -25.08
CA SER D 174 -3.37 -45.98 -24.77
C SER D 174 -3.81 -46.89 -25.91
N GLU D 236 -22.59 -39.85 -23.71
CA GLU D 236 -22.97 -38.53 -24.21
C GLU D 236 -21.84 -37.92 -25.04
N GLY D 237 -21.21 -38.75 -25.89
CA GLY D 237 -20.12 -38.31 -26.73
C GLY D 237 -20.46 -37.23 -27.73
N GLU D 238 -21.74 -36.96 -27.97
CA GLU D 238 -22.14 -35.92 -28.91
C GLU D 238 -21.65 -34.55 -28.44
N GLN D 239 -21.56 -34.35 -27.12
CA GLN D 239 -20.94 -33.14 -26.61
C GLN D 239 -19.48 -33.06 -27.03
N ALA D 240 -18.79 -34.20 -26.99
CA ALA D 240 -17.39 -34.24 -27.43
C ALA D 240 -17.29 -34.12 -28.95
N LYS D 241 -18.37 -34.43 -29.67
CA LYS D 241 -18.37 -34.23 -31.12
C LYS D 241 -18.31 -32.75 -31.46
N ALA D 242 -19.04 -31.92 -30.70
CA ALA D 242 -19.00 -30.48 -30.94
C ALA D 242 -17.58 -29.94 -30.76
N LEU D 243 -16.81 -30.52 -29.83
CA LEU D 243 -15.41 -30.16 -29.71
C LEU D 243 -14.65 -30.47 -30.98
N PHE D 244 -14.83 -31.67 -31.53
CA PHE D 244 -14.18 -32.03 -32.79
C PHE D 244 -14.55 -31.06 -33.91
N GLU D 245 -15.81 -30.62 -33.94
CA GLU D 245 -16.22 -29.64 -34.94
C GLU D 245 -15.72 -28.24 -34.60
N LYS D 246 -15.63 -27.93 -33.30
CA LYS D 246 -15.04 -26.66 -32.89
C LYS D 246 -13.58 -26.56 -33.33
N VAL D 247 -12.77 -27.55 -33.00
CA VAL D 247 -11.35 -27.49 -33.33
C VAL D 247 -11.13 -27.66 -34.83
N LYS D 248 -12.05 -28.34 -35.53
CA LYS D 248 -11.97 -28.35 -36.99
C LYS D 248 -12.31 -26.98 -37.56
N LYS D 249 -13.30 -26.30 -36.97
CA LYS D 249 -13.60 -24.93 -37.37
C LYS D 249 -12.46 -24.00 -36.98
N PHE D 250 -11.97 -24.11 -35.74
CA PHE D 250 -10.92 -23.21 -35.29
C PHE D 250 -9.61 -23.48 -36.02
N ARG D 251 -9.46 -24.67 -36.62
CA ARG D 251 -8.32 -24.90 -37.50
C ARG D 251 -8.51 -24.19 -38.84
N THR D 252 -9.70 -24.31 -39.42
CA THR D 252 -9.99 -23.64 -40.68
C THR D 252 -10.22 -22.14 -40.50
N HIS D 253 -10.36 -21.67 -39.25
CA HIS D 253 -10.58 -20.25 -39.01
C HIS D 253 -9.27 -19.47 -38.97
N VAL D 254 -8.22 -20.08 -38.41
CA VAL D 254 -6.93 -19.43 -38.21
C VAL D 254 -5.92 -19.82 -39.28
N GLU D 255 -6.32 -20.62 -40.27
CA GLU D 255 -5.37 -21.22 -41.20
C GLU D 255 -4.95 -20.29 -42.33
N GLU D 256 -5.51 -19.08 -42.41
CA GLU D 256 -5.22 -18.14 -43.50
C GLU D 256 -4.13 -17.18 -43.05
N GLY D 257 -2.88 -17.55 -43.32
CA GLY D 257 -1.77 -16.65 -43.13
C GLY D 257 -1.19 -16.69 -41.72
N ASP D 258 -0.17 -15.86 -41.53
CA ASP D 258 0.57 -15.76 -40.27
C ASP D 258 0.53 -14.31 -39.80
N ILE D 259 0.02 -14.09 -38.59
CA ILE D 259 0.00 -12.79 -37.96
C ILE D 259 0.71 -12.81 -36.60
N VAL D 260 0.42 -13.82 -35.78
CA VAL D 260 1.11 -13.95 -34.51
C VAL D 260 2.54 -14.42 -34.72
N TYR D 261 2.75 -15.27 -35.73
CA TYR D 261 4.11 -15.63 -36.10
C TYR D 261 4.83 -14.46 -36.77
N ARG D 262 4.07 -13.47 -37.25
CA ARG D 262 4.68 -12.24 -37.75
C ARG D 262 5.08 -11.32 -36.60
N LEU D 263 4.16 -11.08 -35.65
CA LEU D 263 4.46 -10.18 -34.55
C LEU D 263 5.53 -10.75 -33.64
N TYR D 264 5.35 -11.99 -33.18
CA TYR D 264 6.33 -12.60 -32.28
C TYR D 264 7.69 -12.74 -32.95
N MET D 265 7.74 -12.73 -34.29
CA MET D 265 9.01 -12.67 -34.99
C MET D 265 9.55 -11.24 -35.01
N ARG D 266 8.65 -10.24 -35.00
CA ARG D 266 9.11 -8.86 -34.93
C ARG D 266 9.74 -8.56 -33.56
N GLN D 267 9.15 -9.12 -32.50
CA GLN D 267 9.60 -8.79 -31.15
C GLN D 267 11.04 -9.24 -30.92
N THR D 268 11.39 -10.42 -31.40
CA THR D 268 12.75 -10.91 -31.30
C THR D 268 13.64 -10.42 -32.41
N ILE D 269 13.09 -9.68 -33.39
CA ILE D 269 13.92 -8.95 -34.33
C ILE D 269 14.28 -7.57 -33.78
N ILE D 270 13.39 -6.98 -32.99
CA ILE D 270 13.61 -5.64 -32.44
C ILE D 270 14.16 -5.65 -31.02
N LYS D 271 14.05 -6.76 -30.29
CA LYS D 271 14.71 -6.91 -29.01
C LYS D 271 16.08 -7.56 -29.13
N VAL D 272 16.63 -7.60 -30.35
CA VAL D 272 18.04 -7.91 -30.57
C VAL D 272 18.78 -6.69 -31.12
N ILE D 273 18.11 -5.90 -31.94
CA ILE D 273 18.73 -4.68 -32.47
C ILE D 273 18.98 -3.67 -31.36
N LYS D 274 18.07 -3.62 -30.37
CA LYS D 274 18.26 -2.70 -29.25
C LYS D 274 19.49 -3.07 -28.44
N PHE D 275 19.59 -4.35 -28.03
CA PHE D 275 20.79 -4.86 -27.40
C PHE D 275 22.03 -4.54 -28.23
N ALA D 276 21.93 -4.65 -29.54
CA ALA D 276 23.06 -4.30 -30.40
C ALA D 276 23.26 -2.79 -30.47
N LEU D 277 22.21 -2.02 -30.18
CA LEU D 277 22.31 -0.56 -30.11
C LEU D 277 22.79 -0.10 -28.73
N ILE D 278 22.34 -0.77 -27.68
CA ILE D 278 22.77 -0.43 -26.32
C ILE D 278 24.30 -0.50 -26.21
N ILE D 279 24.88 -1.64 -26.60
CA ILE D 279 26.33 -1.82 -26.47
C ILE D 279 27.09 -0.83 -27.34
N CYS D 280 26.47 -0.29 -28.39
CA CYS D 280 27.17 0.65 -29.26
C CYS D 280 27.47 1.95 -28.53
N TYR D 281 26.61 2.35 -27.59
CA TYR D 281 26.75 3.62 -26.89
C TYR D 281 27.08 3.48 -25.41
N THR D 282 26.59 2.45 -24.73
CA THR D 282 26.79 2.31 -23.30
C THR D 282 28.20 1.87 -22.94
N VAL D 283 28.91 1.19 -23.85
CA VAL D 283 30.32 0.87 -23.65
C VAL D 283 31.22 2.00 -24.10
N TYR D 284 30.77 2.84 -25.04
CA TYR D 284 31.56 3.93 -25.57
C TYR D 284 31.47 5.20 -24.74
N TYR D 285 30.57 5.25 -23.75
CA TYR D 285 30.37 6.45 -22.94
C TYR D 285 30.49 6.21 -21.44
N VAL D 286 30.86 5.02 -20.99
CA VAL D 286 30.99 4.80 -19.54
C VAL D 286 32.27 5.41 -19.01
N HIS D 287 33.32 5.50 -19.82
CA HIS D 287 34.54 6.16 -19.37
C HIS D 287 34.35 7.67 -19.19
N ASN D 288 33.27 8.25 -19.72
CA ASN D 288 33.03 9.67 -19.55
C ASN D 288 32.78 10.02 -18.09
N ILE D 289 32.14 9.12 -17.34
CA ILE D 289 31.84 9.39 -15.94
C ILE D 289 33.12 9.10 -15.15
N LYS D 290 33.49 10.03 -14.26
CA LYS D 290 34.68 9.86 -13.45
C LYS D 290 34.64 10.86 -12.31
N PHE D 291 35.28 10.48 -11.21
CA PHE D 291 35.29 11.32 -10.00
C PHE D 291 35.92 12.68 -10.27
N ASP D 292 37.20 12.70 -10.61
CA ASP D 292 37.93 13.95 -10.82
C ASP D 292 37.47 14.59 -12.11
N VAL D 293 37.00 15.83 -12.00
CA VAL D 293 36.57 16.63 -13.15
C VAL D 293 37.25 17.98 -13.07
N ASP D 294 37.77 18.44 -14.21
CA ASP D 294 38.30 19.79 -14.36
C ASP D 294 37.38 20.54 -15.32
N CYS D 295 36.98 21.75 -14.92
CA CYS D 295 36.12 22.59 -15.74
C CYS D 295 36.72 23.97 -15.91
N THR D 296 36.30 24.64 -16.97
CA THR D 296 36.79 25.97 -17.34
C THR D 296 35.69 26.64 -18.16
N VAL D 297 35.05 27.66 -17.58
CA VAL D 297 33.73 28.09 -18.02
C VAL D 297 33.65 29.60 -18.24
N ASP D 298 34.72 30.34 -17.97
CA ASP D 298 34.80 31.76 -18.33
C ASP D 298 33.73 32.59 -17.62
N ILE D 299 33.80 32.59 -16.29
CA ILE D 299 32.93 33.42 -15.45
C ILE D 299 33.78 34.23 -14.48
N GLU D 300 34.97 34.65 -14.94
CA GLU D 300 35.85 35.49 -14.12
C GLU D 300 35.13 36.72 -13.57
N SER D 301 34.13 37.23 -14.28
CA SER D 301 33.49 38.49 -13.90
C SER D 301 32.77 38.37 -12.56
N LEU D 302 32.41 37.13 -12.15
CA LEU D 302 31.60 36.91 -10.97
C LEU D 302 32.43 36.41 -9.81
N THR D 303 33.24 35.38 -10.05
CA THR D 303 34.04 34.79 -8.98
C THR D 303 35.44 35.38 -8.94
N GLY D 304 36.09 35.47 -10.08
CA GLY D 304 37.46 35.96 -10.18
C GLY D 304 38.47 34.97 -10.72
N TYR D 305 38.06 33.72 -10.94
CA TYR D 305 38.95 32.66 -11.39
C TYR D 305 38.50 32.16 -12.76
N ARG D 306 39.42 31.49 -13.44
CA ARG D 306 39.15 30.91 -14.76
C ARG D 306 38.77 29.44 -14.66
N THR D 307 39.65 28.63 -14.07
CA THR D 307 39.52 27.18 -14.04
C THR D 307 39.20 26.72 -12.63
N TYR D 308 38.41 25.66 -12.53
CA TYR D 308 37.99 25.10 -11.26
C TYR D 308 38.09 23.59 -11.33
N ARG D 309 38.93 23.02 -10.47
CA ARG D 309 38.94 21.59 -10.24
C ARG D 309 37.67 21.23 -9.48
N CYS D 310 37.09 20.09 -9.82
CA CYS D 310 35.83 19.65 -9.24
C CYS D 310 35.89 18.17 -8.91
N ALA D 311 34.80 17.69 -8.30
CA ALA D 311 34.67 16.30 -7.89
C ALA D 311 33.22 15.89 -8.00
N HIS D 312 33.01 14.66 -8.47
CA HIS D 312 31.69 14.06 -8.66
C HIS D 312 31.64 12.81 -7.79
N PRO D 313 31.10 12.86 -6.57
CA PRO D 313 31.30 11.74 -5.64
C PRO D 313 30.58 10.47 -6.04
N LEU D 314 29.51 10.55 -6.81
CA LEU D 314 28.75 9.38 -7.23
C LEU D 314 29.28 8.75 -8.51
N ALA D 315 30.37 9.26 -9.08
CA ALA D 315 30.89 8.71 -10.32
C ALA D 315 31.31 7.26 -10.13
N THR D 316 31.77 6.92 -8.93
CA THR D 316 32.17 5.54 -8.67
C THR D 316 30.96 4.64 -8.50
N LEU D 317 29.87 5.17 -7.94
CA LEU D 317 28.68 4.35 -7.75
C LEU D 317 27.90 4.16 -9.04
N PHE D 318 28.11 5.00 -10.05
CA PHE D 318 27.47 4.81 -11.34
C PHE D 318 28.26 3.89 -12.26
N LYS D 319 29.58 3.83 -12.11
CA LYS D 319 30.35 2.84 -12.84
C LYS D 319 29.94 1.43 -12.42
N ILE D 320 29.64 1.25 -11.14
CA ILE D 320 29.25 -0.06 -10.64
C ILE D 320 27.90 -0.46 -11.21
N LEU D 321 26.91 0.43 -11.15
CA LEU D 321 25.60 0.12 -11.70
C LEU D 321 25.67 -0.08 -13.21
N ALA D 322 26.41 0.78 -13.90
CA ALA D 322 26.56 0.63 -15.35
C ALA D 322 27.26 -0.68 -15.70
N SER D 323 28.35 -0.97 -15.00
CA SER D 323 29.05 -2.23 -15.25
C SER D 323 28.22 -3.42 -14.78
N PHE D 324 27.31 -3.20 -13.85
CA PHE D 324 26.36 -4.25 -13.45
C PHE D 324 25.18 -4.30 -14.41
N TYR D 325 24.83 -3.16 -15.01
CA TYR D 325 23.71 -3.12 -15.93
C TYR D 325 24.03 -3.85 -17.23
N ILE D 326 25.12 -3.47 -17.89
CA ILE D 326 25.42 -4.03 -19.21
C ILE D 326 25.72 -5.52 -19.10
N SER D 327 26.27 -5.97 -17.97
CA SER D 327 26.35 -7.40 -17.71
C SER D 327 24.99 -8.03 -17.47
N LEU D 328 24.02 -7.23 -17.04
CA LEU D 328 22.63 -7.65 -16.95
C LEU D 328 21.87 -7.44 -18.26
N VAL D 329 22.58 -7.16 -19.35
CA VAL D 329 21.95 -6.99 -20.66
C VAL D 329 22.58 -7.88 -21.72
N ILE D 330 23.83 -8.31 -21.54
CA ILE D 330 24.39 -9.29 -22.46
C ILE D 330 23.87 -10.67 -22.12
N PHE D 331 23.70 -10.97 -20.83
CA PHE D 331 23.02 -12.20 -20.43
C PHE D 331 21.58 -12.21 -20.94
N TYR D 332 20.95 -11.03 -20.94
CA TYR D 332 19.68 -10.85 -21.64
C TYR D 332 19.86 -11.09 -23.13
N GLY D 333 20.90 -10.48 -23.71
CA GLY D 333 21.10 -10.61 -25.14
C GLY D 333 21.46 -12.01 -25.57
N LEU D 334 22.10 -12.77 -24.69
CA LEU D 334 22.39 -14.17 -25.00
C LEU D 334 21.12 -15.01 -25.05
N ILE D 335 20.10 -14.61 -24.28
CA ILE D 335 18.81 -15.31 -24.33
C ILE D 335 18.18 -15.17 -25.70
N CYS D 336 18.08 -13.93 -26.21
CA CYS D 336 17.36 -13.71 -27.46
C CYS D 336 18.16 -14.18 -28.66
N MET D 337 19.48 -14.37 -28.54
CA MET D 337 20.27 -14.85 -29.66
C MET D 337 19.95 -16.31 -29.96
N TYR D 338 19.91 -17.15 -28.92
CA TYR D 338 19.57 -18.56 -29.12
C TYR D 338 18.17 -18.74 -29.68
N THR D 339 17.27 -17.79 -29.37
CA THR D 339 15.91 -17.85 -29.89
C THR D 339 15.90 -17.85 -31.41
N LEU D 340 16.53 -16.84 -32.03
CA LEU D 340 16.54 -16.78 -33.48
C LEU D 340 17.33 -17.93 -34.09
N TRP D 341 18.35 -18.41 -33.39
CA TRP D 341 18.97 -19.68 -33.78
C TRP D 341 17.95 -20.80 -33.79
N TRP D 342 17.03 -20.77 -32.83
CA TRP D 342 15.98 -21.77 -32.71
C TRP D 342 14.74 -21.43 -33.52
N MET D 343 14.49 -20.15 -33.79
CA MET D 343 13.28 -19.70 -34.44
C MET D 343 13.37 -19.71 -35.96
N LEU D 344 14.54 -20.02 -36.53
CA LEU D 344 14.74 -20.11 -37.97
C LEU D 344 15.27 -21.47 -38.41
N ARG D 345 16.07 -22.12 -37.56
CA ARG D 345 16.56 -23.46 -37.87
C ARG D 345 15.41 -24.45 -38.01
N ARG D 346 14.38 -24.29 -37.19
CA ARG D 346 13.28 -25.26 -37.20
C ARG D 346 12.40 -25.09 -38.43
N SER D 347 12.22 -23.85 -38.89
CA SER D 347 11.36 -23.54 -40.03
C SER D 347 9.95 -24.05 -39.77
N LEU D 348 9.33 -23.53 -38.70
CA LEU D 348 8.07 -24.07 -38.21
C LEU D 348 6.88 -23.35 -38.83
N LYS D 349 6.89 -23.31 -40.17
CA LYS D 349 5.73 -22.81 -40.90
C LYS D 349 4.55 -23.78 -40.76
N LYS D 350 4.84 -25.05 -40.56
CA LYS D 350 3.83 -26.06 -40.25
C LYS D 350 4.34 -26.92 -39.09
N TYR D 351 3.50 -27.86 -38.68
CA TYR D 351 3.82 -28.82 -37.62
C TYR D 351 4.31 -30.13 -38.21
N SER D 352 4.92 -30.95 -37.36
CA SER D 352 5.38 -32.28 -37.71
C SER D 352 4.83 -33.27 -36.68
N PHE D 353 3.71 -33.91 -37.01
CA PHE D 353 3.10 -34.92 -36.17
C PHE D 353 3.69 -36.31 -36.43
N GLU D 354 4.82 -36.41 -37.13
CA GLU D 354 5.32 -37.71 -37.56
C GLU D 354 5.86 -38.53 -36.40
N SER D 355 6.19 -37.89 -35.27
CA SER D 355 6.78 -38.61 -34.15
C SER D 355 5.72 -39.30 -33.30
N ILE D 356 4.46 -38.84 -33.37
CA ILE D 356 3.37 -39.44 -32.62
C ILE D 356 2.51 -40.35 -33.49
N ARG D 357 2.53 -40.18 -34.81
CA ARG D 357 1.67 -41.01 -35.68
C ARG D 357 2.02 -42.49 -35.57
N GLU D 358 3.26 -42.81 -35.20
CA GLU D 358 3.62 -44.18 -34.87
C GLU D 358 3.00 -44.61 -33.55
N GLU D 359 2.91 -43.69 -32.59
CA GLU D 359 2.41 -44.05 -31.27
C GLU D 359 0.91 -44.28 -31.30
N SER D 360 0.16 -43.37 -31.93
CA SER D 360 -1.28 -43.57 -32.07
C SER D 360 -1.60 -44.63 -33.11
N SER D 361 -0.81 -44.69 -34.18
CA SER D 361 -1.03 -45.64 -35.27
C SER D 361 -2.42 -45.47 -35.88
N TYR D 362 -2.77 -44.21 -36.17
CA TYR D 362 -4.04 -43.85 -36.81
C TYR D 362 -3.84 -43.31 -38.22
N SER D 363 -2.94 -42.34 -38.37
CA SER D 363 -2.58 -41.75 -39.66
C SER D 363 -3.70 -40.93 -40.28
N ASP D 364 -4.79 -40.68 -39.56
CA ASP D 364 -5.89 -39.85 -40.05
C ASP D 364 -5.74 -38.39 -39.62
N ILE D 365 -4.58 -38.00 -39.13
CA ILE D 365 -4.33 -36.67 -38.56
C ILE D 365 -3.30 -35.98 -39.45
N PRO D 366 -3.67 -34.98 -40.25
CA PRO D 366 -2.69 -34.32 -41.11
C PRO D 366 -2.03 -33.12 -40.45
N ASP D 367 -0.92 -32.70 -41.04
CA ASP D 367 -0.21 -31.53 -40.55
C ASP D 367 -1.07 -30.28 -40.71
N VAL D 368 -1.03 -29.42 -39.70
CA VAL D 368 -1.76 -28.14 -39.76
C VAL D 368 -0.92 -27.15 -40.56
N LYS D 369 -1.60 -26.34 -41.36
CA LYS D 369 -0.91 -25.65 -42.45
C LYS D 369 -0.05 -24.49 -41.94
N ASN D 370 -0.67 -23.48 -41.34
CA ASN D 370 0.09 -22.29 -40.95
C ASN D 370 -0.63 -21.58 -39.82
N ASP D 371 0.17 -21.17 -38.82
CA ASP D 371 -0.26 -20.36 -37.68
C ASP D 371 -1.07 -21.15 -36.64
N PHE D 372 -1.36 -22.42 -36.93
CA PHE D 372 -1.89 -23.32 -35.92
C PHE D 372 -0.78 -24.22 -35.38
N ALA D 373 0.26 -24.43 -36.19
CA ALA D 373 1.43 -25.16 -35.73
C ALA D 373 2.24 -24.33 -34.73
N PHE D 374 2.57 -23.10 -35.11
CA PHE D 374 3.48 -22.29 -34.30
C PHE D 374 2.92 -22.03 -32.92
N MET D 375 1.63 -21.71 -32.82
CA MET D 375 0.99 -21.58 -31.51
C MET D 375 1.08 -22.88 -30.73
N LEU D 376 1.04 -24.01 -31.44
CA LEU D 376 1.19 -25.32 -30.81
C LEU D 376 2.66 -25.69 -30.63
N HIS D 377 3.54 -25.15 -31.48
CA HIS D 377 4.94 -25.59 -31.47
C HIS D 377 5.66 -25.17 -30.20
N LEU D 378 5.34 -23.99 -29.66
CA LEU D 378 6.00 -23.51 -28.47
C LEU D 378 5.38 -24.06 -27.19
N ILE D 379 4.11 -24.48 -27.24
CA ILE D 379 3.52 -25.16 -26.09
C ILE D 379 4.12 -26.55 -25.93
N ASP D 380 4.50 -27.19 -27.03
CA ASP D 380 5.27 -28.43 -26.93
C ASP D 380 6.69 -28.18 -26.47
N GLN D 381 7.26 -27.02 -26.83
CA GLN D 381 8.57 -26.64 -26.33
C GLN D 381 8.53 -26.28 -24.85
N TYR D 382 7.38 -25.81 -24.36
CA TYR D 382 7.18 -25.63 -22.92
C TYR D 382 7.16 -26.98 -22.21
N ASP D 383 6.21 -27.84 -22.58
CA ASP D 383 6.06 -29.17 -22.01
C ASP D 383 5.50 -30.07 -23.10
N PRO D 384 6.09 -31.24 -23.36
CA PRO D 384 5.68 -32.01 -24.55
C PRO D 384 4.42 -32.86 -24.37
N LEU D 385 3.69 -32.72 -23.26
CA LEU D 385 2.48 -33.51 -23.07
C LEU D 385 1.30 -32.91 -23.81
N TYR D 386 1.19 -31.58 -23.82
CA TYR D 386 -0.04 -30.93 -24.24
C TYR D 386 -0.29 -31.08 -25.74
N SER D 387 0.74 -31.52 -26.49
CA SER D 387 0.55 -31.76 -27.92
C SER D 387 0.05 -33.17 -28.20
N LYS D 388 0.51 -34.16 -27.43
CA LYS D 388 0.09 -35.53 -27.69
C LYS D 388 -1.35 -35.79 -27.27
N ARG D 389 -1.87 -35.02 -26.32
CA ARG D 389 -3.30 -35.10 -26.01
C ARG D 389 -4.14 -34.34 -27.03
N PHE D 390 -3.59 -33.30 -27.63
CA PHE D 390 -4.22 -32.60 -28.75
C PHE D 390 -3.94 -33.28 -30.09
N ALA D 391 -3.12 -34.34 -30.10
CA ALA D 391 -2.79 -35.06 -31.32
C ALA D 391 -3.83 -36.10 -31.70
N VAL D 392 -5.00 -36.12 -31.03
CA VAL D 392 -6.04 -37.11 -31.30
C VAL D 392 -7.32 -36.50 -31.85
N PHE D 393 -7.62 -35.25 -31.52
CA PHE D 393 -8.86 -34.61 -31.94
C PHE D 393 -8.90 -34.32 -33.44
N LEU D 394 -7.80 -34.48 -34.16
CA LEU D 394 -7.73 -34.22 -35.60
C LEU D 394 -7.88 -35.49 -36.44
N SER D 395 -7.87 -36.66 -35.81
CA SER D 395 -7.90 -37.94 -36.50
C SER D 395 -9.36 -38.35 -36.68
N GLU D 396 -9.78 -38.58 -37.93
CA GLU D 396 -11.18 -38.88 -38.19
C GLU D 396 -11.56 -40.26 -37.66
N VAL D 397 -10.60 -41.18 -37.58
CA VAL D 397 -10.88 -42.45 -36.91
C VAL D 397 -11.21 -42.19 -35.44
N SER D 398 -10.43 -41.34 -34.78
CA SER D 398 -10.77 -40.95 -33.41
C SER D 398 -12.11 -40.23 -33.36
N GLU D 399 -12.36 -39.36 -34.33
CA GLU D 399 -13.68 -38.74 -34.45
C GLU D 399 -14.76 -39.80 -34.66
N ASN D 400 -14.46 -40.82 -35.48
CA ASN D 400 -15.41 -41.90 -35.68
C ASN D 400 -15.63 -42.69 -34.41
N LYS D 401 -14.55 -43.08 -33.73
CA LYS D 401 -14.69 -43.80 -32.48
C LYS D 401 -15.38 -42.95 -31.42
N LEU D 402 -15.21 -41.63 -31.49
CA LEU D 402 -15.95 -40.74 -30.61
C LEU D 402 -17.42 -40.65 -31.03
N ARG D 403 -17.69 -40.79 -32.33
CA ARG D 403 -19.06 -40.70 -32.83
C ARG D 403 -19.89 -41.90 -32.38
N GLN D 404 -19.24 -43.04 -32.14
CA GLN D 404 -19.94 -44.26 -31.73
C GLN D 404 -20.72 -44.07 -30.43
N PRO E 15 -15.77 -2.51 -16.24
CA PRO E 15 -16.45 -3.79 -16.51
C PRO E 15 -16.15 -4.31 -17.91
N ALA E 16 -17.05 -5.11 -18.48
CA ALA E 16 -16.86 -5.66 -19.83
C ALA E 16 -17.07 -4.56 -20.87
N TYR E 17 -16.05 -3.72 -21.02
CA TYR E 17 -15.99 -2.68 -22.03
C TYR E 17 -14.70 -2.73 -22.84
N ARG E 18 -13.89 -3.77 -22.67
CA ARG E 18 -12.62 -3.86 -23.38
C ARG E 18 -12.84 -3.95 -24.89
N ILE E 19 -13.79 -4.78 -25.32
CA ILE E 19 -14.11 -4.88 -26.74
C ILE E 19 -14.61 -3.55 -27.28
N LEU E 20 -15.25 -2.73 -26.43
CA LEU E 20 -15.86 -1.48 -26.88
C LEU E 20 -14.84 -0.40 -27.23
N LYS E 21 -13.54 -0.65 -27.02
CA LYS E 21 -12.50 0.34 -27.26
C LYS E 21 -11.66 -0.07 -28.45
N PRO E 22 -11.67 0.66 -29.57
CA PRO E 22 -10.88 0.25 -30.74
C PRO E 22 -9.39 0.26 -30.45
N TRP E 23 -8.64 -0.15 -31.48
CA TRP E 23 -7.20 -0.30 -31.34
C TRP E 23 -6.52 1.02 -31.04
N TRP E 24 -7.01 2.12 -31.63
CA TRP E 24 -6.34 3.39 -31.47
C TRP E 24 -6.55 3.98 -30.09
N ASP E 25 -7.70 3.71 -29.47
CA ASP E 25 -7.94 4.17 -28.11
C ASP E 25 -7.33 3.22 -27.06
N VAL E 26 -6.55 2.23 -27.49
CA VAL E 26 -5.78 1.41 -26.56
C VAL E 26 -4.38 1.97 -26.39
N PHE E 27 -3.75 2.33 -27.51
CA PHE E 27 -2.48 3.07 -27.46
C PHE E 27 -2.61 4.32 -26.59
N THR E 28 -3.74 5.00 -26.69
CA THR E 28 -3.89 6.32 -26.08
C THR E 28 -3.94 6.22 -24.56
N ASP E 29 -4.50 5.12 -24.02
CA ASP E 29 -4.65 5.02 -22.58
C ASP E 29 -3.30 4.88 -21.89
N TYR E 30 -2.33 4.26 -22.57
CA TYR E 30 -0.98 4.16 -22.02
C TYR E 30 -0.24 5.49 -22.16
N ILE E 31 -0.39 6.15 -23.31
CA ILE E 31 0.27 7.44 -23.53
C ILE E 31 -0.22 8.46 -22.51
N SER E 32 -1.50 8.39 -22.14
CA SER E 32 -2.04 9.37 -21.21
C SER E 32 -1.66 9.04 -19.77
N ILE E 33 -0.90 7.96 -19.56
CA ILE E 33 -0.31 7.70 -18.25
C ILE E 33 1.11 8.25 -18.19
N VAL E 34 1.95 7.86 -19.14
CA VAL E 34 3.34 8.33 -19.15
C VAL E 34 3.39 9.85 -19.31
N MET E 35 2.38 10.45 -19.93
CA MET E 35 2.26 11.91 -19.89
C MET E 35 2.10 12.39 -18.45
N LEU E 36 1.43 11.60 -17.62
CA LEU E 36 1.23 11.98 -16.22
C LEU E 36 2.45 11.65 -15.37
N MET E 37 3.17 10.59 -15.72
CA MET E 37 4.33 10.20 -14.93
C MET E 37 5.41 11.27 -14.96
N ILE E 38 5.55 11.97 -16.10
CA ILE E 38 6.50 13.07 -16.19
C ILE E 38 5.90 14.40 -15.74
N ALA E 39 4.71 14.38 -15.13
CA ALA E 39 4.13 15.56 -14.50
C ALA E 39 4.21 15.50 -12.98
N VAL E 40 4.17 14.30 -12.42
CA VAL E 40 4.40 14.12 -10.99
C VAL E 40 5.89 14.03 -10.68
N PHE E 41 6.68 13.47 -11.59
CA PHE E 41 8.13 13.42 -11.40
C PHE E 41 8.74 14.80 -11.58
N GLY E 42 8.27 15.55 -12.58
CA GLY E 42 8.72 16.92 -12.73
C GLY E 42 8.15 17.84 -11.66
N GLY E 43 7.09 17.41 -10.98
CA GLY E 43 6.46 18.25 -9.99
C GLY E 43 7.08 18.10 -8.61
N THR E 44 7.30 16.85 -8.19
CA THR E 44 8.01 16.61 -6.93
C THR E 44 9.41 17.18 -6.98
N LEU E 45 10.02 17.21 -8.16
CA LEU E 45 11.34 17.74 -8.37
C LEU E 45 11.36 19.26 -8.49
N GLN E 46 10.20 19.92 -8.52
CA GLN E 46 10.10 21.36 -8.68
C GLN E 46 9.70 22.06 -7.39
N VAL E 47 9.08 21.34 -6.45
CA VAL E 47 8.74 21.91 -5.15
C VAL E 47 9.82 21.60 -4.13
N THR E 48 10.38 20.38 -4.19
CA THR E 48 11.51 20.03 -3.33
C THR E 48 12.70 20.93 -3.60
N GLN E 49 12.86 21.34 -4.85
CA GLN E 49 14.05 22.05 -5.31
C GLN E 49 13.55 22.97 -6.43
N ASP E 50 14.40 23.32 -7.39
CA ASP E 50 14.16 24.41 -8.36
C ASP E 50 14.36 25.76 -7.70
N LYS E 51 15.34 25.83 -6.80
CA LYS E 51 15.87 27.08 -6.34
C LYS E 51 16.60 27.79 -7.47
N MET E 52 16.88 29.06 -7.27
CA MET E 52 17.74 29.85 -8.14
C MET E 52 18.94 30.34 -7.35
N ILE E 53 20.10 30.32 -8.01
CA ILE E 53 21.30 30.95 -7.51
C ILE E 53 21.41 32.29 -8.19
N CYS E 54 21.92 33.30 -7.47
CA CYS E 54 22.00 34.65 -7.99
C CYS E 54 23.20 35.36 -7.38
N LEU E 55 24.03 35.93 -8.24
CA LEU E 55 25.17 36.74 -7.86
C LEU E 55 25.01 38.14 -8.42
N PRO E 56 25.47 39.18 -7.72
CA PRO E 56 25.44 40.51 -8.33
C PRO E 56 26.57 40.71 -9.32
N CYS E 57 26.40 41.69 -10.18
CA CYS E 57 27.42 42.07 -11.16
C CYS E 57 27.91 43.48 -10.82
N LYS E 58 29.14 43.55 -10.30
CA LYS E 58 29.72 44.84 -9.91
C LYS E 58 29.83 45.77 -11.10
N TRP E 59 30.30 45.27 -12.24
CA TRP E 59 30.44 46.04 -13.47
C TRP E 59 29.31 45.65 -14.41
N VAL E 60 28.61 46.65 -14.94
CA VAL E 60 27.42 46.44 -15.75
C VAL E 60 27.34 47.53 -16.80
N THR E 61 26.80 47.18 -17.97
CA THR E 61 26.58 48.14 -19.06
C THR E 61 25.20 47.86 -19.65
N LYS E 62 24.23 48.71 -19.32
CA LYS E 62 22.87 48.61 -19.83
C LYS E 62 22.23 47.27 -19.44
N ASP E 63 22.16 47.05 -18.13
CA ASP E 63 21.51 45.88 -17.55
C ASP E 63 22.10 44.59 -18.12
N SER E 64 23.42 44.56 -18.29
CA SER E 64 24.11 43.41 -18.83
C SER E 64 25.49 43.31 -18.20
N CYS E 65 25.80 42.14 -17.65
CA CYS E 65 27.08 41.90 -16.99
C CYS E 65 28.16 41.83 -18.06
N ASN E 66 28.80 42.96 -18.34
CA ASN E 66 29.68 43.08 -19.51
C ASN E 66 30.88 42.14 -19.43
N ASP E 67 31.82 42.44 -18.53
CA ASP E 67 33.00 41.61 -18.32
C ASP E 67 33.86 42.28 -17.25
N SER E 68 34.86 41.54 -16.78
CA SER E 68 35.88 42.07 -15.88
C SER E 68 36.95 41.01 -15.61
N THR E 92 49.91 38.44 -7.60
CA THR E 92 50.06 37.90 -8.95
C THR E 92 48.90 36.97 -9.28
N GLY E 93 48.79 35.86 -8.54
CA GLY E 93 47.72 34.93 -8.74
C GLY E 93 46.38 35.56 -8.42
N PRO E 94 45.30 35.12 -9.08
CA PRO E 94 44.01 35.77 -8.90
C PRO E 94 43.43 35.48 -7.52
N THR E 95 42.42 36.28 -7.16
CA THR E 95 41.76 36.15 -5.87
C THR E 95 40.27 36.37 -6.05
N GLY E 96 39.50 35.92 -5.07
CA GLY E 96 38.06 36.03 -5.14
C GLY E 96 37.59 37.47 -5.07
N ILE E 97 36.34 37.66 -5.49
CA ILE E 97 35.66 38.94 -5.40
C ILE E 97 34.78 38.90 -4.16
N LYS E 98 34.79 39.99 -3.40
CA LYS E 98 34.03 40.11 -2.16
C LYS E 98 32.92 41.12 -2.35
N TYR E 99 31.67 40.63 -2.32
CA TYR E 99 30.50 41.47 -2.42
C TYR E 99 30.01 41.95 -1.06
N ASP E 100 30.54 41.41 0.03
CA ASP E 100 30.15 41.80 1.39
C ASP E 100 28.66 41.59 1.61
N LEU E 101 28.19 40.38 1.29
CA LEU E 101 26.81 39.98 1.46
C LEU E 101 26.75 38.74 2.34
N ASP E 102 25.76 38.70 3.23
CA ASP E 102 25.51 37.52 4.03
C ASP E 102 24.69 36.50 3.25
N ARG E 103 24.22 35.48 3.96
CA ARG E 103 23.48 34.40 3.29
C ARG E 103 22.03 34.79 3.06
N HIS E 104 21.47 35.62 3.95
CA HIS E 104 20.06 35.96 3.85
C HIS E 104 19.81 36.97 2.74
N GLN E 105 20.82 37.76 2.39
CA GLN E 105 20.65 38.68 1.27
C GLN E 105 20.72 37.91 -0.05
N TYR E 106 21.53 36.85 -0.09
CA TYR E 106 21.55 35.98 -1.24
C TYR E 106 20.26 35.18 -1.33
N ASN E 107 19.69 34.82 -0.18
CA ASN E 107 18.46 34.03 -0.18
C ASN E 107 17.24 34.89 -0.44
N TYR E 108 17.34 36.19 -0.17
CA TYR E 108 16.23 37.10 -0.45
C TYR E 108 16.17 37.40 -1.95
N VAL E 109 17.32 37.63 -2.57
CA VAL E 109 17.35 38.02 -3.98
C VAL E 109 17.01 36.84 -4.87
N ASP E 110 17.25 35.61 -4.39
CA ASP E 110 16.83 34.44 -5.15
C ASP E 110 15.32 34.38 -5.29
N ALA E 111 14.60 34.64 -4.20
CA ALA E 111 13.14 34.60 -4.26
C ALA E 111 12.60 35.66 -5.19
N VAL E 112 13.14 36.87 -5.10
CA VAL E 112 12.72 37.96 -5.97
C VAL E 112 12.98 37.60 -7.44
N CYS E 113 14.20 37.19 -7.75
CA CYS E 113 14.55 36.89 -9.14
C CYS E 113 13.99 35.54 -9.59
N TYR E 114 13.36 34.79 -8.68
CA TYR E 114 12.63 33.58 -9.06
C TYR E 114 11.15 33.84 -9.21
N GLU E 115 10.64 34.87 -8.54
CA GLU E 115 9.23 35.21 -8.63
C GLU E 115 8.95 36.15 -9.79
N ASN E 116 9.80 37.15 -9.99
CA ASN E 116 9.55 38.21 -10.96
C ASN E 116 10.18 37.93 -12.32
N ARG E 117 11.50 37.80 -12.37
CA ARG E 117 12.21 37.61 -13.63
C ARG E 117 12.43 36.15 -13.96
N LEU E 118 11.38 35.34 -13.93
CA LEU E 118 11.40 33.98 -14.44
C LEU E 118 10.02 33.65 -14.98
N HIS E 119 9.98 33.06 -16.17
CA HIS E 119 8.71 32.85 -16.85
C HIS E 119 7.86 31.83 -16.11
N TRP E 120 6.56 32.09 -16.05
CA TRP E 120 5.64 31.20 -15.34
C TRP E 120 5.65 29.80 -15.93
N PHE E 121 6.02 29.66 -17.20
CA PHE E 121 5.99 28.35 -17.83
C PHE E 121 7.08 27.44 -17.27
N ALA E 122 8.22 28.01 -16.87
CA ALA E 122 9.29 27.20 -16.33
C ALA E 122 8.95 26.68 -14.94
N LYS E 123 8.18 27.45 -14.18
CA LYS E 123 7.90 27.11 -12.80
C LYS E 123 6.69 26.18 -12.69
N TYR E 124 5.77 26.27 -13.65
CA TYR E 124 4.47 25.61 -13.56
C TYR E 124 4.28 24.53 -14.63
N PHE E 125 5.29 24.28 -15.46
CA PHE E 125 5.23 23.19 -16.44
C PHE E 125 4.77 21.86 -15.86
N PRO E 126 5.27 21.40 -14.71
CA PRO E 126 4.80 20.09 -14.20
C PRO E 126 3.35 20.11 -13.75
N TYR E 127 2.88 21.23 -13.21
CA TYR E 127 1.49 21.32 -12.78
C TYR E 127 0.57 21.48 -13.99
N LEU E 128 1.11 21.95 -15.12
CA LEU E 128 0.28 22.28 -16.27
C LEU E 128 0.00 21.05 -17.13
N VAL E 129 1.03 20.21 -17.33
CA VAL E 129 0.80 18.99 -18.11
C VAL E 129 -0.09 18.03 -17.33
N LEU E 130 -0.07 18.11 -15.99
CA LEU E 130 -0.99 17.31 -15.20
C LEU E 130 -2.42 17.75 -15.43
N LEU E 131 -2.68 19.06 -15.37
CA LEU E 131 -4.03 19.57 -15.61
C LEU E 131 -4.53 19.16 -16.99
N HIS E 132 -3.65 19.17 -17.98
CA HIS E 132 -4.08 18.87 -19.35
C HIS E 132 -4.28 17.38 -19.55
N THR E 133 -3.35 16.56 -19.06
CA THR E 133 -3.48 15.12 -19.27
C THR E 133 -4.66 14.55 -18.50
N LEU E 134 -5.06 15.21 -17.42
CA LEU E 134 -6.26 14.79 -16.69
C LEU E 134 -7.51 15.07 -17.52
N ILE E 135 -7.47 16.13 -18.34
CA ILE E 135 -8.59 16.43 -19.23
C ILE E 135 -8.62 15.44 -20.39
N PHE E 136 -7.48 15.31 -21.09
CA PHE E 136 -7.29 14.30 -22.13
C PHE E 136 -7.71 12.91 -21.67
N LEU E 137 -7.46 12.61 -20.39
CA LEU E 137 -7.82 11.31 -19.82
C LEU E 137 -9.30 11.27 -19.43
N ALA E 138 -9.77 12.25 -18.66
CA ALA E 138 -11.11 12.18 -18.11
C ALA E 138 -12.17 12.35 -19.18
N CYS E 139 -11.86 13.08 -20.26
CA CYS E 139 -12.82 13.22 -21.34
C CYS E 139 -13.13 11.87 -21.97
N SER E 140 -12.14 10.99 -22.05
CA SER E 140 -12.35 9.66 -22.63
C SER E 140 -13.39 8.89 -21.83
N ASN E 141 -13.34 8.97 -20.50
CA ASN E 141 -14.18 8.17 -19.63
C ASN E 141 -15.46 8.89 -19.19
N PHE E 142 -15.61 10.18 -19.51
CA PHE E 142 -16.85 10.87 -19.18
C PHE E 142 -18.03 10.28 -19.95
N TRP E 143 -17.77 9.74 -21.13
CA TRP E 143 -18.80 9.08 -21.93
C TRP E 143 -19.30 7.79 -21.27
N PHE E 144 -18.59 7.27 -20.27
CA PHE E 144 -19.00 6.09 -19.53
C PHE E 144 -19.70 6.41 -18.21
N LYS E 145 -19.71 7.67 -17.78
CA LYS E 145 -20.25 8.05 -16.48
C LYS E 145 -21.59 8.77 -16.55
N PHE E 146 -21.85 9.48 -17.64
CA PHE E 146 -23.09 10.23 -17.75
C PHE E 146 -24.25 9.25 -17.90
N PRO E 147 -25.22 9.22 -16.97
CA PRO E 147 -26.16 8.09 -16.95
C PRO E 147 -27.06 8.00 -18.16
N ARG E 148 -27.27 9.11 -18.87
CA ARG E 148 -28.10 9.06 -20.08
C ARG E 148 -27.46 8.18 -21.14
N THR E 149 -26.13 8.04 -21.11
CA THR E 149 -25.39 7.27 -22.10
C THR E 149 -24.76 6.00 -21.55
N SER E 150 -24.37 5.99 -20.27
CA SER E 150 -23.84 4.76 -19.70
C SER E 150 -24.87 3.65 -19.71
N SER E 151 -26.14 4.00 -19.53
CA SER E 151 -27.20 2.99 -19.54
C SER E 151 -27.30 2.30 -20.89
N LYS E 152 -27.21 3.07 -21.98
CA LYS E 152 -27.32 2.48 -23.31
C LYS E 152 -26.16 1.54 -23.59
N LEU E 153 -24.94 1.96 -23.24
CA LEU E 153 -23.79 1.07 -23.35
C LEU E 153 -23.93 -0.14 -22.43
N GLU E 154 -24.63 0.02 -21.31
CA GLU E 154 -24.59 -0.98 -20.25
C GLU E 154 -25.27 -2.28 -20.70
N HIS E 155 -26.37 -2.17 -21.45
CA HIS E 155 -27.09 -3.35 -21.92
C HIS E 155 -26.79 -3.72 -23.36
N PHE E 156 -26.26 -2.80 -24.17
CA PHE E 156 -25.90 -3.17 -25.54
C PHE E 156 -24.79 -4.21 -25.54
N VAL E 157 -23.72 -3.97 -24.80
CA VAL E 157 -22.64 -4.94 -24.73
C VAL E 157 -23.13 -6.23 -24.07
N SER E 158 -24.16 -6.14 -23.24
CA SER E 158 -24.70 -7.33 -22.59
C SER E 158 -25.29 -8.30 -23.60
N ILE E 159 -26.14 -7.80 -24.52
CA ILE E 159 -26.81 -8.70 -25.44
C ILE E 159 -25.84 -9.23 -26.50
N LEU E 160 -24.78 -8.49 -26.81
CA LEU E 160 -23.77 -9.00 -27.73
C LEU E 160 -22.89 -10.05 -27.07
N LEU E 161 -22.60 -9.87 -25.78
CA LEU E 161 -21.72 -10.82 -25.09
C LEU E 161 -22.39 -12.18 -24.96
N LYS E 162 -23.72 -12.21 -24.82
CA LYS E 162 -24.44 -13.48 -24.78
C LYS E 162 -24.59 -14.06 -26.18
N CYS E 163 -24.95 -13.23 -27.16
CA CYS E 163 -25.17 -13.72 -28.51
C CYS E 163 -23.91 -14.32 -29.11
N PHE E 164 -22.74 -13.83 -28.70
CA PHE E 164 -21.48 -14.45 -29.11
C PHE E 164 -21.46 -15.93 -28.71
N ASP E 165 -21.91 -16.23 -27.50
CA ASP E 165 -22.02 -17.62 -27.03
C ASP E 165 -23.45 -18.08 -27.24
N SER E 166 -23.70 -18.63 -28.42
CA SER E 166 -25.04 -19.06 -28.85
C SER E 166 -24.91 -20.31 -29.70
N PRO E 167 -25.42 -21.47 -29.27
CA PRO E 167 -25.37 -22.66 -30.14
C PRO E 167 -26.05 -22.49 -31.49
N TRP E 168 -27.13 -21.72 -31.57
CA TRP E 168 -27.84 -21.58 -32.84
C TRP E 168 -26.99 -20.86 -33.89
N THR E 169 -26.10 -19.96 -33.46
CA THR E 169 -25.25 -19.25 -34.40
C THR E 169 -24.33 -20.21 -35.15
N THR E 170 -23.99 -21.33 -34.52
CA THR E 170 -23.18 -22.35 -35.17
C THR E 170 -23.87 -22.87 -36.43
N ARG E 171 -25.13 -23.26 -36.31
CA ARG E 171 -25.86 -23.80 -37.45
C ARG E 171 -26.13 -22.72 -38.48
N ALA E 172 -26.55 -21.53 -38.04
CA ALA E 172 -26.87 -20.46 -38.99
C ALA E 172 -25.62 -19.98 -39.72
N LEU E 173 -24.48 -19.90 -39.02
CA LEU E 173 -23.24 -19.54 -39.69
C LEU E 173 -22.82 -20.59 -40.71
N SER E 174 -23.18 -21.84 -40.48
CA SER E 174 -22.87 -22.93 -41.40
C SER E 174 -24.04 -23.20 -42.36
N GLU E 236 -35.70 -26.67 -26.25
CA GLU E 236 -36.21 -25.58 -25.44
C GLU E 236 -35.90 -24.23 -26.09
N GLY E 237 -36.08 -24.16 -27.41
CA GLY E 237 -35.82 -22.95 -28.16
C GLY E 237 -36.66 -21.75 -27.78
N GLU E 238 -37.74 -21.95 -27.01
CA GLU E 238 -38.58 -20.83 -26.60
C GLU E 238 -37.80 -19.85 -25.72
N GLN E 239 -36.83 -20.35 -24.96
CA GLN E 239 -35.92 -19.45 -24.24
C GLN E 239 -35.13 -18.59 -25.22
N ALA E 240 -34.69 -19.19 -26.33
CA ALA E 240 -33.99 -18.42 -27.35
C ALA E 240 -34.93 -17.50 -28.11
N LYS E 241 -36.24 -17.79 -28.10
CA LYS E 241 -37.20 -16.89 -28.71
C LYS E 241 -37.28 -15.57 -27.94
N ALA E 242 -37.23 -15.64 -26.61
CA ALA E 242 -37.24 -14.41 -25.80
C ALA E 242 -36.05 -13.53 -26.14
N LEU E 243 -34.91 -14.14 -26.47
CA LEU E 243 -33.75 -13.37 -26.94
C LEU E 243 -34.10 -12.62 -28.22
N PHE E 244 -34.70 -13.31 -29.19
CA PHE E 244 -35.11 -12.65 -30.44
C PHE E 244 -36.07 -11.50 -30.18
N GLU E 245 -36.97 -11.66 -29.19
CA GLU E 245 -37.87 -10.57 -28.85
C GLU E 245 -37.16 -9.50 -28.03
N LYS E 246 -36.19 -9.90 -27.21
CA LYS E 246 -35.38 -8.93 -26.49
C LYS E 246 -34.62 -8.03 -27.45
N VAL E 247 -33.87 -8.62 -28.38
CA VAL E 247 -33.06 -7.83 -29.29
C VAL E 247 -33.92 -7.08 -30.30
N LYS E 248 -35.12 -7.59 -30.59
CA LYS E 248 -36.05 -6.82 -31.40
C LYS E 248 -36.59 -5.63 -30.61
N LYS E 249 -36.85 -5.82 -29.31
CA LYS E 249 -37.25 -4.71 -28.47
C LYS E 249 -36.07 -3.75 -28.27
N PHE E 250 -34.89 -4.28 -27.97
CA PHE E 250 -33.74 -3.42 -27.74
C PHE E 250 -33.30 -2.71 -29.01
N ARG E 251 -33.69 -3.23 -30.17
CA ARG E 251 -33.47 -2.47 -31.41
C ARG E 251 -34.47 -1.33 -31.53
N THR E 252 -35.74 -1.59 -31.25
CA THR E 252 -36.76 -0.54 -31.30
C THR E 252 -36.69 0.39 -30.10
N HIS E 253 -35.90 0.05 -29.07
CA HIS E 253 -35.79 0.89 -27.88
C HIS E 253 -34.74 1.98 -28.08
N VAL E 254 -33.65 1.66 -28.77
CA VAL E 254 -32.51 2.56 -28.95
C VAL E 254 -32.53 3.23 -30.32
N GLU E 255 -33.56 2.99 -31.13
CA GLU E 255 -33.55 3.41 -32.52
C GLU E 255 -33.93 4.87 -32.72
N GLU E 256 -34.30 5.59 -31.67
CA GLU E 256 -34.75 6.97 -31.77
C GLU E 256 -33.58 7.91 -31.52
N GLY E 257 -32.89 8.29 -32.58
CA GLY E 257 -31.87 9.30 -32.50
C GLY E 257 -30.50 8.78 -32.12
N ASP E 258 -29.55 9.71 -32.04
CA ASP E 258 -28.16 9.43 -31.73
C ASP E 258 -27.74 10.26 -30.52
N ILE E 259 -27.28 9.58 -29.47
CA ILE E 259 -26.76 10.23 -28.27
C ILE E 259 -25.33 9.78 -27.98
N VAL E 260 -25.06 8.48 -28.06
CA VAL E 260 -23.69 8.00 -27.86
C VAL E 260 -22.84 8.34 -29.07
N TYR E 261 -23.43 8.31 -30.27
CA TYR E 261 -22.73 8.79 -31.45
C TYR E 261 -22.56 10.31 -31.41
N ARG E 262 -23.37 10.99 -30.60
CA ARG E 262 -23.17 12.43 -30.39
C ARG E 262 -22.02 12.67 -29.41
N LEU E 263 -22.03 11.99 -28.26
CA LEU E 263 -20.99 12.22 -27.26
C LEU E 263 -19.63 11.74 -27.76
N TYR E 264 -19.55 10.49 -28.24
CA TYR E 264 -18.27 9.97 -28.71
C TYR E 264 -17.75 10.76 -29.90
N MET E 265 -18.61 11.49 -30.60
CA MET E 265 -18.17 12.42 -31.62
C MET E 265 -17.68 13.72 -31.00
N ARG E 266 -18.24 14.10 -29.85
CA ARG E 266 -17.74 15.28 -29.15
C ARG E 266 -16.35 15.05 -28.60
N GLN E 267 -16.09 13.84 -28.10
CA GLN E 267 -14.82 13.56 -27.43
C GLN E 267 -13.65 13.69 -28.39
N THR E 268 -13.82 13.19 -29.61
CA THR E 268 -12.78 13.32 -30.62
C THR E 268 -12.85 14.63 -31.38
N ILE E 269 -13.86 15.47 -31.08
CA ILE E 269 -13.84 16.86 -31.56
C ILE E 269 -13.09 17.74 -30.56
N ILE E 270 -13.16 17.42 -29.27
CA ILE E 270 -12.53 18.23 -28.23
C ILE E 270 -11.15 17.69 -27.81
N LYS E 271 -10.83 16.44 -28.10
CA LYS E 271 -9.48 15.92 -27.90
C LYS E 271 -8.62 16.06 -29.15
N VAL E 272 -9.05 16.89 -30.11
CA VAL E 272 -8.20 17.34 -31.20
C VAL E 272 -7.92 18.84 -31.10
N ILE E 273 -8.92 19.60 -30.62
CA ILE E 273 -8.74 21.03 -30.44
C ILE E 273 -7.72 21.30 -29.34
N LYS E 274 -7.70 20.47 -28.30
CA LYS E 274 -6.73 20.65 -27.22
C LYS E 274 -5.32 20.44 -27.73
N PHE E 275 -5.07 19.32 -28.40
CA PHE E 275 -3.80 19.08 -29.08
C PHE E 275 -3.43 20.26 -29.97
N ALA E 276 -4.41 20.83 -30.67
CA ALA E 276 -4.14 21.99 -31.51
C ALA E 276 -3.92 23.25 -30.65
N LEU E 277 -4.43 23.25 -29.42
CA LEU E 277 -4.19 24.35 -28.49
C LEU E 277 -2.88 24.17 -27.74
N ILE E 278 -2.53 22.92 -27.38
CA ILE E 278 -1.27 22.65 -26.71
C ILE E 278 -0.10 23.16 -27.53
N ILE E 279 -0.02 22.75 -28.80
CA ILE E 279 1.11 23.12 -29.64
C ILE E 279 1.16 24.64 -29.87
N CYS E 280 0.03 25.33 -29.72
CA CYS E 280 0.02 26.77 -29.93
C CYS E 280 0.84 27.49 -28.87
N TYR E 281 0.89 26.96 -27.65
CA TYR E 281 1.57 27.60 -26.53
C TYR E 281 2.80 26.85 -26.04
N THR E 282 2.82 25.53 -26.10
CA THR E 282 3.93 24.77 -25.56
C THR E 282 5.17 24.82 -26.45
N VAL E 283 5.01 25.06 -27.75
CA VAL E 283 6.14 25.29 -28.63
C VAL E 283 6.59 26.74 -28.61
N TYR E 284 5.69 27.68 -28.29
CA TYR E 284 5.99 29.09 -28.29
C TYR E 284 6.59 29.57 -26.98
N TYR E 285 6.62 28.74 -25.93
CA TYR E 285 7.11 29.12 -24.63
C TYR E 285 8.20 28.21 -24.07
N VAL E 286 8.68 27.23 -24.83
CA VAL E 286 9.74 26.37 -24.30
C VAL E 286 11.09 27.07 -24.33
N HIS E 287 11.31 27.99 -25.27
CA HIS E 287 12.56 28.74 -25.26
C HIS E 287 12.66 29.69 -24.08
N ASN E 288 11.55 29.96 -23.39
CA ASN E 288 11.60 30.85 -22.23
C ASN E 288 12.44 30.26 -21.10
N ILE E 289 12.42 28.93 -20.96
CA ILE E 289 13.18 28.28 -19.90
C ILE E 289 14.61 28.16 -20.38
N LYS E 290 15.56 28.54 -19.53
CA LYS E 290 16.97 28.48 -19.86
C LYS E 290 17.80 28.62 -18.60
N PHE E 291 18.98 28.02 -18.63
CA PHE E 291 19.87 28.02 -17.47
C PHE E 291 20.26 29.43 -17.06
N ASP E 292 20.96 30.15 -17.93
CA ASP E 292 21.46 31.49 -17.62
C ASP E 292 20.29 32.47 -17.60
N VAL E 293 20.11 33.14 -16.47
CA VAL E 293 19.09 34.17 -16.31
C VAL E 293 19.74 35.42 -15.76
N ASP E 294 19.39 36.57 -16.33
CA ASP E 294 19.77 37.87 -15.81
C ASP E 294 18.51 38.56 -15.31
N CYS E 295 18.58 39.10 -14.09
CA CYS E 295 17.46 39.80 -13.48
C CYS E 295 17.89 41.18 -13.00
N THR E 296 16.91 42.06 -12.87
CA THR E 296 17.13 43.44 -12.46
C THR E 296 15.83 43.93 -11.84
N VAL E 297 15.83 44.14 -10.53
CA VAL E 297 14.61 44.16 -9.73
C VAL E 297 14.51 45.37 -8.82
N ASP E 298 15.53 46.23 -8.78
CA ASP E 298 15.46 47.51 -8.07
C ASP E 298 15.22 47.32 -6.57
N ILE E 299 16.19 46.65 -5.93
CA ILE E 299 16.18 46.49 -4.48
C ILE E 299 17.52 46.94 -3.90
N GLU E 300 18.11 47.97 -4.51
CA GLU E 300 19.37 48.54 -4.03
C GLU E 300 19.33 48.88 -2.54
N SER E 301 18.16 49.23 -2.03
CA SER E 301 18.05 49.71 -0.66
C SER E 301 18.42 48.62 0.35
N LEU E 302 18.34 47.35 -0.05
CA LEU E 302 18.52 46.24 0.86
C LEU E 302 19.89 45.58 0.67
N THR E 303 20.23 45.27 -0.57
CA THR E 303 21.48 44.59 -0.85
C THR E 303 22.59 45.58 -1.21
N GLY E 304 22.30 46.51 -2.11
CA GLY E 304 23.26 47.48 -2.58
C GLY E 304 23.56 47.42 -4.06
N TYR E 305 23.02 46.43 -4.77
CA TYR E 305 23.28 46.24 -6.19
C TYR E 305 21.98 46.40 -6.98
N ARG E 306 22.13 46.63 -8.28
CA ARG E 306 20.99 46.77 -9.19
C ARG E 306 20.67 45.46 -9.89
N THR E 307 21.65 44.90 -10.60
CA THR E 307 21.46 43.75 -11.47
C THR E 307 22.15 42.53 -10.86
N TYR E 308 21.56 41.37 -11.08
CA TYR E 308 22.07 40.12 -10.56
C TYR E 308 21.98 39.05 -11.64
N ARG E 309 23.13 38.52 -12.04
CA ARG E 309 23.18 37.33 -12.86
C ARG E 309 22.74 36.15 -12.00
N CYS E 310 21.98 35.23 -12.61
CA CYS E 310 21.43 34.09 -11.90
C CYS E 310 21.59 32.84 -12.73
N ALA E 311 21.16 31.72 -12.14
CA ALA E 311 21.24 30.41 -12.77
C ALA E 311 20.07 29.55 -12.29
N HIS E 312 19.50 28.80 -13.23
CA HIS E 312 18.37 27.91 -12.99
C HIS E 312 18.83 26.51 -13.35
N PRO E 313 19.28 25.69 -12.39
CA PRO E 313 19.96 24.44 -12.74
C PRO E 313 19.06 23.40 -13.39
N LEU E 314 17.76 23.44 -13.14
CA LEU E 314 16.84 22.46 -13.71
C LEU E 314 16.30 22.87 -15.08
N ALA E 315 16.75 24.00 -15.63
CA ALA E 315 16.24 24.45 -16.92
C ALA E 315 16.56 23.43 -18.01
N THR E 316 17.69 22.73 -17.87
CA THR E 316 18.05 21.72 -18.85
C THR E 316 17.20 20.47 -18.69
N LEU E 317 16.84 20.13 -17.46
CA LEU E 317 16.03 18.94 -17.24
C LEU E 317 14.57 19.14 -17.61
N PHE E 318 14.11 20.39 -17.69
CA PHE E 318 12.75 20.66 -18.12
C PHE E 318 12.63 20.78 -19.63
N LYS E 319 13.68 21.20 -20.32
CA LYS E 319 13.67 21.14 -21.78
C LYS E 319 13.54 19.70 -22.26
N ILE E 320 14.18 18.77 -21.55
CA ILE E 320 14.14 17.37 -21.94
C ILE E 320 12.73 16.82 -21.77
N LEU E 321 12.13 17.05 -20.59
CA LEU E 321 10.77 16.58 -20.37
C LEU E 321 9.78 17.25 -21.30
N ALA E 322 9.91 18.56 -21.50
CA ALA E 322 9.03 19.25 -22.43
C ALA E 322 9.20 18.74 -23.85
N SER E 323 10.44 18.60 -24.30
CA SER E 323 10.69 18.07 -25.64
C SER E 323 10.31 16.59 -25.72
N PHE E 324 10.29 15.90 -24.59
CA PHE E 324 9.79 14.52 -24.55
C PHE E 324 8.28 14.50 -24.42
N TYR E 325 7.70 15.53 -23.79
CA TYR E 325 6.25 15.59 -23.62
C TYR E 325 5.56 15.85 -24.95
N ILE E 326 5.93 16.92 -25.64
CA ILE E 326 5.21 17.31 -26.86
C ILE E 326 5.39 16.25 -27.94
N SER E 327 6.52 15.55 -27.96
CA SER E 327 6.65 14.37 -28.81
C SER E 327 5.77 13.23 -28.35
N LEU E 328 5.41 13.20 -27.07
CA LEU E 328 4.43 12.29 -26.52
C LEU E 328 3.00 12.81 -26.65
N VAL E 329 2.79 13.88 -27.42
CA VAL E 329 1.46 14.44 -27.64
C VAL E 329 1.13 14.58 -29.12
N ILE E 330 2.13 14.68 -29.99
CA ILE E 330 1.84 14.64 -31.42
C ILE E 330 1.58 13.21 -31.87
N PHE E 331 2.31 12.25 -31.30
CA PHE E 331 1.99 10.84 -31.53
C PHE E 331 0.59 10.53 -31.01
N TYR E 332 0.22 11.15 -29.89
CA TYR E 332 -1.16 11.13 -29.43
C TYR E 332 -2.06 11.81 -30.45
N GLY E 333 -1.67 12.99 -30.92
CA GLY E 333 -2.49 13.72 -31.86
C GLY E 333 -2.63 13.03 -33.19
N LEU E 334 -1.62 12.26 -33.59
CA LEU E 334 -1.73 11.50 -34.83
C LEU E 334 -2.75 10.38 -34.70
N ILE E 335 -2.95 9.87 -33.49
CA ILE E 335 -3.97 8.84 -33.26
C ILE E 335 -5.36 9.41 -33.53
N CYS E 336 -5.67 10.55 -32.93
CA CYS E 336 -7.02 11.09 -33.03
C CYS E 336 -7.31 11.69 -34.40
N MET E 337 -6.27 12.02 -35.17
CA MET E 337 -6.50 12.55 -36.51
C MET E 337 -7.05 11.49 -37.45
N TYR E 338 -6.44 10.30 -37.45
CA TYR E 338 -6.93 9.21 -38.29
C TYR E 338 -8.34 8.81 -37.91
N THR E 339 -8.71 8.98 -36.64
CA THR E 339 -10.07 8.66 -36.20
C THR E 339 -11.11 9.45 -36.98
N LEU E 340 -10.98 10.77 -36.98
CA LEU E 340 -11.96 11.61 -37.69
C LEU E 340 -11.89 11.37 -39.20
N TRP E 341 -10.70 11.06 -39.72
CA TRP E 341 -10.62 10.56 -41.09
C TRP E 341 -11.47 9.31 -41.27
N TRP E 342 -11.49 8.45 -40.25
CA TRP E 342 -12.24 7.21 -40.26
C TRP E 342 -13.68 7.39 -39.77
N MET E 343 -13.93 8.41 -38.95
CA MET E 343 -15.23 8.60 -38.32
C MET E 343 -16.20 9.42 -39.16
N LEU E 344 -15.75 9.95 -40.29
CA LEU E 344 -16.59 10.71 -41.21
C LEU E 344 -16.61 10.13 -42.61
N ARG E 345 -15.50 9.53 -43.05
CA ARG E 345 -15.46 8.89 -44.36
C ARG E 345 -16.47 7.75 -44.45
N ARG E 346 -16.65 7.01 -43.35
CA ARG E 346 -17.53 5.85 -43.39
C ARG E 346 -19.00 6.26 -43.42
N SER E 347 -19.33 7.37 -42.74
CA SER E 347 -20.71 7.84 -42.66
C SER E 347 -21.61 6.75 -42.08
N LEU E 348 -21.31 6.35 -40.86
CA LEU E 348 -21.92 5.15 -40.25
C LEU E 348 -23.17 5.54 -39.45
N LYS E 349 -24.06 6.28 -40.12
CA LYS E 349 -25.37 6.56 -39.52
C LYS E 349 -26.21 5.29 -39.44
N LYS E 350 -25.96 4.34 -40.33
CA LYS E 350 -26.56 3.01 -40.28
C LYS E 350 -25.47 1.96 -40.52
N TYR E 351 -25.89 0.70 -40.47
CA TYR E 351 -25.00 -0.43 -40.73
C TYR E 351 -25.16 -0.91 -42.17
N SER E 352 -24.19 -1.72 -42.59
CA SER E 352 -24.20 -2.36 -43.91
C SER E 352 -23.98 -3.85 -43.72
N PHE E 353 -25.06 -4.61 -43.69
CA PHE E 353 -25.02 -6.07 -43.60
C PHE E 353 -24.88 -6.74 -44.96
N GLU E 354 -24.54 -5.98 -46.01
CA GLU E 354 -24.57 -6.52 -47.35
C GLU E 354 -23.45 -7.53 -47.59
N SER E 355 -22.40 -7.50 -46.78
CA SER E 355 -21.25 -8.39 -46.99
C SER E 355 -21.50 -9.78 -46.42
N ILE E 356 -22.44 -9.90 -45.46
CA ILE E 356 -22.77 -11.19 -44.87
C ILE E 356 -24.06 -11.78 -45.45
N ARG E 357 -24.94 -10.95 -46.04
CA ARG E 357 -26.21 -11.46 -46.54
C ARG E 357 -26.00 -12.48 -47.65
N GLU E 358 -24.86 -12.42 -48.35
CA GLU E 358 -24.49 -13.48 -49.28
C GLU E 358 -24.08 -14.74 -48.55
N GLU E 359 -23.41 -14.59 -47.40
CA GLU E 359 -22.91 -15.75 -46.67
C GLU E 359 -24.05 -16.52 -46.01
N SER E 360 -24.95 -15.80 -45.33
CA SER E 360 -26.11 -16.47 -44.73
C SER E 360 -27.13 -16.85 -45.80
N SER E 361 -27.29 -16.01 -46.82
CA SER E 361 -28.26 -16.24 -47.89
C SER E 361 -29.67 -16.36 -47.32
N TYR E 362 -30.04 -15.41 -46.45
CA TYR E 362 -31.37 -15.32 -45.85
C TYR E 362 -32.14 -14.10 -46.32
N SER E 363 -31.51 -12.92 -46.27
CA SER E 363 -32.07 -11.67 -46.74
C SER E 363 -33.26 -11.17 -45.92
N ASP E 364 -33.54 -11.81 -44.78
CA ASP E 364 -34.60 -11.37 -43.87
C ASP E 364 -34.09 -10.45 -42.78
N ILE E 365 -32.86 -9.94 -42.91
CA ILE E 365 -32.20 -9.14 -41.89
C ILE E 365 -32.00 -7.74 -42.45
N PRO E 366 -32.74 -6.72 -42.01
CA PRO E 366 -32.55 -5.38 -42.56
C PRO E 366 -31.54 -4.56 -41.79
N ASP E 367 -31.10 -3.48 -42.43
CA ASP E 367 -30.14 -2.57 -41.79
C ASP E 367 -30.78 -1.89 -40.59
N VAL E 368 -30.01 -1.75 -39.52
CA VAL E 368 -30.47 -1.07 -38.32
C VAL E 368 -30.33 0.43 -38.54
N LYS E 369 -31.31 1.19 -38.04
CA LYS E 369 -31.48 2.55 -38.54
C LYS E 369 -30.42 3.50 -37.99
N ASN E 370 -30.38 3.70 -36.67
CA ASN E 370 -29.48 4.69 -36.11
C ASN E 370 -29.17 4.34 -34.66
N ASP E 371 -27.88 4.45 -34.31
CA ASP E 371 -27.36 4.29 -32.96
C ASP E 371 -27.30 2.84 -32.50
N PHE E 372 -27.82 1.91 -33.32
CA PHE E 372 -27.59 0.49 -33.09
C PHE E 372 -26.49 -0.01 -34.02
N ALA E 373 -26.29 0.67 -35.15
CA ALA E 373 -25.18 0.36 -36.03
C ALA E 373 -23.85 0.78 -35.43
N PHE E 374 -23.76 2.04 -34.99
CA PHE E 374 -22.49 2.60 -34.55
C PHE E 374 -21.93 1.84 -33.35
N MET E 375 -22.79 1.51 -32.37
CA MET E 375 -22.36 0.67 -31.27
C MET E 375 -21.86 -0.68 -31.77
N LEU E 376 -22.46 -1.18 -32.86
CA LEU E 376 -22.02 -2.43 -33.47
C LEU E 376 -20.86 -2.20 -34.43
N HIS E 377 -20.74 -1.00 -35.00
CA HIS E 377 -19.76 -0.76 -36.05
C HIS E 377 -18.33 -0.83 -35.52
N LEU E 378 -18.12 -0.35 -34.29
CA LEU E 378 -16.77 -0.34 -33.72
C LEU E 378 -16.41 -1.68 -33.09
N ILE E 379 -17.40 -2.48 -32.69
CA ILE E 379 -17.12 -3.83 -32.22
C ILE E 379 -16.67 -4.71 -33.37
N ASP E 380 -17.18 -4.46 -34.58
CA ASP E 380 -16.65 -5.14 -35.76
C ASP E 380 -15.28 -4.61 -36.14
N GLN E 381 -15.02 -3.32 -35.89
CA GLN E 381 -13.69 -2.76 -36.09
C GLN E 381 -12.69 -3.28 -35.07
N TYR E 382 -13.16 -3.65 -33.87
CA TYR E 382 -12.32 -4.35 -32.91
C TYR E 382 -11.96 -5.74 -33.41
N ASP E 383 -12.97 -6.58 -33.65
CA ASP E 383 -12.79 -7.94 -34.15
C ASP E 383 -14.02 -8.27 -34.99
N PRO E 384 -13.86 -8.78 -36.22
CA PRO E 384 -15.03 -8.90 -37.11
C PRO E 384 -15.88 -10.14 -36.88
N LEU E 385 -15.64 -10.91 -35.81
CA LEU E 385 -16.46 -12.09 -35.56
C LEU E 385 -17.79 -11.73 -34.91
N TYR E 386 -17.76 -10.78 -33.98
CA TYR E 386 -18.90 -10.57 -33.09
C TYR E 386 -20.10 -9.99 -33.82
N SER E 387 -19.91 -9.51 -35.06
CA SER E 387 -21.02 -9.03 -35.86
C SER E 387 -21.70 -10.14 -36.64
N LYS E 388 -20.93 -11.10 -37.16
CA LYS E 388 -21.51 -12.17 -37.97
C LYS E 388 -22.30 -13.16 -37.12
N ARG E 389 -21.97 -13.30 -35.84
CA ARG E 389 -22.81 -14.09 -34.95
C ARG E 389 -24.05 -13.34 -34.50
N PHE E 390 -23.98 -12.01 -34.43
CA PHE E 390 -25.15 -11.16 -34.22
C PHE E 390 -25.90 -10.86 -35.50
N ALA E 391 -25.39 -11.30 -36.65
CA ALA E 391 -26.04 -11.09 -37.93
C ALA E 391 -27.14 -12.09 -38.24
N VAL E 392 -27.54 -12.92 -37.26
CA VAL E 392 -28.56 -13.96 -37.49
C VAL E 392 -29.82 -13.72 -36.67
N PHE E 393 -29.71 -13.07 -35.51
CA PHE E 393 -30.86 -12.87 -34.63
C PHE E 393 -31.89 -11.89 -35.17
N LEU E 394 -31.58 -11.20 -36.26
CA LEU E 394 -32.48 -10.23 -36.87
C LEU E 394 -33.26 -10.80 -38.05
N SER E 395 -32.92 -12.01 -38.50
CA SER E 395 -33.52 -12.61 -39.67
C SER E 395 -34.73 -13.42 -39.24
N GLU E 396 -35.89 -13.10 -39.80
CA GLU E 396 -37.12 -13.76 -39.36
C GLU E 396 -37.15 -15.23 -39.78
N VAL E 397 -36.48 -15.57 -40.88
CA VAL E 397 -36.31 -16.99 -41.21
C VAL E 397 -35.55 -17.70 -40.10
N SER E 398 -34.46 -17.09 -39.62
CA SER E 398 -33.74 -17.65 -38.49
C SER E 398 -34.62 -17.68 -37.25
N GLU E 399 -35.41 -16.62 -37.04
CA GLU E 399 -36.39 -16.63 -35.97
C GLU E 399 -37.41 -17.74 -36.18
N ASN E 400 -37.83 -17.97 -37.43
CA ASN E 400 -38.75 -19.05 -37.72
C ASN E 400 -38.10 -20.41 -37.47
N LYS E 401 -36.89 -20.61 -37.97
CA LYS E 401 -36.18 -21.87 -37.72
C LYS E 401 -35.91 -22.06 -36.23
N LEU E 402 -35.73 -20.96 -35.49
CA LEU E 402 -35.60 -21.05 -34.05
C LEU E 402 -36.95 -21.36 -33.40
N ARG E 403 -38.04 -20.90 -34.02
CA ARG E 403 -39.37 -21.13 -33.46
C ARG E 403 -39.77 -22.60 -33.56
N GLN E 404 -39.22 -23.31 -34.53
CA GLN E 404 -39.55 -24.73 -34.74
C GLN E 404 -39.22 -25.58 -33.51
N PRO F 15 -22.65 -0.17 -1.23
CA PRO F 15 -23.41 -1.26 -1.83
C PRO F 15 -24.19 -0.81 -3.07
N ALA F 16 -25.29 -1.48 -3.39
CA ALA F 16 -26.10 -1.13 -4.56
C ALA F 16 -26.89 0.15 -4.26
N TYR F 17 -26.17 1.27 -4.36
CA TYR F 17 -26.75 2.60 -4.25
C TYR F 17 -26.37 3.52 -5.41
N ARG F 18 -25.72 2.96 -6.44
CA ARG F 18 -25.29 3.77 -7.57
C ARG F 18 -26.48 4.40 -8.30
N ILE F 19 -27.52 3.61 -8.54
CA ILE F 19 -28.73 4.14 -9.16
C ILE F 19 -29.37 5.21 -8.31
N LEU F 20 -29.19 5.14 -6.98
CA LEU F 20 -29.86 6.06 -6.07
C LEU F 20 -29.28 7.47 -6.11
N LYS F 21 -28.21 7.70 -6.88
CA LYS F 21 -27.53 8.99 -6.92
C LYS F 21 -27.76 9.64 -8.29
N PRO F 22 -28.48 10.76 -8.38
CA PRO F 22 -28.72 11.38 -9.69
C PRO F 22 -27.44 11.84 -10.36
N TRP F 23 -27.62 12.36 -11.58
CA TRP F 23 -26.48 12.76 -12.40
C TRP F 23 -25.69 13.88 -11.75
N TRP F 24 -26.37 14.80 -11.08
CA TRP F 24 -25.68 15.97 -10.53
C TRP F 24 -24.85 15.62 -9.31
N ASP F 25 -25.28 14.62 -8.53
CA ASP F 25 -24.50 14.17 -7.39
C ASP F 25 -23.42 13.17 -7.79
N VAL F 26 -23.21 12.96 -9.10
CA VAL F 26 -22.08 12.16 -9.56
C VAL F 26 -20.90 13.07 -9.88
N PHE F 27 -21.17 14.18 -10.59
CA PHE F 27 -20.16 15.22 -10.78
C PHE F 27 -19.57 15.67 -9.44
N THR F 28 -20.42 15.77 -8.42
CA THR F 28 -20.01 16.38 -7.16
C THR F 28 -19.03 15.50 -6.40
N ASP F 29 -19.15 14.18 -6.53
CA ASP F 29 -18.28 13.30 -5.76
C ASP F 29 -16.84 13.39 -6.24
N TYR F 30 -16.63 13.65 -7.53
CA TYR F 30 -15.29 13.85 -8.05
C TYR F 30 -14.75 15.22 -7.66
N ILE F 31 -15.59 16.25 -7.75
CA ILE F 31 -15.17 17.60 -7.39
C ILE F 31 -14.76 17.65 -5.92
N SER F 32 -15.45 16.89 -5.07
CA SER F 32 -15.14 16.93 -3.65
C SER F 32 -13.90 16.09 -3.32
N ILE F 33 -13.28 15.48 -4.33
CA ILE F 33 -11.98 14.85 -4.14
C ILE F 33 -10.86 15.81 -4.54
N VAL F 34 -10.92 16.34 -5.76
CA VAL F 34 -9.89 17.27 -6.22
C VAL F 34 -9.84 18.52 -5.35
N MET F 35 -10.96 18.89 -4.71
CA MET F 35 -10.91 19.91 -3.67
C MET F 35 -10.02 19.48 -2.52
N LEU F 36 -10.00 18.17 -2.23
CA LEU F 36 -9.18 17.66 -1.14
C LEU F 36 -7.73 17.47 -1.58
N MET F 37 -7.51 17.12 -2.85
CA MET F 37 -6.15 16.90 -3.34
C MET F 37 -5.32 18.17 -3.24
N ILE F 38 -5.93 19.34 -3.46
CA ILE F 38 -5.22 20.60 -3.31
C ILE F 38 -5.26 21.13 -1.89
N ALA F 39 -5.70 20.32 -0.92
CA ALA F 39 -5.62 20.65 0.48
C ALA F 39 -4.54 19.86 1.20
N VAL F 40 -4.26 18.64 0.73
CA VAL F 40 -3.14 17.87 1.24
C VAL F 40 -1.86 18.23 0.51
N PHE F 41 -1.93 18.60 -0.76
CA PHE F 41 -0.75 19.05 -1.48
C PHE F 41 -0.33 20.44 -1.02
N GLY F 42 -1.29 21.33 -0.79
CA GLY F 42 -0.98 22.62 -0.23
C GLY F 42 -0.59 22.54 1.24
N GLY F 43 -0.94 21.43 1.90
CA GLY F 43 -0.66 21.30 3.33
C GLY F 43 0.71 20.73 3.60
N THR F 44 1.08 19.66 2.88
CA THR F 44 2.42 19.12 2.99
C THR F 44 3.47 20.14 2.56
N LEU F 45 3.10 21.01 1.63
CA LEU F 45 3.97 22.07 1.14
C LEU F 45 4.01 23.28 2.06
N GLN F 46 3.18 23.32 3.11
CA GLN F 46 3.11 24.45 4.01
C GLN F 46 3.74 24.16 5.37
N VAL F 47 3.87 22.88 5.73
CA VAL F 47 4.55 22.50 6.97
C VAL F 47 6.01 22.17 6.70
N THR F 48 6.30 21.52 5.57
CA THR F 48 7.67 21.25 5.17
C THR F 48 8.43 22.56 4.95
N GLN F 49 7.73 23.59 4.48
CA GLN F 49 8.33 24.84 4.05
C GLN F 49 7.27 25.90 4.34
N ASP F 50 7.27 27.02 3.59
CA ASP F 50 6.51 28.23 3.94
C ASP F 50 7.20 28.99 5.06
N LYS F 51 8.53 28.98 5.03
CA LYS F 51 9.32 29.90 5.79
C LYS F 51 9.14 31.31 5.25
N MET F 52 9.58 32.29 6.04
CA MET F 52 9.67 33.67 5.61
C MET F 52 11.12 34.12 5.68
N ILE F 53 11.51 34.92 4.69
CA ILE F 53 12.78 35.63 4.70
C ILE F 53 12.49 37.05 5.16
N CYS F 54 13.42 37.63 5.91
CA CYS F 54 13.23 38.96 6.47
C CYS F 54 14.56 39.66 6.61
N LEU F 55 14.63 40.88 6.07
CA LEU F 55 15.78 41.74 6.16
C LEU F 55 15.39 43.03 6.87
N PRO F 56 16.26 43.65 7.66
CA PRO F 56 15.93 44.95 8.23
C PRO F 56 16.10 46.05 7.20
N CYS F 57 15.46 47.18 7.49
CA CYS F 57 15.56 48.39 6.67
C CYS F 57 16.25 49.47 7.49
N LYS F 58 17.51 49.76 7.14
CA LYS F 58 18.28 50.76 7.85
C LYS F 58 17.63 52.14 7.78
N TRP F 59 17.17 52.52 6.60
CA TRP F 59 16.49 53.80 6.40
C TRP F 59 14.99 53.52 6.26
N VAL F 60 14.19 54.27 7.02
CA VAL F 60 12.76 54.05 7.12
C VAL F 60 12.07 55.39 7.33
N THR F 61 10.85 55.50 6.79
CA THR F 61 10.02 56.70 6.96
C THR F 61 8.60 56.23 7.23
N LYS F 62 8.17 56.32 8.49
CA LYS F 62 6.82 55.95 8.90
C LYS F 62 6.53 54.48 8.59
N ASP F 63 7.36 53.62 9.17
CA ASP F 63 7.19 52.16 9.06
C ASP F 63 7.13 51.71 7.60
N SER F 64 7.98 52.33 6.77
CA SER F 64 8.03 52.01 5.35
C SER F 64 9.46 52.16 4.86
N CYS F 65 9.98 51.12 4.22
CA CYS F 65 11.34 51.13 3.70
C CYS F 65 11.39 52.06 2.50
N ASN F 66 11.76 53.32 2.74
CA ASN F 66 11.61 54.36 1.73
C ASN F 66 12.48 54.11 0.50
N ASP F 67 13.80 54.23 0.64
CA ASP F 67 14.74 53.99 -0.45
C ASP F 67 16.14 54.29 0.08
N SER F 68 17.15 53.89 -0.71
CA SER F 68 18.54 54.24 -0.46
C SER F 68 19.42 53.74 -1.59
N THR F 92 34.14 52.92 -6.22
CA THR F 92 33.30 53.26 -7.36
C THR F 92 32.15 52.26 -7.49
N GLY F 93 32.49 51.00 -7.77
CA GLY F 93 31.52 49.95 -7.89
C GLY F 93 30.79 49.73 -6.57
N PRO F 94 29.53 49.30 -6.62
CA PRO F 94 28.77 49.18 -5.38
C PRO F 94 29.25 48.02 -4.54
N THR F 95 28.82 48.02 -3.28
CA THR F 95 29.20 47.00 -2.31
C THR F 95 28.00 46.65 -1.45
N GLY F 96 28.09 45.49 -0.81
CA GLY F 96 26.99 45.04 0.02
C GLY F 96 26.80 45.90 1.25
N ILE F 97 25.62 45.75 1.85
CA ILE F 97 25.27 46.39 3.11
C ILE F 97 25.46 45.36 4.21
N LYS F 98 26.07 45.80 5.31
CA LYS F 98 26.37 44.94 6.45
C LYS F 98 25.49 45.35 7.62
N TYR F 99 24.57 44.47 8.00
CA TYR F 99 23.72 44.68 9.16
C TYR F 99 24.31 44.15 10.45
N ASP F 100 25.40 43.38 10.37
CA ASP F 100 26.07 42.82 11.54
C ASP F 100 25.11 41.95 12.35
N LEU F 101 24.47 41.01 11.65
CA LEU F 101 23.55 40.05 12.24
C LEU F 101 24.01 38.64 11.92
N ASP F 102 23.89 37.76 12.90
CA ASP F 102 24.17 36.35 12.69
C ASP F 102 22.96 35.65 12.07
N ARG F 103 23.02 34.32 12.03
CA ARG F 103 21.96 33.56 11.40
C ARG F 103 20.78 33.38 12.33
N HIS F 104 21.03 33.31 13.64
CA HIS F 104 19.95 33.05 14.58
C HIS F 104 19.09 34.30 14.80
N GLN F 105 19.64 35.49 14.58
CA GLN F 105 18.82 36.68 14.68
C GLN F 105 17.93 36.81 13.46
N TYR F 106 18.42 36.36 12.30
CA TYR F 106 17.57 36.30 11.11
C TYR F 106 16.52 35.22 11.26
N ASN F 107 16.85 34.12 11.95
CA ASN F 107 15.90 33.03 12.10
C ASN F 107 14.90 33.31 13.21
N TYR F 108 15.26 34.20 14.14
CA TYR F 108 14.32 34.59 15.18
C TYR F 108 13.27 35.56 14.64
N VAL F 109 13.71 36.52 13.82
CA VAL F 109 12.80 37.55 13.33
C VAL F 109 11.87 36.98 12.28
N ASP F 110 12.28 35.90 11.59
CA ASP F 110 11.36 35.24 10.67
C ASP F 110 10.16 34.66 11.40
N ALA F 111 10.39 34.00 12.53
CA ALA F 111 9.30 33.40 13.28
C ALA F 111 8.34 34.47 13.78
N VAL F 112 8.89 35.57 14.31
CA VAL F 112 8.06 36.66 14.79
C VAL F 112 7.23 37.24 13.65
N CYS F 113 7.88 37.59 12.55
CA CYS F 113 7.16 38.22 11.45
C CYS F 113 6.36 37.20 10.62
N TYR F 114 6.45 35.91 10.97
CA TYR F 114 5.58 34.91 10.38
C TYR F 114 4.41 34.57 11.29
N GLU F 115 4.58 34.81 12.59
CA GLU F 115 3.51 34.54 13.55
C GLU F 115 2.58 35.73 13.70
N ASN F 116 3.15 36.93 13.77
CA ASN F 116 2.38 38.13 14.10
C ASN F 116 1.90 38.88 12.86
N ARG F 117 2.81 39.34 12.03
CA ARG F 117 2.46 40.13 10.85
C ARG F 117 2.29 39.28 9.61
N LEU F 118 1.48 38.23 9.68
CA LEU F 118 1.05 37.47 8.51
C LEU F 118 -0.35 36.95 8.77
N HIS F 119 -1.23 37.10 7.79
CA HIS F 119 -2.64 36.78 8.00
C HIS F 119 -2.81 35.28 8.19
N TRP F 120 -3.71 34.93 9.10
CA TRP F 120 -3.97 33.51 9.40
C TRP F 120 -4.46 32.75 8.18
N PHE F 121 -5.06 33.45 7.22
CA PHE F 121 -5.61 32.78 6.04
C PHE F 121 -4.49 32.24 5.16
N ALA F 122 -3.35 32.93 5.11
CA ALA F 122 -2.26 32.49 4.26
C ALA F 122 -1.59 31.24 4.84
N LYS F 123 -1.59 31.11 6.16
CA LYS F 123 -0.88 30.02 6.82
C LYS F 123 -1.76 28.78 6.94
N TYR F 124 -3.07 28.96 7.00
CA TYR F 124 -4.01 27.90 7.33
C TYR F 124 -4.95 27.55 6.19
N PHE F 125 -4.80 28.20 5.03
CA PHE F 125 -5.58 27.86 3.84
C PHE F 125 -5.62 26.37 3.53
N PRO F 126 -4.51 25.63 3.55
CA PRO F 126 -4.61 24.19 3.22
C PRO F 126 -5.34 23.39 4.26
N TYR F 127 -5.24 23.77 5.54
CA TYR F 127 -5.97 23.05 6.59
C TYR F 127 -7.44 23.43 6.57
N LEU F 128 -7.78 24.57 5.98
CA LEU F 128 -9.15 25.08 6.06
C LEU F 128 -10.02 24.48 4.97
N VAL F 129 -9.48 24.37 3.75
CA VAL F 129 -10.26 23.75 2.67
C VAL F 129 -10.45 22.26 2.94
N LEU F 130 -9.52 21.65 3.68
CA LEU F 130 -9.71 20.26 4.08
C LEU F 130 -10.89 20.12 5.03
N LEU F 131 -10.93 20.98 6.05
CA LEU F 131 -12.04 20.95 7.01
C LEU F 131 -13.38 21.16 6.31
N HIS F 132 -13.42 22.03 5.30
CA HIS F 132 -14.67 22.33 4.64
C HIS F 132 -15.06 21.23 3.66
N THR F 133 -14.11 20.72 2.88
CA THR F 133 -14.44 19.70 1.90
C THR F 133 -14.84 18.39 2.58
N LEU F 134 -14.34 18.17 3.80
CA LEU F 134 -14.75 16.99 4.56
C LEU F 134 -16.21 17.13 5.00
N ILE F 135 -16.66 18.36 5.25
CA ILE F 135 -18.06 18.60 5.59
C ILE F 135 -18.93 18.44 4.35
N PHE F 136 -18.60 19.15 3.28
CA PHE F 136 -19.25 19.00 1.98
C PHE F 136 -19.33 17.55 1.54
N LEU F 137 -18.30 16.76 1.87
CA LEU F 137 -18.28 15.35 1.53
C LEU F 137 -19.09 14.51 2.51
N ALA F 138 -18.83 14.67 3.81
CA ALA F 138 -19.45 13.79 4.79
C ALA F 138 -20.94 14.04 4.92
N CYS F 139 -21.39 15.26 4.68
CA CYS F 139 -22.82 15.55 4.72
C CYS F 139 -23.57 14.73 3.68
N SER F 140 -22.96 14.51 2.52
CA SER F 140 -23.60 13.71 1.48
C SER F 140 -23.88 12.29 1.96
N ASN F 141 -22.93 11.70 2.68
CA ASN F 141 -23.01 10.31 3.08
C ASN F 141 -23.59 10.10 4.47
N PHE F 142 -23.82 11.17 5.24
CA PHE F 142 -24.45 11.03 6.55
C PHE F 142 -25.88 10.50 6.42
N TRP F 143 -26.54 10.81 5.29
CA TRP F 143 -27.88 10.30 5.01
C TRP F 143 -27.89 8.78 4.80
N PHE F 144 -26.72 8.16 4.58
CA PHE F 144 -26.61 6.72 4.44
C PHE F 144 -26.20 6.00 5.72
N LYS F 145 -25.83 6.73 6.77
CA LYS F 145 -25.31 6.12 7.99
C LYS F 145 -26.29 6.16 9.16
N PHE F 146 -27.17 7.16 9.21
CA PHE F 146 -28.09 7.29 10.31
C PHE F 146 -29.12 6.15 10.23
N PRO F 147 -29.19 5.25 11.22
CA PRO F 147 -29.94 4.01 11.02
C PRO F 147 -31.43 4.21 10.83
N ARG F 148 -32.00 5.32 11.30
CA ARG F 148 -33.41 5.58 11.09
C ARG F 148 -33.74 5.71 9.61
N THR F 149 -32.75 6.13 8.80
CA THR F 149 -32.94 6.36 7.38
C THR F 149 -32.19 5.38 6.49
N SER F 150 -31.05 4.86 6.94
CA SER F 150 -30.35 3.85 6.15
C SER F 150 -31.20 2.60 5.98
N SER F 151 -31.97 2.25 7.00
CA SER F 151 -32.83 1.07 6.93
C SER F 151 -33.86 1.21 5.82
N LYS F 152 -34.49 2.38 5.71
CA LYS F 152 -35.52 2.59 4.69
C LYS F 152 -34.93 2.48 3.29
N LEU F 153 -33.76 3.11 3.08
CA LEU F 153 -33.07 2.96 1.80
C LEU F 153 -32.63 1.52 1.57
N GLU F 154 -32.37 0.78 2.65
CA GLU F 154 -31.69 -0.51 2.52
C GLU F 154 -32.59 -1.53 1.82
N HIS F 155 -33.90 -1.50 2.11
CA HIS F 155 -34.82 -2.45 1.49
C HIS F 155 -35.62 -1.86 0.33
N PHE F 156 -35.72 -0.53 0.22
CA PHE F 156 -36.41 0.03 -0.94
C PHE F 156 -35.67 -0.31 -2.22
N VAL F 157 -34.36 -0.07 -2.28
CA VAL F 157 -33.59 -0.41 -3.47
C VAL F 157 -33.60 -1.91 -3.70
N SER F 158 -33.79 -2.69 -2.63
CA SER F 158 -33.82 -4.14 -2.76
C SER F 158 -35.01 -4.60 -3.59
N ILE F 159 -36.21 -4.09 -3.29
CA ILE F 159 -37.39 -4.57 -3.99
C ILE F 159 -37.44 -4.03 -5.42
N LEU F 160 -36.82 -2.87 -5.67
CA LEU F 160 -36.75 -2.38 -7.05
C LEU F 160 -35.75 -3.16 -7.88
N LEU F 161 -34.64 -3.58 -7.25
CA LEU F 161 -33.60 -4.28 -7.98
C LEU F 161 -34.10 -5.65 -8.44
N LYS F 162 -34.97 -6.28 -7.65
CA LYS F 162 -35.56 -7.55 -8.05
C LYS F 162 -36.67 -7.34 -9.08
N CYS F 163 -37.54 -6.35 -8.86
CA CYS F 163 -38.65 -6.11 -9.76
C CYS F 163 -38.18 -5.74 -11.16
N PHE F 164 -37.01 -5.11 -11.27
CA PHE F 164 -36.42 -4.87 -12.59
C PHE F 164 -36.24 -6.17 -13.35
N ASP F 165 -35.77 -7.21 -12.67
CA ASP F 165 -35.62 -8.54 -13.26
C ASP F 165 -36.86 -9.37 -12.88
N SER F 166 -37.88 -9.27 -13.73
CA SER F 166 -39.16 -9.92 -13.48
C SER F 166 -39.74 -10.37 -14.82
N PRO F 167 -39.91 -11.68 -15.07
CA PRO F 167 -40.54 -12.10 -16.33
C PRO F 167 -41.94 -11.56 -16.55
N TRP F 168 -42.74 -11.37 -15.48
CA TRP F 168 -44.10 -10.90 -15.67
C TRP F 168 -44.15 -9.47 -16.22
N THR F 169 -43.15 -8.66 -15.89
CA THR F 169 -43.11 -7.28 -16.39
C THR F 169 -43.02 -7.26 -17.92
N THR F 170 -42.42 -8.29 -18.51
CA THR F 170 -42.35 -8.39 -19.97
C THR F 170 -43.75 -8.42 -20.57
N ARG F 171 -44.61 -9.30 -20.06
CA ARG F 171 -45.96 -9.41 -20.61
C ARG F 171 -46.79 -8.16 -20.30
N ALA F 172 -46.70 -7.66 -19.07
CA ALA F 172 -47.49 -6.50 -18.68
C ALA F 172 -47.05 -5.25 -19.44
N LEU F 173 -45.73 -5.09 -19.65
CA LEU F 173 -45.25 -3.97 -20.45
C LEU F 173 -45.72 -4.06 -21.90
N SER F 174 -45.93 -5.28 -22.39
CA SER F 174 -46.40 -5.49 -23.75
C SER F 174 -47.92 -5.68 -23.78
N GLU F 236 -45.73 -21.32 -11.22
CA GLU F 236 -45.48 -21.12 -9.80
C GLU F 236 -45.60 -19.64 -9.43
N GLY F 237 -46.62 -18.99 -9.98
CA GLY F 237 -46.85 -17.57 -9.72
C GLY F 237 -47.13 -17.21 -8.28
N GLU F 238 -47.40 -18.19 -7.42
CA GLU F 238 -47.65 -17.89 -6.02
C GLU F 238 -46.43 -17.30 -5.34
N GLN F 239 -45.23 -17.67 -5.81
CA GLN F 239 -44.02 -16.99 -5.34
C GLN F 239 -44.05 -15.52 -5.73
N ALA F 240 -44.52 -15.22 -6.94
CA ALA F 240 -44.63 -13.83 -7.36
C ALA F 240 -45.78 -13.12 -6.64
N LYS F 241 -46.74 -13.88 -6.10
CA LYS F 241 -47.80 -13.27 -5.30
C LYS F 241 -47.24 -12.70 -4.00
N ALA F 242 -46.30 -13.42 -3.37
CA ALA F 242 -45.67 -12.92 -2.16
C ALA F 242 -44.97 -11.59 -2.41
N LEU F 243 -44.40 -11.42 -3.61
CA LEU F 243 -43.83 -10.13 -3.98
C LEU F 243 -44.89 -9.04 -3.98
N PHE F 244 -46.04 -9.31 -4.60
CA PHE F 244 -47.13 -8.34 -4.61
C PHE F 244 -47.58 -7.99 -3.19
N GLU F 245 -47.58 -8.97 -2.29
CA GLU F 245 -47.93 -8.69 -0.90
C GLU F 245 -46.77 -8.02 -0.16
N LYS F 246 -45.54 -8.36 -0.53
CA LYS F 246 -44.38 -7.67 0.03
C LYS F 246 -44.41 -6.18 -0.30
N VAL F 247 -44.55 -5.85 -1.59
CA VAL F 247 -44.51 -4.45 -1.99
C VAL F 247 -45.78 -3.72 -1.55
N LYS F 248 -46.89 -4.44 -1.38
CA LYS F 248 -48.06 -3.82 -0.78
C LYS F 248 -47.82 -3.54 0.69
N LYS F 249 -47.16 -4.46 1.40
CA LYS F 249 -46.78 -4.21 2.78
C LYS F 249 -45.73 -3.11 2.86
N PHE F 250 -44.70 -3.19 2.01
CA PHE F 250 -43.63 -2.20 2.07
C PHE F 250 -44.13 -0.82 1.63
N ARG F 251 -45.25 -0.77 0.89
CA ARG F 251 -45.87 0.52 0.62
C ARG F 251 -46.59 1.04 1.85
N THR F 252 -47.35 0.18 2.52
CA THR F 252 -48.05 0.59 3.74
C THR F 252 -47.12 0.70 4.94
N HIS F 253 -45.87 0.23 4.81
CA HIS F 253 -44.92 0.31 5.93
C HIS F 253 -44.21 1.66 5.95
N VAL F 254 -43.90 2.21 4.78
CA VAL F 254 -43.13 3.44 4.66
C VAL F 254 -44.02 4.65 4.39
N GLU F 255 -45.35 4.46 4.37
CA GLU F 255 -46.26 5.50 3.91
C GLU F 255 -46.56 6.56 4.98
N GLU F 256 -46.06 6.40 6.19
CA GLU F 256 -46.37 7.33 7.29
C GLU F 256 -45.26 8.37 7.39
N GLY F 257 -45.46 9.49 6.69
CA GLY F 257 -44.59 10.63 6.83
C GLY F 257 -43.37 10.59 5.94
N ASP F 258 -42.56 11.64 6.06
CA ASP F 258 -41.35 11.83 5.28
C ASP F 258 -40.16 11.99 6.22
N ILE F 259 -39.17 11.13 6.07
CA ILE F 259 -37.92 11.21 6.83
C ILE F 259 -36.71 11.31 5.91
N VAL F 260 -36.66 10.48 4.87
CA VAL F 260 -35.56 10.56 3.91
C VAL F 260 -35.74 11.79 3.03
N TYR F 261 -36.98 12.14 2.71
CA TYR F 261 -37.23 13.39 2.02
C TYR F 261 -36.98 14.59 2.94
N ARG F 262 -36.96 14.36 4.24
CA ARG F 262 -36.57 15.42 5.18
C ARG F 262 -35.06 15.57 5.22
N LEU F 263 -34.33 14.45 5.38
CA LEU F 263 -32.88 14.54 5.48
C LEU F 263 -32.26 14.98 4.16
N TYR F 264 -32.61 14.32 3.05
CA TYR F 264 -32.04 14.68 1.75
C TYR F 264 -32.40 16.11 1.37
N MET F 265 -33.46 16.66 1.95
CA MET F 265 -33.76 18.07 1.77
C MET F 265 -32.88 18.93 2.68
N ARG F 266 -32.49 18.40 3.84
CA ARG F 266 -31.57 19.14 4.70
C ARG F 266 -30.19 19.23 4.07
N GLN F 267 -29.75 18.17 3.40
CA GLN F 267 -28.39 18.12 2.87
C GLN F 267 -28.18 19.20 1.81
N THR F 268 -29.16 19.38 0.93
CA THR F 268 -29.09 20.43 -0.08
C THR F 268 -29.56 21.77 0.42
N ILE F 269 -30.03 21.86 1.67
CA ILE F 269 -30.24 23.14 2.32
C ILE F 269 -28.96 23.60 3.01
N ILE F 270 -28.15 22.67 3.51
CA ILE F 270 -26.92 23.00 4.22
C ILE F 270 -25.67 22.94 3.35
N LYS F 271 -25.72 22.27 2.19
CA LYS F 271 -24.64 22.32 1.22
C LYS F 271 -24.86 23.42 0.18
N VAL F 272 -25.75 24.36 0.45
CA VAL F 272 -25.84 25.61 -0.28
C VAL F 272 -25.47 26.79 0.60
N ILE F 273 -25.81 26.73 1.88
CA ILE F 273 -25.45 27.79 2.82
C ILE F 273 -23.94 27.84 3.00
N LYS F 274 -23.28 26.67 3.00
CA LYS F 274 -21.83 26.65 3.14
C LYS F 274 -21.15 27.33 1.96
N PHE F 275 -21.52 26.93 0.73
CA PHE F 275 -21.06 27.62 -0.47
C PHE F 275 -21.31 29.12 -0.37
N ALA F 276 -22.46 29.51 0.18
CA ALA F 276 -22.75 30.93 0.35
C ALA F 276 -21.93 31.52 1.49
N LEU F 277 -21.46 30.68 2.41
CA LEU F 277 -20.57 31.13 3.48
C LEU F 277 -19.11 31.14 3.03
N ILE F 278 -18.72 30.16 2.22
CA ILE F 278 -17.35 30.11 1.70
C ILE F 278 -17.01 31.39 0.96
N ILE F 279 -17.85 31.77 -0.01
CA ILE F 279 -17.58 32.95 -0.83
C ILE F 279 -17.58 34.22 0.01
N CYS F 280 -18.25 34.21 1.16
CA CYS F 280 -18.30 35.41 1.99
C CYS F 280 -16.93 35.74 2.56
N TYR F 281 -16.10 34.72 2.82
CA TYR F 281 -14.80 34.91 3.46
C TYR F 281 -13.62 34.59 2.55
N THR F 282 -13.74 33.62 1.65
CA THR F 282 -12.62 33.23 0.82
C THR F 282 -12.31 34.21 -0.30
N VAL F 283 -13.29 35.01 -0.72
CA VAL F 283 -13.05 36.10 -1.67
C VAL F 283 -12.61 37.37 -0.96
N TYR F 284 -12.99 37.54 0.30
CA TYR F 284 -12.66 38.74 1.08
C TYR F 284 -11.29 38.67 1.75
N TYR F 285 -10.62 37.50 1.73
CA TYR F 285 -9.34 37.32 2.40
C TYR F 285 -8.24 36.79 1.49
N VAL F 286 -8.48 36.63 0.18
CA VAL F 286 -7.42 36.14 -0.68
C VAL F 286 -6.39 37.22 -0.99
N HIS F 287 -6.80 38.49 -1.00
CA HIS F 287 -5.83 39.56 -1.19
C HIS F 287 -4.89 39.72 -0.01
N ASN F 288 -5.20 39.12 1.14
CA ASN F 288 -4.31 39.22 2.30
C ASN F 288 -2.98 38.51 2.03
N ILE F 289 -3.00 37.43 1.25
CA ILE F 289 -1.77 36.70 0.97
C ILE F 289 -1.06 37.44 -0.16
N LYS F 290 0.24 37.68 0.02
CA LYS F 290 1.03 38.38 -0.97
C LYS F 290 2.51 38.16 -0.67
N PHE F 291 3.31 38.20 -1.74
CA PHE F 291 4.75 37.97 -1.62
C PHE F 291 5.41 38.98 -0.70
N ASP F 292 5.39 40.25 -1.07
CA ASP F 292 6.06 41.30 -0.31
C ASP F 292 5.29 41.56 0.98
N VAL F 293 5.97 41.42 2.11
CA VAL F 293 5.40 41.69 3.42
C VAL F 293 6.36 42.62 4.16
N ASP F 294 5.79 43.63 4.81
CA ASP F 294 6.52 44.51 5.72
C ASP F 294 5.99 44.27 7.12
N CYS F 295 6.90 44.08 8.08
CA CYS F 295 6.56 43.83 9.47
C CYS F 295 7.30 44.80 10.37
N THR F 296 6.73 45.02 11.56
CA THR F 296 7.27 45.94 12.56
C THR F 296 6.77 45.46 13.91
N VAL F 297 7.69 44.93 14.73
CA VAL F 297 7.34 44.04 15.83
C VAL F 297 7.97 44.45 17.16
N ASP F 298 8.81 45.48 17.17
CA ASP F 298 9.33 46.07 18.40
C ASP F 298 10.16 45.06 19.20
N ILE F 299 11.25 44.61 18.58
CA ILE F 299 12.22 43.74 19.23
C ILE F 299 13.62 44.33 19.07
N GLU F 300 13.71 45.66 19.11
CA GLU F 300 15.01 46.35 19.04
C GLU F 300 16.01 45.82 20.05
N SER F 301 15.52 45.34 21.20
CA SER F 301 16.41 44.95 22.29
C SER F 301 17.29 43.76 21.90
N LEU F 302 16.87 42.98 20.91
CA LEU F 302 17.54 41.74 20.56
C LEU F 302 18.36 41.89 19.29
N THR F 303 17.75 42.44 18.24
CA THR F 303 18.43 42.58 16.96
C THR F 303 19.06 43.95 16.82
N GLY F 304 18.30 45.00 17.11
CA GLY F 304 18.75 46.38 16.97
C GLY F 304 17.96 47.20 15.99
N TYR F 305 17.01 46.61 15.27
CA TYR F 305 16.21 47.30 14.26
C TYR F 305 14.75 47.30 14.67
N ARG F 306 13.98 48.20 14.05
CA ARG F 306 12.56 48.32 14.30
C ARG F 306 11.74 47.56 13.26
N THR F 307 11.93 47.90 11.98
CA THR F 307 11.13 47.40 10.88
C THR F 307 11.95 46.45 10.03
N TYR F 308 11.29 45.44 9.49
CA TYR F 308 11.92 44.43 8.66
C TYR F 308 11.05 44.15 7.45
N ARG F 309 11.58 44.43 6.26
CA ARG F 309 10.97 43.96 5.03
C ARG F 309 11.14 42.46 4.95
N CYS F 310 10.12 41.76 4.45
CA CYS F 310 10.11 40.32 4.39
C CYS F 310 9.57 39.86 3.05
N ALA F 311 9.58 38.54 2.86
CA ALA F 311 9.12 37.91 1.64
C ALA F 311 8.52 36.54 1.97
N HIS F 312 7.42 36.22 1.31
CA HIS F 312 6.69 34.97 1.48
C HIS F 312 6.68 34.27 0.12
N PRO F 313 7.61 33.34 -0.14
CA PRO F 313 7.77 32.86 -1.53
C PRO F 313 6.60 32.05 -2.05
N LEU F 314 5.82 31.42 -1.18
CA LEU F 314 4.69 30.61 -1.60
C LEU F 314 3.40 31.40 -1.75
N ALA F 315 3.43 32.72 -1.54
CA ALA F 315 2.21 33.52 -1.66
C ALA F 315 1.64 33.44 -3.07
N THR F 316 2.50 33.30 -4.06
CA THR F 316 2.03 33.19 -5.44
C THR F 316 1.42 31.82 -5.71
N LEU F 317 1.96 30.77 -5.08
CA LEU F 317 1.44 29.43 -5.30
C LEU F 317 0.14 29.18 -4.55
N PHE F 318 -0.16 29.98 -3.53
CA PHE F 318 -1.43 29.86 -2.82
C PHE F 318 -2.54 30.67 -3.48
N LYS F 319 -2.20 31.78 -4.15
CA LYS F 319 -3.21 32.48 -4.93
C LYS F 319 -3.72 31.60 -6.05
N ILE F 320 -2.84 30.78 -6.63
CA ILE F 320 -3.24 29.90 -7.73
C ILE F 320 -4.19 28.82 -7.22
N LEU F 321 -3.82 28.15 -6.13
CA LEU F 321 -4.69 27.13 -5.57
C LEU F 321 -6.00 27.72 -5.08
N ALA F 322 -5.95 28.86 -4.40
CA ALA F 322 -7.17 29.50 -3.95
C ALA F 322 -8.04 29.92 -5.12
N SER F 323 -7.45 30.55 -6.13
CA SER F 323 -8.21 30.94 -7.30
C SER F 323 -8.66 29.71 -8.11
N PHE F 324 -7.95 28.59 -7.95
CA PHE F 324 -8.40 27.34 -8.55
C PHE F 324 -9.42 26.65 -7.67
N TYR F 325 -9.33 26.86 -6.35
CA TYR F 325 -10.27 26.24 -5.43
C TYR F 325 -11.67 26.83 -5.56
N ILE F 326 -11.79 28.16 -5.44
CA ILE F 326 -13.10 28.77 -5.43
C ILE F 326 -13.79 28.61 -6.78
N SER F 327 -13.03 28.53 -7.87
CA SER F 327 -13.60 28.15 -9.15
C SER F 327 -14.00 26.69 -9.17
N LEU F 328 -13.40 25.86 -8.31
CA LEU F 328 -13.82 24.49 -8.09
C LEU F 328 -14.90 24.37 -7.03
N VAL F 329 -15.51 25.49 -6.62
CA VAL F 329 -16.58 25.49 -5.64
C VAL F 329 -17.81 26.23 -6.13
N ILE F 330 -17.68 27.15 -7.08
CA ILE F 330 -18.86 27.75 -7.69
C ILE F 330 -19.46 26.79 -8.71
N PHE F 331 -18.61 26.06 -9.44
CA PHE F 331 -19.10 24.99 -10.30
C PHE F 331 -19.78 23.92 -9.46
N TYR F 332 -19.25 23.66 -8.27
CA TYR F 332 -19.95 22.86 -7.28
C TYR F 332 -21.26 23.53 -6.87
N GLY F 333 -21.20 24.82 -6.57
CA GLY F 333 -22.39 25.52 -6.13
C GLY F 333 -23.44 25.64 -7.20
N LEU F 334 -23.04 25.67 -8.47
CA LEU F 334 -24.01 25.68 -9.56
C LEU F 334 -24.75 24.36 -9.65
N ILE F 335 -24.11 23.27 -9.24
CA ILE F 335 -24.78 21.96 -9.23
C ILE F 335 -25.93 21.98 -8.23
N CYS F 336 -25.67 22.39 -7.00
CA CYS F 336 -26.69 22.30 -5.95
C CYS F 336 -27.78 23.34 -6.13
N MET F 337 -27.52 24.41 -6.89
CA MET F 337 -28.56 25.41 -7.11
C MET F 337 -29.67 24.87 -8.00
N TYR F 338 -29.31 24.21 -9.11
CA TYR F 338 -30.32 23.63 -9.98
C TYR F 338 -31.13 22.56 -9.27
N THR F 339 -30.53 21.89 -8.29
CA THR F 339 -31.23 20.87 -7.52
C THR F 339 -32.46 21.44 -6.84
N LEU F 340 -32.28 22.50 -6.04
CA LEU F 340 -33.42 23.10 -5.34
C LEU F 340 -34.40 23.73 -6.32
N TRP F 341 -33.92 24.23 -7.45
CA TRP F 341 -34.82 24.60 -8.53
C TRP F 341 -35.65 23.41 -8.98
N TRP F 342 -35.03 22.23 -8.99
CA TRP F 342 -35.68 20.99 -9.38
C TRP F 342 -36.39 20.29 -8.23
N MET F 343 -35.94 20.52 -7.00
CA MET F 343 -36.45 19.82 -5.83
C MET F 343 -37.66 20.48 -5.20
N LEU F 344 -38.07 21.65 -5.69
CA LEU F 344 -39.25 22.37 -5.21
C LEU F 344 -40.26 22.64 -6.32
N ARG F 345 -39.79 22.85 -7.54
CA ARG F 345 -40.70 23.06 -8.66
C ARG F 345 -41.57 21.84 -8.90
N ARG F 346 -41.02 20.64 -8.70
CA ARG F 346 -41.77 19.43 -9.00
C ARG F 346 -42.83 19.16 -7.93
N SER F 347 -42.54 19.52 -6.68
CA SER F 347 -43.46 19.27 -5.56
C SER F 347 -43.80 17.79 -5.47
N LEU F 348 -42.76 16.97 -5.27
CA LEU F 348 -42.89 15.51 -5.39
C LEU F 348 -43.23 14.89 -4.03
N LYS F 349 -44.29 15.43 -3.41
CA LYS F 349 -44.81 14.80 -2.21
C LYS F 349 -45.46 13.46 -2.52
N LYS F 350 -45.96 13.30 -3.74
CA LYS F 350 -46.45 12.03 -4.25
C LYS F 350 -45.91 11.81 -5.65
N TYR F 351 -46.26 10.65 -6.22
CA TYR F 351 -45.87 10.29 -7.58
C TYR F 351 -46.99 10.60 -8.56
N SER F 352 -46.64 10.61 -9.84
CA SER F 352 -47.58 10.80 -10.94
C SER F 352 -47.41 9.67 -11.93
N PHE F 353 -48.23 8.63 -11.82
CA PHE F 353 -48.23 7.51 -12.74
C PHE F 353 -49.11 7.76 -13.96
N GLU F 354 -49.52 9.00 -14.20
CA GLU F 354 -50.50 9.27 -15.25
C GLU F 354 -49.91 9.09 -16.64
N SER F 355 -48.58 9.12 -16.77
CA SER F 355 -47.97 9.03 -18.09
C SER F 355 -47.86 7.58 -18.57
N ILE F 356 -47.90 6.61 -17.64
CA ILE F 356 -47.84 5.20 -17.98
C ILE F 356 -49.21 4.53 -17.95
N ARG F 357 -50.19 5.11 -17.24
CA ARG F 357 -51.49 4.46 -17.13
C ARG F 357 -52.18 4.35 -18.50
N GLU F 358 -51.81 5.21 -19.44
CA GLU F 358 -52.26 5.05 -20.82
C GLU F 358 -51.54 3.88 -21.49
N GLU F 359 -50.26 3.67 -21.16
CA GLU F 359 -49.49 2.62 -21.81
C GLU F 359 -49.93 1.24 -21.34
N SER F 360 -50.08 1.06 -20.03
CA SER F 360 -50.56 -0.21 -19.50
C SER F 360 -52.06 -0.36 -19.75
N SER F 361 -52.81 0.73 -19.65
CA SER F 361 -54.26 0.71 -19.82
C SER F 361 -54.91 -0.24 -18.82
N TYR F 362 -54.52 -0.12 -17.56
CA TYR F 362 -55.07 -0.90 -16.46
C TYR F 362 -55.87 -0.05 -15.47
N SER F 363 -55.29 1.07 -15.03
CA SER F 363 -55.93 2.04 -14.14
C SER F 363 -56.20 1.50 -12.74
N ASP F 364 -55.67 0.32 -12.40
CA ASP F 364 -55.81 -0.24 -11.07
C ASP F 364 -54.62 0.09 -10.18
N ILE F 365 -53.78 1.04 -10.57
CA ILE F 365 -52.55 1.39 -9.89
C ILE F 365 -52.68 2.82 -9.39
N PRO F 366 -52.85 3.07 -8.08
CA PRO F 366 -52.99 4.43 -7.60
C PRO F 366 -51.67 5.07 -7.22
N ASP F 367 -51.69 6.40 -7.10
CA ASP F 367 -50.50 7.14 -6.70
C ASP F 367 -50.11 6.78 -5.27
N VAL F 368 -48.80 6.64 -5.06
CA VAL F 368 -48.28 6.34 -3.73
C VAL F 368 -48.20 7.65 -2.94
N LYS F 369 -48.53 7.57 -1.65
CA LYS F 369 -48.89 8.79 -0.93
C LYS F 369 -47.68 9.66 -0.61
N ASN F 370 -46.75 9.15 0.20
CA ASN F 370 -45.62 9.96 0.63
C ASN F 370 -44.44 9.09 0.99
N ASP F 371 -43.27 9.51 0.54
CA ASP F 371 -41.97 8.90 0.85
C ASP F 371 -41.73 7.59 0.11
N PHE F 372 -42.72 7.10 -0.63
CA PHE F 372 -42.51 6.01 -1.58
C PHE F 372 -42.36 6.55 -2.99
N ALA F 373 -42.94 7.73 -3.24
CA ALA F 373 -42.75 8.40 -4.52
C ALA F 373 -41.34 8.94 -4.66
N PHE F 374 -40.89 9.71 -3.66
CA PHE F 374 -39.61 10.41 -3.77
C PHE F 374 -38.45 9.45 -3.94
N MET F 375 -38.44 8.35 -3.18
CA MET F 375 -37.43 7.32 -3.38
C MET F 375 -37.51 6.76 -4.80
N LEU F 376 -38.72 6.70 -5.36
CA LEU F 376 -38.91 6.25 -6.73
C LEU F 376 -38.70 7.39 -7.73
N HIS F 377 -38.91 8.63 -7.30
CA HIS F 377 -38.89 9.76 -8.25
C HIS F 377 -37.49 10.00 -8.79
N LEU F 378 -36.46 9.82 -7.96
CA LEU F 378 -35.10 10.08 -8.39
C LEU F 378 -34.49 8.89 -9.13
N ILE F 379 -35.01 7.67 -8.90
CA ILE F 379 -34.57 6.53 -9.69
C ILE F 379 -35.10 6.64 -11.12
N ASP F 380 -36.27 7.24 -11.30
CA ASP F 380 -36.74 7.55 -12.65
C ASP F 380 -35.96 8.71 -13.26
N GLN F 381 -35.51 9.65 -12.43
CA GLN F 381 -34.63 10.72 -12.90
C GLN F 381 -33.24 10.20 -13.26
N TYR F 382 -32.80 9.11 -12.62
CA TYR F 382 -31.58 8.44 -13.04
C TYR F 382 -31.76 7.79 -14.40
N ASP F 383 -32.72 6.87 -14.51
CA ASP F 383 -33.03 6.17 -15.75
C ASP F 383 -34.52 5.85 -15.74
N PRO F 384 -35.27 6.17 -16.79
CA PRO F 384 -36.74 6.06 -16.69
C PRO F 384 -37.30 4.67 -16.92
N LEU F 385 -36.45 3.63 -16.99
CA LEU F 385 -36.97 2.28 -17.18
C LEU F 385 -37.46 1.68 -15.87
N TYR F 386 -36.74 1.93 -14.78
CA TYR F 386 -36.96 1.17 -13.55
C TYR F 386 -38.30 1.49 -12.90
N SER F 387 -38.96 2.57 -13.34
CA SER F 387 -40.28 2.90 -12.82
C SER F 387 -41.38 2.18 -13.59
N LYS F 388 -41.24 2.04 -14.91
CA LYS F 388 -42.28 1.41 -15.70
C LYS F 388 -42.36 -0.09 -15.48
N ARG F 389 -41.26 -0.73 -15.08
CA ARG F 389 -41.33 -2.13 -14.66
C ARG F 389 -41.87 -2.28 -13.26
N PHE F 390 -41.69 -1.28 -12.40
CA PHE F 390 -42.32 -1.23 -11.09
C PHE F 390 -43.73 -0.64 -11.15
N ALA F 391 -44.17 -0.19 -12.32
CA ALA F 391 -45.50 0.38 -12.50
C ALA F 391 -46.59 -0.66 -12.70
N VAL F 392 -46.28 -1.96 -12.51
CA VAL F 392 -47.24 -3.04 -12.73
C VAL F 392 -47.59 -3.79 -11.46
N PHE F 393 -46.67 -3.86 -10.50
CA PHE F 393 -46.90 -4.63 -9.27
C PHE F 393 -47.95 -4.03 -8.36
N LEU F 394 -48.42 -2.81 -8.64
CA LEU F 394 -49.41 -2.13 -7.82
C LEU F 394 -50.82 -2.26 -8.39
N SER F 395 -50.97 -2.80 -9.59
CA SER F 395 -52.25 -2.91 -10.28
C SER F 395 -52.90 -4.23 -9.90
N GLU F 396 -54.12 -4.17 -9.35
CA GLU F 396 -54.75 -5.39 -8.88
C GLU F 396 -55.16 -6.29 -10.03
N VAL F 397 -55.44 -5.71 -11.20
CA VAL F 397 -55.65 -6.55 -12.39
C VAL F 397 -54.40 -7.35 -12.69
N SER F 398 -53.23 -6.69 -12.65
CA SER F 398 -51.96 -7.41 -12.81
C SER F 398 -51.77 -8.42 -11.70
N GLU F 399 -52.13 -8.05 -10.47
CA GLU F 399 -52.12 -9.01 -9.37
C GLU F 399 -53.09 -10.15 -9.65
N ASN F 400 -54.26 -9.84 -10.22
CA ASN F 400 -55.22 -10.89 -10.57
C ASN F 400 -54.67 -11.78 -11.67
N LYS F 401 -54.13 -11.18 -12.74
CA LYS F 401 -53.54 -11.98 -13.81
C LYS F 401 -52.35 -12.78 -13.31
N LEU F 402 -51.63 -12.26 -12.31
CA LEU F 402 -50.56 -13.03 -11.68
C LEU F 402 -51.12 -14.14 -10.81
N ARG F 403 -52.30 -13.91 -10.22
CA ARG F 403 -52.92 -14.91 -9.35
C ARG F 403 -53.38 -16.13 -10.14
N GLN F 404 -53.69 -15.95 -11.42
CA GLN F 404 -54.18 -17.04 -12.26
C GLN F 404 -53.16 -18.18 -12.35
#